data_8H7E
# 
_entry.id   8H7E 
# 
_audit_conform.dict_name       mmcif_pdbx.dic 
_audit_conform.dict_version    5.379 
_audit_conform.dict_location   http://mmcif.pdb.org/dictionaries/ascii/mmcif_pdbx.dic 
# 
loop_
_database_2.database_id 
_database_2.database_code 
_database_2.pdbx_database_accession 
_database_2.pdbx_DOI 
PDB   8H7E         pdb_00008h7e 10.2210/pdb8h7e/pdb 
WWPDB D_1300032794 ?            ?                   
# 
loop_
_pdbx_database_related.db_name 
_pdbx_database_related.details 
_pdbx_database_related.db_id 
_pdbx_database_related.content_type 
PDB 'The same protein, Pt derivative'   8H7C unspecified 
PDB 'The same protein, another crystal' 8H7D unspecified 
# 
_pdbx_database_status.status_code                     REL 
_pdbx_database_status.status_code_sf                  REL 
_pdbx_database_status.status_code_mr                  ? 
_pdbx_database_status.entry_id                        8H7E 
_pdbx_database_status.recvd_initial_deposition_date   2022-10-19 
_pdbx_database_status.SG_entry                        N 
_pdbx_database_status.deposit_site                    PDBJ 
_pdbx_database_status.process_site                    PDBJ 
_pdbx_database_status.status_code_cs                  ? 
_pdbx_database_status.status_code_nmr_data            ? 
_pdbx_database_status.methods_development_category    ? 
_pdbx_database_status.pdb_format_compatible           Y 
# 
loop_
_audit_author.name 
_audit_author.pdbx_ordinal 
_audit_author.identifier_ORCID 
'Kurihara, K.'   1 ?                   
'Umezawa, K.'    2 0000-0001-9361-0825 
'Donnelly, A.E.' 3 0000-0002-6296-5401 
'Hecht, M.H.'    4 0000-0002-5538-9813 
'Arai, R.'       5 0000-0001-5606-8483 
# 
loop_
_citation.abstract 
_citation.abstract_id_CAS 
_citation.book_id_ISBN 
_citation.book_publisher 
_citation.book_publisher_city 
_citation.book_title 
_citation.coordinate_linkage 
_citation.country 
_citation.database_id_Medline 
_citation.details 
_citation.id 
_citation.journal_abbrev 
_citation.journal_id_ASTM 
_citation.journal_id_CSD 
_citation.journal_id_ISSN 
_citation.journal_full 
_citation.journal_issue 
_citation.journal_volume 
_citation.language 
_citation.page_first 
_citation.page_last 
_citation.title 
_citation.year 
_citation.database_id_CSD 
_citation.pdbx_database_id_DOI 
_citation.pdbx_database_id_PubMed 
_citation.pdbx_database_id_patent 
_citation.unpublished_flag 
? ? ? ? ? ? ? US ? ? primary Proc.Natl.Acad.Sci.USA PNASA6 0040 1091-6490 ? ? 120 ? e2218281120 e2218281120 
'Crystal structure and activity of a de novo enzyme, ferric enterobactin esterase Syn-F4.' 2023 ? 10.1073/pnas.2218281120 37695900 
? ? 
? ? ? ? ? ? ? US ? ? 1       'Nat Chem Biol'        ?      ?    1552-4469 ? ? 14  ? 253         255         
'A de novo enzyme catalyzes a life-sustaining reaction in Escherichia coli.'               2018 ? 10.1038/nchembio.2550   29334382 
? ? 
? ? ? ? ? ? ? US ? ? 2       'Protein Sci'          PRCIEI 0795 1469-896X ? ? 24  ? 246         252         
'Divergent evolution of a bifunctional de novo protein.'                                   2015 ? 10.1002/pro.2611        25420677 
? ? 
# 
loop_
_citation_author.citation_id 
_citation_author.name 
_citation_author.ordinal 
_citation_author.identifier_ORCID 
primary 'Kurihara, K.'        1  ?                   
primary 'Umezawa, K.'         2  0000-0001-9361-0825 
primary 'Donnelly, A.E.'      3  0000-0002-6296-5401 
primary 'Sperling, B.'        4  0009-0001-6482-192X 
primary 'Liao, G.'            5  ?                   
primary 'Hecht, M.H.'         6  0000-0002-5538-9813 
primary 'Arai, R.'            7  0000-0001-5606-8483 
1       'Donnelly, A.E.'      8  0000-0002-6296-5401 
1       'Murphy, G.S.'        9  ?                   
1       'Digianantonio, K.M.' 10 ?                   
1       'Hecht, M.H.'         11 ?                   
2       'Smith, B.A.'         12 ?                   
2       'Mularz, A.E.'        13 ?                   
2       'Hecht, M.H.'         14 ?                   
# 
_cell.angle_alpha                  90.00 
_cell.angle_alpha_esd              ? 
_cell.angle_beta                   90.00 
_cell.angle_beta_esd               ? 
_cell.angle_gamma                  90.00 
_cell.angle_gamma_esd              ? 
_cell.entry_id                     8H7E 
_cell.details                      ? 
_cell.formula_units_Z              ? 
_cell.length_a                     47.342 
_cell.length_a_esd                 ? 
_cell.length_b                     61.391 
_cell.length_b_esd                 ? 
_cell.length_c                     135.729 
_cell.length_c_esd                 ? 
_cell.volume                       ? 
_cell.volume_esd                   ? 
_cell.Z_PDB                        16 
_cell.reciprocal_angle_alpha       ? 
_cell.reciprocal_angle_beta        ? 
_cell.reciprocal_angle_gamma       ? 
_cell.reciprocal_angle_alpha_esd   ? 
_cell.reciprocal_angle_beta_esd    ? 
_cell.reciprocal_angle_gamma_esd   ? 
_cell.reciprocal_length_a          ? 
_cell.reciprocal_length_b          ? 
_cell.reciprocal_length_c          ? 
_cell.reciprocal_length_a_esd      ? 
_cell.reciprocal_length_b_esd      ? 
_cell.reciprocal_length_c_esd      ? 
_cell.pdbx_unique_axis             ? 
_cell.pdbx_esd_method              ? 
# 
_symmetry.entry_id                         8H7E 
_symmetry.cell_setting                     ? 
_symmetry.Int_Tables_number                20 
_symmetry.space_group_name_Hall            ? 
_symmetry.space_group_name_H-M             'C 2 2 21' 
_symmetry.pdbx_full_space_group_name_H-M   ? 
# 
loop_
_entity.id 
_entity.type 
_entity.src_method 
_entity.pdbx_description 
_entity.formula_weight 
_entity.pdbx_number_of_molecules 
_entity.pdbx_ec 
_entity.pdbx_mutation 
_entity.pdbx_fragment 
_entity.details 
1 polymer     man 'De novo ferric enterobactin esterase Syn-F4' 12481.063 2  3.1.1.108 K4T ? ? 
2 non-polymer syn 'ACETATE ION'                                 59.044    1  ?         ?   ? ? 
3 water       nat water                                         18.015    75 ?         ?   ? ? 
# 
_entity_poly.entity_id                      1 
_entity_poly.type                           'polypeptide(L)' 
_entity_poly.nstd_linkage                   no 
_entity_poly.nstd_monomer                   no 
_entity_poly.pdbx_seq_one_letter_code       
;MYGTLNQLFHNLNEIVEDLNKNWHRERRTLHDFADELHQLVKHVHHFMQGHKNEGKLQDIVNQLDKLFRDLDNHLQRKDD
TVHHRHHQLNKLLAQLDNLVHR
;
_entity_poly.pdbx_seq_one_letter_code_can   
;MYGTLNQLFHNLNEIVEDLNKNWHRERRTLHDFADELHQLVKHVHHFMQGHKNEGKLQDIVNQLDKLFRDLDNHLQRKDD
TVHHRHHQLNKLLAQLDNLVHR
;
_entity_poly.pdbx_strand_id                 A,B 
_entity_poly.pdbx_target_identifier         ? 
# 
loop_
_entity_poly_seq.entity_id 
_entity_poly_seq.num 
_entity_poly_seq.mon_id 
_entity_poly_seq.hetero 
1 1   MET n 
1 2   TYR n 
1 3   GLY n 
1 4   THR n 
1 5   LEU n 
1 6   ASN n 
1 7   GLN n 
1 8   LEU n 
1 9   PHE n 
1 10  HIS n 
1 11  ASN n 
1 12  LEU n 
1 13  ASN n 
1 14  GLU n 
1 15  ILE n 
1 16  VAL n 
1 17  GLU n 
1 18  ASP n 
1 19  LEU n 
1 20  ASN n 
1 21  LYS n 
1 22  ASN n 
1 23  TRP n 
1 24  HIS n 
1 25  ARG n 
1 26  GLU n 
1 27  ARG n 
1 28  ARG n 
1 29  THR n 
1 30  LEU n 
1 31  HIS n 
1 32  ASP n 
1 33  PHE n 
1 34  ALA n 
1 35  ASP n 
1 36  GLU n 
1 37  LEU n 
1 38  HIS n 
1 39  GLN n 
1 40  LEU n 
1 41  VAL n 
1 42  LYS n 
1 43  HIS n 
1 44  VAL n 
1 45  HIS n 
1 46  HIS n 
1 47  PHE n 
1 48  MET n 
1 49  GLN n 
1 50  GLY n 
1 51  HIS n 
1 52  LYS n 
1 53  ASN n 
1 54  GLU n 
1 55  GLY n 
1 56  LYS n 
1 57  LEU n 
1 58  GLN n 
1 59  ASP n 
1 60  ILE n 
1 61  VAL n 
1 62  ASN n 
1 63  GLN n 
1 64  LEU n 
1 65  ASP n 
1 66  LYS n 
1 67  LEU n 
1 68  PHE n 
1 69  ARG n 
1 70  ASP n 
1 71  LEU n 
1 72  ASP n 
1 73  ASN n 
1 74  HIS n 
1 75  LEU n 
1 76  GLN n 
1 77  ARG n 
1 78  LYS n 
1 79  ASP n 
1 80  ASP n 
1 81  THR n 
1 82  VAL n 
1 83  HIS n 
1 84  HIS n 
1 85  ARG n 
1 86  HIS n 
1 87  HIS n 
1 88  GLN n 
1 89  LEU n 
1 90  ASN n 
1 91  LYS n 
1 92  LEU n 
1 93  LEU n 
1 94  ALA n 
1 95  GLN n 
1 96  LEU n 
1 97  ASP n 
1 98  ASN n 
1 99  LEU n 
1 100 VAL n 
1 101 HIS n 
1 102 ARG n 
# 
_entity_src_gen.entity_id                          1 
_entity_src_gen.pdbx_src_id                        1 
_entity_src_gen.pdbx_alt_source_flag               sample 
_entity_src_gen.pdbx_seq_type                      'Biological sequence' 
_entity_src_gen.pdbx_beg_seq_num                   1 
_entity_src_gen.pdbx_end_seq_num                   102 
_entity_src_gen.gene_src_common_name               ? 
_entity_src_gen.gene_src_genus                     ? 
_entity_src_gen.pdbx_gene_src_gene                 synF4 
_entity_src_gen.gene_src_species                   ? 
_entity_src_gen.gene_src_strain                    ? 
_entity_src_gen.gene_src_tissue                    ? 
_entity_src_gen.gene_src_tissue_fraction           ? 
_entity_src_gen.gene_src_details                   ? 
_entity_src_gen.pdbx_gene_src_fragment             ? 
_entity_src_gen.pdbx_gene_src_scientific_name      'synthetic construct' 
_entity_src_gen.pdbx_gene_src_ncbi_taxonomy_id     32630 
_entity_src_gen.pdbx_gene_src_variant              ? 
_entity_src_gen.pdbx_gene_src_cell_line            ? 
_entity_src_gen.pdbx_gene_src_atcc                 ? 
_entity_src_gen.pdbx_gene_src_organ                ? 
_entity_src_gen.pdbx_gene_src_organelle            ? 
_entity_src_gen.pdbx_gene_src_cell                 ? 
_entity_src_gen.pdbx_gene_src_cellular_location    ? 
_entity_src_gen.host_org_common_name               ? 
_entity_src_gen.pdbx_host_org_scientific_name      'Escherichia coli BL21(DE3)' 
_entity_src_gen.pdbx_host_org_ncbi_taxonomy_id     469008 
_entity_src_gen.host_org_genus                     ? 
_entity_src_gen.pdbx_host_org_gene                 ? 
_entity_src_gen.pdbx_host_org_organ                ? 
_entity_src_gen.host_org_species                   ? 
_entity_src_gen.pdbx_host_org_tissue               ? 
_entity_src_gen.pdbx_host_org_tissue_fraction      ? 
_entity_src_gen.pdbx_host_org_strain               ? 
_entity_src_gen.pdbx_host_org_variant              Star 
_entity_src_gen.pdbx_host_org_cell_line            ? 
_entity_src_gen.pdbx_host_org_atcc                 ? 
_entity_src_gen.pdbx_host_org_culture_collection   ? 
_entity_src_gen.pdbx_host_org_cell                 ? 
_entity_src_gen.pdbx_host_org_organelle            ? 
_entity_src_gen.pdbx_host_org_cellular_location    ? 
_entity_src_gen.pdbx_host_org_vector_type          Plasmid 
_entity_src_gen.pdbx_host_org_vector               ? 
_entity_src_gen.host_org_details                   ? 
_entity_src_gen.expression_system_id               ? 
_entity_src_gen.plasmid_name                       pCA24N 
_entity_src_gen.plasmid_details                    ? 
_entity_src_gen.pdbx_description                   ? 
# 
_struct_ref.id                         1 
_struct_ref.db_name                    PDB 
_struct_ref.db_code                    8H7E 
_struct_ref.pdbx_db_accession          8H7E 
_struct_ref.pdbx_db_isoform            ? 
_struct_ref.entity_id                  1 
_struct_ref.pdbx_seq_one_letter_code   ? 
_struct_ref.pdbx_align_begin           1 
# 
loop_
_struct_ref_seq.align_id 
_struct_ref_seq.ref_id 
_struct_ref_seq.pdbx_PDB_id_code 
_struct_ref_seq.pdbx_strand_id 
_struct_ref_seq.seq_align_beg 
_struct_ref_seq.pdbx_seq_align_beg_ins_code 
_struct_ref_seq.seq_align_end 
_struct_ref_seq.pdbx_seq_align_end_ins_code 
_struct_ref_seq.pdbx_db_accession 
_struct_ref_seq.db_align_beg 
_struct_ref_seq.pdbx_db_align_beg_ins_code 
_struct_ref_seq.db_align_end 
_struct_ref_seq.pdbx_db_align_end_ins_code 
_struct_ref_seq.pdbx_auth_seq_align_beg 
_struct_ref_seq.pdbx_auth_seq_align_end 
1 1 8H7E A 1 ? 102 ? 8H7E 1 ? 102 ? 1 102 
2 1 8H7E B 1 ? 102 ? 8H7E 1 ? 102 ? 1 102 
# 
loop_
_chem_comp.id 
_chem_comp.type 
_chem_comp.mon_nstd_flag 
_chem_comp.name 
_chem_comp.pdbx_synonyms 
_chem_comp.formula 
_chem_comp.formula_weight 
ACT non-polymer         . 'ACETATE ION'   ? 'C2 H3 O2 -1'    59.044  
ALA 'L-peptide linking' y ALANINE         ? 'C3 H7 N O2'     89.093  
ARG 'L-peptide linking' y ARGININE        ? 'C6 H15 N4 O2 1' 175.209 
ASN 'L-peptide linking' y ASPARAGINE      ? 'C4 H8 N2 O3'    132.118 
ASP 'L-peptide linking' y 'ASPARTIC ACID' ? 'C4 H7 N O4'     133.103 
GLN 'L-peptide linking' y GLUTAMINE       ? 'C5 H10 N2 O3'   146.144 
GLU 'L-peptide linking' y 'GLUTAMIC ACID' ? 'C5 H9 N O4'     147.129 
GLY 'peptide linking'   y GLYCINE         ? 'C2 H5 N O2'     75.067  
HIS 'L-peptide linking' y HISTIDINE       ? 'C6 H10 N3 O2 1' 156.162 
HOH non-polymer         . WATER           ? 'H2 O'           18.015  
ILE 'L-peptide linking' y ISOLEUCINE      ? 'C6 H13 N O2'    131.173 
LEU 'L-peptide linking' y LEUCINE         ? 'C6 H13 N O2'    131.173 
LYS 'L-peptide linking' y LYSINE          ? 'C6 H15 N2 O2 1' 147.195 
MET 'L-peptide linking' y METHIONINE      ? 'C5 H11 N O2 S'  149.211 
PHE 'L-peptide linking' y PHENYLALANINE   ? 'C9 H11 N O2'    165.189 
THR 'L-peptide linking' y THREONINE       ? 'C4 H9 N O3'     119.119 
TRP 'L-peptide linking' y TRYPTOPHAN      ? 'C11 H12 N2 O2'  204.225 
TYR 'L-peptide linking' y TYROSINE        ? 'C9 H11 N O3'    181.189 
VAL 'L-peptide linking' y VALINE          ? 'C5 H11 N O2'    117.146 
# 
_exptl.absorpt_coefficient_mu     ? 
_exptl.absorpt_correction_T_max   ? 
_exptl.absorpt_correction_T_min   ? 
_exptl.absorpt_correction_type    ? 
_exptl.absorpt_process_details    ? 
_exptl.entry_id                   8H7E 
_exptl.crystals_number            1 
_exptl.details                    ? 
_exptl.method                     'X-RAY DIFFRACTION' 
_exptl.method_details             ? 
# 
_exptl_crystal.colour                       ? 
_exptl_crystal.density_diffrn               ? 
_exptl_crystal.density_Matthews             1.98 
_exptl_crystal.density_method               ? 
_exptl_crystal.density_percent_sol          37.73 
_exptl_crystal.description                  'Plate-like crystal' 
_exptl_crystal.F_000                        ? 
_exptl_crystal.id                           1 
_exptl_crystal.preparation                  ? 
_exptl_crystal.size_max                     ? 
_exptl_crystal.size_mid                     ? 
_exptl_crystal.size_min                     ? 
_exptl_crystal.size_rad                     ? 
_exptl_crystal.colour_lustre                ? 
_exptl_crystal.colour_modifier              ? 
_exptl_crystal.colour_primary               ? 
_exptl_crystal.density_meas                 ? 
_exptl_crystal.density_meas_esd             ? 
_exptl_crystal.density_meas_gt              ? 
_exptl_crystal.density_meas_lt              ? 
_exptl_crystal.density_meas_temp            ? 
_exptl_crystal.density_meas_temp_esd        ? 
_exptl_crystal.density_meas_temp_gt         ? 
_exptl_crystal.density_meas_temp_lt         ? 
_exptl_crystal.pdbx_crystal_image_url       ? 
_exptl_crystal.pdbx_crystal_image_format    ? 
_exptl_crystal.pdbx_mosaicity               ? 
_exptl_crystal.pdbx_mosaicity_esd           ? 
_exptl_crystal.pdbx_mosaic_method           ? 
_exptl_crystal.pdbx_mosaic_block_size       ? 
_exptl_crystal.pdbx_mosaic_block_size_esd   ? 
# 
_exptl_crystal_grow.apparatus       ? 
_exptl_crystal_grow.atmosphere      ? 
_exptl_crystal_grow.crystal_id      1 
_exptl_crystal_grow.details         ? 
_exptl_crystal_grow.method          'VAPOR DIFFUSION, HANGING DROP' 
_exptl_crystal_grow.method_ref      ? 
_exptl_crystal_grow.pH              8.9 
_exptl_crystal_grow.pressure        ? 
_exptl_crystal_grow.pressure_esd    ? 
_exptl_crystal_grow.seeding         ? 
_exptl_crystal_grow.seeding_ref     ? 
_exptl_crystal_grow.temp_details    ? 
_exptl_crystal_grow.temp_esd        ? 
_exptl_crystal_grow.time            ? 
_exptl_crystal_grow.pdbx_details    
'0.1M Tris, 0.2M ammonium acetate, 15% PEG 3350 (After crystallization, ferric enterobactin was added.)' 
_exptl_crystal_grow.pdbx_pH_range   ? 
_exptl_crystal_grow.temp            293 
# 
_diffrn.ambient_environment              ? 
_diffrn.ambient_temp                     95 
_diffrn.ambient_temp_details             ? 
_diffrn.ambient_temp_esd                 ? 
_diffrn.crystal_id                       1 
_diffrn.crystal_support                  ? 
_diffrn.crystal_treatment                ? 
_diffrn.details                          ? 
_diffrn.id                               1 
_diffrn.ambient_pressure                 ? 
_diffrn.ambient_pressure_esd             ? 
_diffrn.ambient_pressure_gt              ? 
_diffrn.ambient_pressure_lt              ? 
_diffrn.ambient_temp_gt                  ? 
_diffrn.ambient_temp_lt                  ? 
_diffrn.pdbx_serial_crystal_experiment   N 
# 
_diffrn_detector.details                      'Focusing Mirror' 
_diffrn_detector.detector                     PIXEL 
_diffrn_detector.diffrn_id                    1 
_diffrn_detector.type                         'DECTRIS PILATUS3 S 6M' 
_diffrn_detector.area_resol_mean              ? 
_diffrn_detector.dtime                        ? 
_diffrn_detector.pdbx_frames_total            ? 
_diffrn_detector.pdbx_collection_time_total   ? 
_diffrn_detector.pdbx_collection_date         2019-02-23 
_diffrn_detector.pdbx_frequency               ? 
_diffrn_detector.id                           ? 
_diffrn_detector.number_of_axes               ? 
# 
_diffrn_radiation.collimation                      ? 
_diffrn_radiation.diffrn_id                        1 
_diffrn_radiation.filter_edge                      ? 
_diffrn_radiation.inhomogeneity                    ? 
_diffrn_radiation.monochromator                    'Numerical link type Si(111) double crystal monochromator' 
_diffrn_radiation.polarisn_norm                    ? 
_diffrn_radiation.polarisn_ratio                   ? 
_diffrn_radiation.probe                            ? 
_diffrn_radiation.type                             ? 
_diffrn_radiation.xray_symbol                      ? 
_diffrn_radiation.wavelength_id                    1 
_diffrn_radiation.pdbx_monochromatic_or_laue_m_l   M 
_diffrn_radiation.pdbx_wavelength_list             ? 
_diffrn_radiation.pdbx_wavelength                  ? 
_diffrn_radiation.pdbx_diffrn_protocol             'SINGLE WAVELENGTH' 
_diffrn_radiation.pdbx_analyzer                    ? 
_diffrn_radiation.pdbx_scattering_type             x-ray 
# 
_diffrn_radiation_wavelength.id           1 
_diffrn_radiation_wavelength.wavelength   1.000 
_diffrn_radiation_wavelength.wt           1.0 
# 
_diffrn_source.current                     ? 
_diffrn_source.details                     ? 
_diffrn_source.diffrn_id                   1 
_diffrn_source.power                       ? 
_diffrn_source.size                        ? 
_diffrn_source.source                      SYNCHROTRON 
_diffrn_source.target                      ? 
_diffrn_source.type                        'PHOTON FACTORY BEAMLINE BL-5A' 
_diffrn_source.voltage                     ? 
_diffrn_source.take-off_angle              ? 
_diffrn_source.pdbx_wavelength_list        1.000 
_diffrn_source.pdbx_wavelength             ? 
_diffrn_source.pdbx_synchrotron_beamline   BL-5A 
_diffrn_source.pdbx_synchrotron_site       'Photon Factory' 
# 
_reflns.B_iso_Wilson_estimate                          ? 
_reflns.entry_id                                       8H7E 
_reflns.data_reduction_details                         ? 
_reflns.data_reduction_method                          ? 
_reflns.d_resolution_high                              2.000 
_reflns.d_resolution_low                               50.000 
_reflns.details                                        ? 
_reflns.limit_h_max                                    ? 
_reflns.limit_h_min                                    ? 
_reflns.limit_k_max                                    ? 
_reflns.limit_k_min                                    ? 
_reflns.limit_l_max                                    ? 
_reflns.limit_l_min                                    ? 
_reflns.number_all                                     ? 
_reflns.number_obs                                     12201 
_reflns.observed_criterion                             ? 
_reflns.observed_criterion_F_max                       ? 
_reflns.observed_criterion_F_min                       ? 
_reflns.observed_criterion_I_max                       ? 
_reflns.observed_criterion_I_min                       ? 
_reflns.observed_criterion_sigma_F                     ? 
_reflns.observed_criterion_sigma_I                     ? 
_reflns.percent_possible_obs                           88.300 
_reflns.R_free_details                                 ? 
_reflns.Rmerge_F_all                                   ? 
_reflns.Rmerge_F_obs                                   ? 
_reflns.Friedel_coverage                               ? 
_reflns.number_gt                                      ? 
_reflns.threshold_expression                           ? 
_reflns.pdbx_redundancy                                11.600 
_reflns.pdbx_netI_over_av_sigmaI                       ? 
_reflns.pdbx_netI_over_sigmaI                          5.400 
_reflns.pdbx_res_netI_over_av_sigmaI_2                 ? 
_reflns.pdbx_res_netI_over_sigmaI_2                    ? 
_reflns.pdbx_chi_squared                               0.955 
_reflns.pdbx_scaling_rejects                           ? 
_reflns.pdbx_d_res_high_opt                            ? 
_reflns.pdbx_d_res_low_opt                             ? 
_reflns.pdbx_d_res_opt_method                          ? 
_reflns.phase_calculation_details                      ? 
_reflns.pdbx_Rrim_I_all                                0.109 
_reflns.pdbx_Rpim_I_all                                0.031 
_reflns.pdbx_d_opt                                     ? 
_reflns.pdbx_number_measured_all                       141588 
_reflns.pdbx_diffrn_id                                 1 
_reflns.pdbx_ordinal                                   1 
_reflns.pdbx_CC_half                                   ? 
_reflns.pdbx_CC_star                                   ? 
_reflns.pdbx_R_split                                   ? 
_reflns.pdbx_Rmerge_I_obs                              0.104 
_reflns.pdbx_Rmerge_I_all                              ? 
_reflns.pdbx_Rsym_value                                ? 
_reflns.pdbx_CC_split_method                           ? 
_reflns.pdbx_aniso_diffraction_limit_axis_1_ortho[1]   ? 
_reflns.pdbx_aniso_diffraction_limit_axis_1_ortho[2]   ? 
_reflns.pdbx_aniso_diffraction_limit_axis_1_ortho[3]   ? 
_reflns.pdbx_aniso_diffraction_limit_axis_2_ortho[1]   ? 
_reflns.pdbx_aniso_diffraction_limit_axis_2_ortho[2]   ? 
_reflns.pdbx_aniso_diffraction_limit_axis_2_ortho[3]   ? 
_reflns.pdbx_aniso_diffraction_limit_axis_3_ortho[1]   ? 
_reflns.pdbx_aniso_diffraction_limit_axis_3_ortho[2]   ? 
_reflns.pdbx_aniso_diffraction_limit_axis_3_ortho[3]   ? 
_reflns.pdbx_aniso_diffraction_limit_1                 ? 
_reflns.pdbx_aniso_diffraction_limit_2                 ? 
_reflns.pdbx_aniso_diffraction_limit_3                 ? 
_reflns.pdbx_aniso_B_tensor_eigenvector_1_ortho[1]     ? 
_reflns.pdbx_aniso_B_tensor_eigenvector_1_ortho[2]     ? 
_reflns.pdbx_aniso_B_tensor_eigenvector_1_ortho[3]     ? 
_reflns.pdbx_aniso_B_tensor_eigenvector_2_ortho[1]     ? 
_reflns.pdbx_aniso_B_tensor_eigenvector_2_ortho[2]     ? 
_reflns.pdbx_aniso_B_tensor_eigenvector_2_ortho[3]     ? 
_reflns.pdbx_aniso_B_tensor_eigenvector_3_ortho[1]     ? 
_reflns.pdbx_aniso_B_tensor_eigenvector_3_ortho[2]     ? 
_reflns.pdbx_aniso_B_tensor_eigenvector_3_ortho[3]     ? 
_reflns.pdbx_aniso_B_tensor_eigenvalue_1               ? 
_reflns.pdbx_aniso_B_tensor_eigenvalue_2               ? 
_reflns.pdbx_aniso_B_tensor_eigenvalue_3               ? 
_reflns.pdbx_orthogonalization_convention              ? 
_reflns.pdbx_percent_possible_ellipsoidal              ? 
_reflns.pdbx_percent_possible_spherical                ? 
_reflns.pdbx_percent_possible_ellipsoidal_anomalous    ? 
_reflns.pdbx_percent_possible_spherical_anomalous      ? 
_reflns.pdbx_redundancy_anomalous                      ? 
_reflns.pdbx_CC_half_anomalous                         ? 
_reflns.pdbx_absDiff_over_sigma_anomalous              ? 
_reflns.pdbx_percent_possible_anomalous                ? 
_reflns.pdbx_observed_signal_threshold                 ? 
_reflns.pdbx_signal_type                               ? 
_reflns.pdbx_signal_details                            ? 
_reflns.pdbx_signal_software_id                        ? 
# 
loop_
_reflns_shell.d_res_high 
_reflns_shell.d_res_low 
_reflns_shell.meanI_over_sigI_all 
_reflns_shell.meanI_over_sigI_obs 
_reflns_shell.number_measured_all 
_reflns_shell.number_measured_obs 
_reflns_shell.number_possible 
_reflns_shell.number_unique_all 
_reflns_shell.number_unique_obs 
_reflns_shell.percent_possible_obs 
_reflns_shell.Rmerge_F_all 
_reflns_shell.Rmerge_F_obs 
_reflns_shell.meanI_over_sigI_gt 
_reflns_shell.meanI_over_uI_all 
_reflns_shell.meanI_over_uI_gt 
_reflns_shell.number_measured_gt 
_reflns_shell.number_unique_gt 
_reflns_shell.percent_possible_gt 
_reflns_shell.Rmerge_F_gt 
_reflns_shell.Rmerge_I_gt 
_reflns_shell.pdbx_redundancy 
_reflns_shell.pdbx_chi_squared 
_reflns_shell.pdbx_netI_over_sigmaI_all 
_reflns_shell.pdbx_netI_over_sigmaI_obs 
_reflns_shell.pdbx_Rrim_I_all 
_reflns_shell.pdbx_Rpim_I_all 
_reflns_shell.pdbx_rejects 
_reflns_shell.pdbx_ordinal 
_reflns_shell.pdbx_diffrn_id 
_reflns_shell.pdbx_CC_half 
_reflns_shell.pdbx_CC_star 
_reflns_shell.pdbx_R_split 
_reflns_shell.percent_possible_all 
_reflns_shell.Rmerge_I_all 
_reflns_shell.Rmerge_I_obs 
_reflns_shell.pdbx_Rsym_value 
_reflns_shell.pdbx_percent_possible_ellipsoidal 
_reflns_shell.pdbx_percent_possible_spherical 
_reflns_shell.pdbx_percent_possible_ellipsoidal_anomalous 
_reflns_shell.pdbx_percent_possible_spherical_anomalous 
_reflns_shell.pdbx_redundancy_anomalous 
_reflns_shell.pdbx_CC_half_anomalous 
_reflns_shell.pdbx_absDiff_over_sigma_anomalous 
_reflns_shell.pdbx_percent_possible_anomalous 
2.000 2.030  ? ? ? ? ? ? 414 ? ? ? ? ? ? ? ? ? ? ? 9.600  0.718 ? ? 0.701 0.218 ? 1  1 0.839 ? ? 59.900  ? 0.664 ? ? ? ? ? ? ? ? ? 
2.030 2.070  ? ? ? ? ? ? 390 ? ? ? ? ? ? ? ? ? ? ? 9.400  0.758 ? ? 0.636 0.198 ? 2  1 0.876 ? ? 59.200  ? 0.603 ? ? ? ? ? ? ? ? ? 
2.070 2.110  ? ? ? ? ? ? 442 ? ? ? ? ? ? ? ? ? ? ? 9.700  0.770 ? ? 0.600 0.182 ? 3  1 0.887 ? ? 65.200  ? 0.570 ? ? ? ? ? ? ? ? ? 
2.110 2.150  ? ? ? ? ? ? 494 ? ? ? ? ? ? ? ? ? ? ? 10.500 0.844 ? ? 0.451 0.133 ? 4  1 0.974 ? ? 69.500  ? 0.429 ? ? ? ? ? ? ? ? ? 
2.150 2.200  ? ? ? ? ? ? 472 ? ? ? ? ? ? ? ? ? ? ? 9.900  0.805 ? ? 0.448 0.136 ? 5  1 0.960 ? ? 72.600  ? 0.426 ? ? ? ? ? ? ? ? ? 
2.200 2.250  ? ? ? ? ? ? 531 ? ? ? ? ? ? ? ? ? ? ? 10.400 0.778 ? ? 0.382 0.114 ? 6  1 0.962 ? ? 78.400  ? 0.363 ? ? ? ? ? ? ? ? ? 
2.250 2.310  ? ? ? ? ? ? 549 ? ? ? ? ? ? ? ? ? ? ? 10.700 0.849 ? ? 0.335 0.098 ? 7  1 0.984 ? ? 80.600  ? 0.320 ? ? ? ? ? ? ? ? ? 
2.310 2.370  ? ? ? ? ? ? 595 ? ? ? ? ? ? ? ? ? ? ? 10.800 0.871 ? ? 0.344 0.100 ? 8  1 0.975 ? ? 87.100  ? 0.328 ? ? ? ? ? ? ? ? ? 
2.370 2.440  ? ? ? ? ? ? 649 ? ? ? ? ? ? ? ? ? ? ? 11.300 0.956 ? ? 0.288 0.083 ? 9  1 0.987 ? ? 93.400  ? 0.275 ? ? ? ? ? ? ? ? ? 
2.440 2.520  ? ? ? ? ? ? 653 ? ? ? ? ? ? ? ? ? ? ? 11.300 0.920 ? ? 0.284 0.081 ? 10 1 0.988 ? ? 98.000  ? 0.272 ? ? ? ? ? ? ? ? ? 
2.520 2.610  ? ? ? ? ? ? 689 ? ? ? ? ? ? ? ? ? ? ? 11.600 0.961 ? ? 0.249 0.071 ? 11 1 0.991 ? ? 99.400  ? 0.239 ? ? ? ? ? ? ? ? ? 
2.610 2.710  ? ? ? ? ? ? 680 ? ? ? ? ? ? ? ? ? ? ? 11.700 0.943 ? ? 0.224 0.065 ? 12 1 0.992 ? ? 99.600  ? 0.214 ? ? ? ? ? ? ? ? ? 
2.710 2.840  ? ? ? ? ? ? 672 ? ? ? ? ? ? ? ? ? ? ? 12.400 0.998 ? ? 0.185 0.052 ? 13 1 0.994 ? ? 99.600  ? 0.178 ? ? ? ? ? ? ? ? ? 
2.840 2.990  ? ? ? ? ? ? 711 ? ? ? ? ? ? ? ? ? ? ? 13.200 1.113 ? ? 0.167 0.046 ? 14 1 0.997 ? ? 99.700  ? 0.161 ? ? ? ? ? ? ? ? ? 
2.990 3.170  ? ? ? ? ? ? 674 ? ? ? ? ? ? ? ? ? ? ? 13.300 1.067 ? ? 0.151 0.041 ? 15 1 0.997 ? ? 100.000 ? 0.145 ? ? ? ? ? ? ? ? ? 
3.170 3.420  ? ? ? ? ? ? 694 ? ? ? ? ? ? ? ? ? ? ? 12.700 1.166 ? ? 0.121 0.034 ? 16 1 0.998 ? ? 100.000 ? 0.116 ? ? ? ? ? ? ? ? ? 
3.420 3.760  ? ? ? ? ? ? 694 ? ? ? ? ? ? ? ? ? ? ? 12.200 1.157 ? ? 0.105 0.030 ? 17 1 0.997 ? ? 100.000 ? 0.101 ? ? ? ? ? ? ? ? ? 
3.760 4.310  ? ? ? ? ? ? 720 ? ? ? ? ? ? ? ? ? ? ? 13.200 1.140 ? ? 0.093 0.025 ? 18 1 0.998 ? ? 100.000 ? 0.089 ? ? ? ? ? ? ? ? ? 
4.310 5.430  ? ? ? ? ? ? 707 ? ? ? ? ? ? ? ? ? ? ? 12.200 1.035 ? ? 0.080 0.022 ? 19 1 0.997 ? ? 100.000 ? 0.077 ? ? ? ? ? ? ? ? ? 
5.430 50.000 ? ? ? ? ? ? 771 ? ? ? ? ? ? ? ? ? ? ? 11.800 0.640 ? ? 0.056 0.016 ? 20 1 1.000 ? ? 100.000 ? 0.053 ? ? ? ? ? ? ? ? ? 
# 
_refine.aniso_B[1][1]                            -0.05 
_refine.aniso_B[1][2]                            0.00 
_refine.aniso_B[1][3]                            0.00 
_refine.aniso_B[2][2]                            -0.45 
_refine.aniso_B[2][3]                            0.00 
_refine.aniso_B[3][3]                            0.50 
_refine.B_iso_max                                ? 
_refine.B_iso_mean                               35.875 
_refine.B_iso_min                                ? 
_refine.correlation_coeff_Fo_to_Fc               0.925 
_refine.correlation_coeff_Fo_to_Fc_free          0.877 
_refine.details                                  'HYDROGENS HAVE BEEN ADDED IN THE RIDING POSITIONS' 
_refine.diff_density_max                         ? 
_refine.diff_density_max_esd                     ? 
_refine.diff_density_min                         ? 
_refine.diff_density_min_esd                     ? 
_refine.diff_density_rms                         ? 
_refine.diff_density_rms_esd                     ? 
_refine.entry_id                                 8H7E 
_refine.pdbx_refine_id                           'X-RAY DIFFRACTION' 
_refine.ls_abs_structure_details                 ? 
_refine.ls_abs_structure_Flack                   ? 
_refine.ls_abs_structure_Flack_esd               ? 
_refine.ls_abs_structure_Rogers                  ? 
_refine.ls_abs_structure_Rogers_esd              ? 
_refine.ls_d_res_high                            2.00 
_refine.ls_d_res_low                             50.0 
_refine.ls_extinction_coef                       ? 
_refine.ls_extinction_coef_esd                   ? 
_refine.ls_extinction_expression                 ? 
_refine.ls_extinction_method                     ? 
_refine.ls_goodness_of_fit_all                   ? 
_refine.ls_goodness_of_fit_all_esd               ? 
_refine.ls_goodness_of_fit_obs                   ? 
_refine.ls_goodness_of_fit_obs_esd               ? 
_refine.ls_hydrogen_treatment                    ? 
_refine.ls_matrix_type                           ? 
_refine.ls_number_constraints                    ? 
_refine.ls_number_parameters                     ? 
_refine.ls_number_reflns_all                     ? 
_refine.ls_number_reflns_obs                     9988 
_refine.ls_number_reflns_R_free                  538 
_refine.ls_number_reflns_R_work                  ? 
_refine.ls_number_restraints                     ? 
_refine.ls_percent_reflns_obs                    76.38 
_refine.ls_percent_reflns_R_free                 5.1 
_refine.ls_R_factor_all                          ? 
_refine.ls_R_factor_obs                          0.21967 
_refine.ls_R_factor_R_free                       0.26624 
_refine.ls_R_factor_R_free_error                 ? 
_refine.ls_R_factor_R_free_error_details         ? 
_refine.ls_R_factor_R_work                       0.21714 
_refine.ls_R_Fsqd_factor_obs                     ? 
_refine.ls_R_I_factor_obs                        ? 
_refine.ls_redundancy_reflns_all                 ? 
_refine.ls_redundancy_reflns_obs                 ? 
_refine.ls_restrained_S_all                      ? 
_refine.ls_restrained_S_obs                      ? 
_refine.ls_shift_over_esd_max                    ? 
_refine.ls_shift_over_esd_mean                   ? 
_refine.ls_structure_factor_coef                 ? 
_refine.ls_weighting_details                     ? 
_refine.ls_weighting_scheme                      ? 
_refine.ls_wR_factor_all                         ? 
_refine.ls_wR_factor_obs                         ? 
_refine.ls_wR_factor_R_free                      ? 
_refine.ls_wR_factor_R_work                      ? 
_refine.occupancy_max                            ? 
_refine.occupancy_min                            ? 
_refine.solvent_model_details                    MASK 
_refine.solvent_model_param_bsol                 ? 
_refine.solvent_model_param_ksol                 ? 
_refine.pdbx_R_complete                          ? 
_refine.ls_R_factor_gt                           ? 
_refine.ls_goodness_of_fit_gt                    ? 
_refine.ls_goodness_of_fit_ref                   ? 
_refine.ls_shift_over_su_max                     ? 
_refine.ls_shift_over_su_max_lt                  ? 
_refine.ls_shift_over_su_mean                    ? 
_refine.ls_shift_over_su_mean_lt                 ? 
_refine.pdbx_ls_sigma_I                          ? 
_refine.pdbx_ls_sigma_F                          ? 
_refine.pdbx_ls_sigma_Fsqd                       ? 
_refine.pdbx_data_cutoff_high_absF               ? 
_refine.pdbx_data_cutoff_high_rms_absF           ? 
_refine.pdbx_data_cutoff_low_absF                ? 
_refine.pdbx_isotropic_thermal_model             ? 
_refine.pdbx_ls_cross_valid_method               THROUGHOUT 
_refine.pdbx_method_to_determine_struct          'MOLECULAR REPLACEMENT' 
_refine.pdbx_starting_model                      8H7C 
_refine.pdbx_stereochemistry_target_values       'MAXIMUM LIKELIHOOD' 
_refine.pdbx_R_Free_selection_details            RANDOM 
_refine.pdbx_stereochem_target_val_spec_case     ? 
_refine.pdbx_overall_ESU_R                       0.341 
_refine.pdbx_overall_ESU_R_Free                  0.242 
_refine.pdbx_solvent_vdw_probe_radii             1.20 
_refine.pdbx_solvent_ion_probe_radii             0.80 
_refine.pdbx_solvent_shrinkage_radii             0.80 
_refine.pdbx_real_space_R                        ? 
_refine.pdbx_density_correlation                 ? 
_refine.pdbx_pd_number_of_powder_patterns        ? 
_refine.pdbx_pd_number_of_points                 ? 
_refine.pdbx_pd_meas_number_of_points            ? 
_refine.pdbx_pd_proc_ls_prof_R_factor            ? 
_refine.pdbx_pd_proc_ls_prof_wR_factor           ? 
_refine.pdbx_pd_Marquardt_correlation_coeff      ? 
_refine.pdbx_pd_Fsqrd_R_factor                   ? 
_refine.pdbx_pd_ls_matrix_band_width             ? 
_refine.pdbx_overall_phase_error                 ? 
_refine.pdbx_overall_SU_R_free_Cruickshank_DPI   ? 
_refine.pdbx_overall_SU_R_free_Blow_DPI          ? 
_refine.pdbx_overall_SU_R_Blow_DPI               ? 
_refine.pdbx_TLS_residual_ADP_flag               ? 
_refine.pdbx_diffrn_id                           1 
_refine.overall_SU_B                             ? 
_refine.overall_SU_ML                            ? 
_refine.overall_SU_R_Cruickshank_DPI             ? 
_refine.overall_SU_R_free                        ? 
_refine.overall_FOM_free_R_set                   ? 
_refine.overall_FOM_work_R_set                   ? 
_refine.pdbx_average_fsc_overall                 ? 
_refine.pdbx_average_fsc_work                    ? 
_refine.pdbx_average_fsc_free                    ? 
# 
_refine_hist.pdbx_refine_id                   'X-RAY DIFFRACTION' 
_refine_hist.cycle_id                         1 
_refine_hist.details                          ? 
_refine_hist.d_res_high                       2.00 
_refine_hist.d_res_low                        50.0 
_refine_hist.number_atoms_solvent             75 
_refine_hist.number_atoms_total               1646 
_refine_hist.number_reflns_all                ? 
_refine_hist.number_reflns_obs                ? 
_refine_hist.number_reflns_R_free             ? 
_refine_hist.number_reflns_R_work             ? 
_refine_hist.R_factor_all                     ? 
_refine_hist.R_factor_obs                     ? 
_refine_hist.R_factor_R_free                  ? 
_refine_hist.R_factor_R_work                  ? 
_refine_hist.pdbx_number_residues_total       ? 
_refine_hist.pdbx_B_iso_mean_ligand           ? 
_refine_hist.pdbx_B_iso_mean_solvent          ? 
_refine_hist.pdbx_number_atoms_protein        1567 
_refine_hist.pdbx_number_atoms_nucleic_acid   0 
_refine_hist.pdbx_number_atoms_ligand         4 
_refine_hist.pdbx_number_atoms_lipid          ? 
_refine_hist.pdbx_number_atoms_carb           ? 
_refine_hist.pdbx_pseudo_atom_details         ? 
# 
loop_
_refine_ls_restr.pdbx_refine_id 
_refine_ls_restr.criterion 
_refine_ls_restr.dev_ideal 
_refine_ls_restr.dev_ideal_target 
_refine_ls_restr.number 
_refine_ls_restr.rejects 
_refine_ls_restr.type 
_refine_ls_restr.weight 
_refine_ls_restr.pdbx_restraint_function 
'X-RAY DIFFRACTION' ? 0.010  0.019  1622 ? r_bond_refined_d             ? ? 
'X-RAY DIFFRACTION' ? 0.000  0.020  1567 ? r_bond_other_d               ? ? 
'X-RAY DIFFRACTION' ? 1.235  1.899  2188 ? r_angle_refined_deg          ? ? 
'X-RAY DIFFRACTION' ? 3.523  3.000  3556 ? r_angle_other_deg            ? ? 
'X-RAY DIFFRACTION' ? 4.724  5.000  181  ? r_dihedral_angle_1_deg       ? ? 
'X-RAY DIFFRACTION' ? 38.735 24.220 109  ? r_dihedral_angle_2_deg       ? ? 
'X-RAY DIFFRACTION' ? 16.696 15.000 300  ? r_dihedral_angle_3_deg       ? ? 
'X-RAY DIFFRACTION' ? 16.636 15.000 14   ? r_dihedral_angle_4_deg       ? ? 
'X-RAY DIFFRACTION' ? 0.074  0.200  237  ? r_chiral_restr               ? ? 
'X-RAY DIFFRACTION' ? 0.005  0.020  1867 ? r_gen_planes_refined         ? ? 
'X-RAY DIFFRACTION' ? 0.009  0.020  451  ? r_gen_planes_other           ? ? 
'X-RAY DIFFRACTION' ? ?      ?      ?    ? r_nbd_refined                ? ? 
'X-RAY DIFFRACTION' ? ?      ?      ?    ? r_nbd_other                  ? ? 
'X-RAY DIFFRACTION' ? ?      ?      ?    ? r_nbtor_refined              ? ? 
'X-RAY DIFFRACTION' ? ?      ?      ?    ? r_nbtor_other                ? ? 
'X-RAY DIFFRACTION' ? ?      ?      ?    ? r_xyhbond_nbd_refined        ? ? 
'X-RAY DIFFRACTION' ? ?      ?      ?    ? r_xyhbond_nbd_other          ? ? 
'X-RAY DIFFRACTION' ? ?      ?      ?    ? r_metal_ion_refined          ? ? 
'X-RAY DIFFRACTION' ? ?      ?      ?    ? r_metal_ion_other            ? ? 
'X-RAY DIFFRACTION' ? ?      ?      ?    ? r_symmetry_vdw_refined       ? ? 
'X-RAY DIFFRACTION' ? ?      ?      ?    ? r_symmetry_vdw_other         ? ? 
'X-RAY DIFFRACTION' ? ?      ?      ?    ? r_symmetry_hbond_refined     ? ? 
'X-RAY DIFFRACTION' ? ?      ?      ?    ? r_symmetry_hbond_other       ? ? 
'X-RAY DIFFRACTION' ? ?      ?      ?    ? r_symmetry_metal_ion_refined ? ? 
'X-RAY DIFFRACTION' ? ?      ?      ?    ? r_symmetry_metal_ion_other   ? ? 
'X-RAY DIFFRACTION' ? 1.983  3.268  728  ? r_mcbond_it                  ? ? 
'X-RAY DIFFRACTION' ? 1.968  3.263  727  ? r_mcbond_other               ? ? 
'X-RAY DIFFRACTION' ? 3.204  4.852  904  ? r_mcangle_it                 ? ? 
'X-RAY DIFFRACTION' ? 3.209  4.857  905  ? r_mcangle_other              ? ? 
'X-RAY DIFFRACTION' ? 2.514  3.741  893  ? r_scbond_it                  ? ? 
'X-RAY DIFFRACTION' ? 2.513  3.741  893  ? r_scbond_other               ? ? 
'X-RAY DIFFRACTION' ? ?      ?      ?    ? r_scangle_it                 ? ? 
'X-RAY DIFFRACTION' ? 4.255  5.486  1283 ? r_scangle_other              ? ? 
'X-RAY DIFFRACTION' ? 6.553  26.144 1847 ? r_long_range_B_refined       ? ? 
'X-RAY DIFFRACTION' ? 6.544  26.142 1844 ? r_long_range_B_other         ? ? 
'X-RAY DIFFRACTION' ? ?      ?      ?    ? r_rigid_bond_restr           ? ? 
'X-RAY DIFFRACTION' ? ?      ?      ?    ? r_sphericity_free            ? ? 
'X-RAY DIFFRACTION' ? ?      ?      ?    ? r_sphericity_bonded          ? ? 
# 
_refine_ls_shell.pdbx_refine_id                   'X-RAY DIFFRACTION' 
_refine_ls_shell.d_res_high                       2.000 
_refine_ls_shell.d_res_low                        2.052 
_refine_ls_shell.number_reflns_all                ? 
_refine_ls_shell.number_reflns_obs                ? 
_refine_ls_shell.number_reflns_R_free             27 
_refine_ls_shell.number_reflns_R_work             379 
_refine_ls_shell.percent_reflns_obs               39.34 
_refine_ls_shell.percent_reflns_R_free            ? 
_refine_ls_shell.R_factor_all                     ? 
_refine_ls_shell.R_factor_obs                     ? 
_refine_ls_shell.R_factor_R_free_error            ? 
_refine_ls_shell.R_factor_R_work                  0.186 
_refine_ls_shell.redundancy_reflns_all            ? 
_refine_ls_shell.redundancy_reflns_obs            ? 
_refine_ls_shell.wR_factor_all                    ? 
_refine_ls_shell.wR_factor_obs                    ? 
_refine_ls_shell.wR_factor_R_free                 ? 
_refine_ls_shell.wR_factor_R_work                 ? 
_refine_ls_shell.pdbx_R_complete                  ? 
_refine_ls_shell.pdbx_total_number_of_bins_used   20 
_refine_ls_shell.pdbx_phase_error                 ? 
_refine_ls_shell.pdbx_fsc_work                    ? 
_refine_ls_shell.pdbx_fsc_free                    ? 
_refine_ls_shell.R_factor_R_free                  0.182 
# 
_struct.entry_id                     8H7E 
_struct.title                        
'Crystal structure of a de novo enzyme, ferric enterobactin esterase Syn-F4 (K4T) at 2.0 angstrom resolution' 
_struct.pdbx_model_details           ? 
_struct.pdbx_formula_weight          ? 
_struct.pdbx_formula_weight_method   ? 
_struct.pdbx_model_type_details      ? 
_struct.pdbx_CASP_flag               N 
# 
_struct_keywords.entry_id        8H7E 
_struct_keywords.text            
'Binary patterned library, De novo enzyme, Dimeric 4-helix bundle, Ferric enterobactin esterase, DE NOVO PROTEIN' 
_struct_keywords.pdbx_keywords   'DE NOVO PROTEIN' 
# 
loop_
_struct_asym.id 
_struct_asym.pdbx_blank_PDB_chainid_flag 
_struct_asym.pdbx_modified 
_struct_asym.entity_id 
_struct_asym.details 
A N N 1 ? 
B N N 1 ? 
C N N 2 ? 
D N N 3 ? 
E N N 3 ? 
# 
loop_
_struct_conf.conf_type_id 
_struct_conf.id 
_struct_conf.pdbx_PDB_helix_id 
_struct_conf.beg_label_comp_id 
_struct_conf.beg_label_asym_id 
_struct_conf.beg_label_seq_id 
_struct_conf.pdbx_beg_PDB_ins_code 
_struct_conf.end_label_comp_id 
_struct_conf.end_label_asym_id 
_struct_conf.end_label_seq_id 
_struct_conf.pdbx_end_PDB_ins_code 
_struct_conf.beg_auth_comp_id 
_struct_conf.beg_auth_asym_id 
_struct_conf.beg_auth_seq_id 
_struct_conf.end_auth_comp_id 
_struct_conf.end_auth_asym_id 
_struct_conf.end_auth_seq_id 
_struct_conf.pdbx_PDB_helix_class 
_struct_conf.details 
_struct_conf.pdbx_PDB_helix_length 
HELX_P HELX_P1 AA1 GLY A 3  ? MET A 48  ? GLY A 3  MET A 48  1 ? 46 
HELX_P HELX_P2 AA2 GLN A 58 ? HIS A 101 ? GLN A 58 HIS A 101 1 ? 44 
HELX_P HELX_P3 AA3 THR B 4  ? HIS B 46  ? THR B 4  HIS B 46  1 ? 43 
HELX_P HELX_P4 AA4 GLN B 58 ? HIS B 101 ? GLN B 58 HIS B 101 1 ? 44 
# 
_struct_conf_type.id          HELX_P 
_struct_conf_type.criteria    ? 
_struct_conf_type.reference   ? 
# 
_atom_sites.entry_id                    8H7E 
_atom_sites.Cartn_transf_matrix[1][1]   ? 
_atom_sites.Cartn_transf_matrix[1][2]   ? 
_atom_sites.Cartn_transf_matrix[1][3]   ? 
_atom_sites.Cartn_transf_matrix[2][1]   ? 
_atom_sites.Cartn_transf_matrix[2][2]   ? 
_atom_sites.Cartn_transf_matrix[2][3]   ? 
_atom_sites.Cartn_transf_matrix[3][1]   ? 
_atom_sites.Cartn_transf_matrix[3][2]   ? 
_atom_sites.Cartn_transf_matrix[3][3]   ? 
_atom_sites.Cartn_transf_vector[1]      ? 
_atom_sites.Cartn_transf_vector[2]      ? 
_atom_sites.Cartn_transf_vector[3]      ? 
_atom_sites.fract_transf_matrix[1][1]   -0.01320604 
_atom_sites.fract_transf_matrix[1][2]   -0.00512266 
_atom_sites.fract_transf_matrix[1][3]   -0.01566972 
_atom_sites.fract_transf_matrix[2][1]   0.00370769 
_atom_sites.fract_transf_matrix[2][2]   0.01388668 
_atom_sites.fract_transf_matrix[2][3]   -0.00766451 
_atom_sites.fract_transf_matrix[3][1]   0.00550049 
_atom_sites.fract_transf_matrix[3][2]   -0.00341161 
_atom_sites.fract_transf_matrix[3][3]   -0.00352036 
_atom_sites.fract_transf_vector[1]      0.248577 
_atom_sites.fract_transf_vector[2]      0.316501 
_atom_sites.fract_transf_vector[3]      0.455260 
_atom_sites.solution_primary            ? 
_atom_sites.solution_secondary          ? 
_atom_sites.solution_hydrogens          ? 
_atom_sites.special_details             ? 
# 
loop_
_atom_type.symbol 
C 
N 
O 
S 
# 
loop_
_atom_site.group_PDB 
_atom_site.id 
_atom_site.type_symbol 
_atom_site.label_atom_id 
_atom_site.label_alt_id 
_atom_site.label_comp_id 
_atom_site.label_asym_id 
_atom_site.label_entity_id 
_atom_site.label_seq_id 
_atom_site.pdbx_PDB_ins_code 
_atom_site.Cartn_x 
_atom_site.Cartn_y 
_atom_site.Cartn_z 
_atom_site.occupancy 
_atom_site.B_iso_or_equiv 
_atom_site.pdbx_formal_charge 
_atom_site.auth_seq_id 
_atom_site.auth_comp_id 
_atom_site.auth_asym_id 
_atom_site.auth_atom_id 
_atom_site.pdbx_PDB_model_num 
ATOM   1    N N   . GLY A 1 3   ? 11.118  -29.208 -12.263 1.00 48.72  ? 3   GLY A N   1 
ATOM   2    C CA  . GLY A 1 3   ? 10.656  -29.724 -10.934 1.00 49.96  ? 3   GLY A CA  1 
ATOM   3    C C   . GLY A 1 3   ? 9.654   -28.806 -10.250 1.00 49.87  ? 3   GLY A C   1 
ATOM   4    O O   . GLY A 1 3   ? 9.100   -27.888 -10.872 1.00 48.23  ? 3   GLY A O   1 
ATOM   5    N N   . THR A 1 4   ? 9.414   -29.064 -8.967  1.00 47.81  ? 4   THR A N   1 
ATOM   6    C CA  . THR A 1 4   ? 8.462   -28.272 -8.188  1.00 47.35  ? 4   THR A CA  1 
ATOM   7    C C   . THR A 1 4   ? 9.100   -26.947 -7.694  1.00 42.90  ? 4   THR A C   1 
ATOM   8    O O   . THR A 1 4   ? 8.385   -26.020 -7.351  1.00 39.62  ? 4   THR A O   1 
ATOM   9    C CB  . THR A 1 4   ? 7.821   -29.104 -7.039  1.00 49.82  ? 4   THR A CB  1 
ATOM   10   O OG1 . THR A 1 4   ? 6.571   -28.517 -6.659  1.00 52.76  ? 4   THR A OG1 1 
ATOM   11   C CG2 . THR A 1 4   ? 8.727   -29.217 -5.816  1.00 50.58  ? 4   THR A CG2 1 
ATOM   12   N N   . LEU A 1 5   ? 10.431  -26.874 -7.681  1.00 38.54  ? 5   LEU A N   1 
ATOM   13   C CA  . LEU A 1 5   ? 11.153  -25.623 -7.388  1.00 37.35  ? 5   LEU A CA  1 
ATOM   14   C C   . LEU A 1 5   ? 11.034  -24.628 -8.555  1.00 36.29  ? 5   LEU A C   1 
ATOM   15   O O   . LEU A 1 5   ? 10.962  -23.413 -8.351  1.00 31.82  ? 5   LEU A O   1 
ATOM   16   C CB  . LEU A 1 5   ? 12.632  -25.906 -7.072  1.00 39.96  ? 5   LEU A CB  1 
ATOM   17   C CG  . LEU A 1 5   ? 13.227  -25.233 -5.826  1.00 42.17  ? 5   LEU A CG  1 
ATOM   18   C CD1 . LEU A 1 5   ? 12.581  -25.733 -4.550  1.00 43.71  ? 5   LEU A CD1 1 
ATOM   19   C CD2 . LEU A 1 5   ? 14.722  -25.469 -5.746  1.00 42.85  ? 5   LEU A CD2 1 
ATOM   20   N N   . ASN A 1 6   ? 10.978  -25.160 -9.769  1.00 35.18  ? 6   ASN A N   1 
ATOM   21   C CA  . ASN A 1 6   ? 10.771  -24.352 -10.951 1.00 37.07  ? 6   ASN A CA  1 
ATOM   22   C C   . ASN A 1 6   ? 9.398   -23.673 -10.915 1.00 35.13  ? 6   ASN A C   1 
ATOM   23   O O   . ASN A 1 6   ? 9.303   -22.481 -11.228 1.00 32.33  ? 6   ASN A O   1 
ATOM   24   C CB  . ASN A 1 6   ? 10.913  -25.190 -12.228 1.00 42.60  ? 6   ASN A CB  1 
ATOM   25   C CG  . ASN A 1 6   ? 12.150  -26.085 -12.218 1.00 47.84  ? 6   ASN A CG  1 
ATOM   26   O OD1 . ASN A 1 6   ? 12.278  -26.979 -11.356 1.00 50.70  ? 6   ASN A OD1 1 
ATOM   27   N ND2 . ASN A 1 6   ? 13.060  -25.869 -13.173 1.00 49.60  ? 6   ASN A ND2 1 
ATOM   28   N N   . GLN A 1 7   ? 8.356   -24.409 -10.513 1.00 32.48  ? 7   GLN A N   1 
ATOM   29   C CA  . GLN A 1 7   ? 7.015   -23.821 -10.344 1.00 33.59  ? 7   GLN A CA  1 
ATOM   30   C C   . GLN A 1 7   ? 6.948   -22.869 -9.167  1.00 29.46  ? 7   GLN A C   1 
ATOM   31   O O   . GLN A 1 7   ? 6.182   -21.905 -9.217  1.00 26.12  ? 7   GLN A O   1 
ATOM   32   C CB  . GLN A 1 7   ? 5.876   -24.858 -10.246 1.00 35.46  ? 7   GLN A CB  1 
ATOM   33   C CG  . GLN A 1 7   ? 5.779   -25.652 -8.957  1.00 40.82  ? 7   GLN A CG  1 
ATOM   34   C CD  . GLN A 1 7   ? 4.671   -25.200 -8.001  1.00 45.58  ? 7   GLN A CD  1 
ATOM   35   O OE1 . GLN A 1 7   ? 4.664   -24.061 -7.512  1.00 48.78  ? 7   GLN A OE1 1 
ATOM   36   N NE2 . GLN A 1 7   ? 3.741   -26.112 -7.700  1.00 47.53  ? 7   GLN A NE2 1 
ATOM   37   N N   . LEU A 1 8   ? 7.717   -23.146 -8.117  1.00 27.59  ? 8   LEU A N   1 
ATOM   38   C CA  . LEU A 1 8   ? 7.838   -22.208 -7.023  1.00 28.53  ? 8   LEU A CA  1 
ATOM   39   C C   . LEU A 1 8   ? 8.336   -20.890 -7.567  1.00 25.72  ? 8   LEU A C   1 
ATOM   40   O O   . LEU A 1 8   ? 7.765   -19.854 -7.285  1.00 24.83  ? 8   LEU A O   1 
ATOM   41   C CB  . LEU A 1 8   ? 8.846   -22.671 -5.964  1.00 32.29  ? 8   LEU A CB  1 
ATOM   42   C CG  . LEU A 1 8   ? 8.495   -23.724 -4.924  1.00 35.56  ? 8   LEU A CG  1 
ATOM   43   C CD1 . LEU A 1 8   ? 9.583   -23.788 -3.868  1.00 35.85  ? 8   LEU A CD1 1 
ATOM   44   C CD2 . LEU A 1 8   ? 7.156   -23.427 -4.293  1.00 37.59  ? 8   LEU A CD2 1 
ATOM   45   N N   . PHE A 1 9   ? 9.431   -20.957 -8.310  1.00 24.51  ? 9   PHE A N   1 
ATOM   46   C CA  . PHE A 1 9   ? 10.037  -19.785 -8.889  1.00 25.40  ? 9   PHE A CA  1 
ATOM   47   C C   . PHE A 1 9   ? 9.076   -19.015 -9.825  1.00 23.51  ? 9   PHE A C   1 
ATOM   48   O O   . PHE A 1 9   ? 8.925   -17.815 -9.713  1.00 20.69  ? 9   PHE A O   1 
ATOM   49   C CB  . PHE A 1 9   ? 11.319  -20.140 -9.632  1.00 26.40  ? 9   PHE A CB  1 
ATOM   50   C CG  . PHE A 1 9   ? 11.863  -18.997 -10.404 1.00 27.57  ? 9   PHE A CG  1 
ATOM   51   C CD1 . PHE A 1 9   ? 12.534  -17.959 -9.748  1.00 28.29  ? 9   PHE A CD1 1 
ATOM   52   C CD2 . PHE A 1 9   ? 11.628  -18.891 -11.770 1.00 28.27  ? 9   PHE A CD2 1 
ATOM   53   C CE1 . PHE A 1 9   ? 13.000  -16.859 -10.461 1.00 29.18  ? 9   PHE A CE1 1 
ATOM   54   C CE2 . PHE A 1 9   ? 12.084  -17.795 -12.473 1.00 27.50  ? 9   PHE A CE2 1 
ATOM   55   C CZ  . PHE A 1 9   ? 12.780  -16.777 -11.822 1.00 28.00  ? 9   PHE A CZ  1 
ATOM   56   N N   . HIS A 1 10  ? 8.456   -19.727 -10.748 1.00 23.91  ? 10  HIS A N   1 
ATOM   57   C CA  . HIS A 1 10  ? 7.458   -19.151 -11.676 1.00 25.46  ? 10  HIS A CA  1 
ATOM   58   C C   . HIS A 1 10  ? 6.365   -18.391 -10.888 1.00 22.00  ? 10  HIS A C   1 
ATOM   59   O O   . HIS A 1 10  ? 6.042   -17.233 -11.184 1.00 20.79  ? 10  HIS A O   1 
ATOM   60   C CB  . HIS A 1 10  ? 6.865   -20.332 -12.465 1.00 29.18  ? 10  HIS A CB  1 
ATOM   61   C CG  . HIS A 1 10  ? 5.769   -19.986 -13.419 1.00 34.77  ? 10  HIS A CG  1 
ATOM   62   N ND1 . HIS A 1 10  ? 4.464   -19.792 -13.012 1.00 37.41  ? 10  HIS A ND1 1 
ATOM   63   C CD2 . HIS A 1 10  ? 5.757   -19.928 -14.773 1.00 36.43  ? 10  HIS A CD2 1 
ATOM   64   C CE1 . HIS A 1 10  ? 3.708   -19.570 -14.072 1.00 39.24  ? 10  HIS A CE1 1 
ATOM   65   N NE2 . HIS A 1 10  ? 4.466   -19.652 -15.153 1.00 40.38  ? 10  HIS A NE2 1 
ATOM   66   N N   . ASN A 1 11  ? 5.826   -19.050 -9.868  1.00 18.71  ? 11  ASN A N   1 
ATOM   67   C CA  . ASN A 1 11  ? 4.735   -18.494 -9.081  1.00 18.09  ? 11  ASN A CA  1 
ATOM   68   C C   . ASN A 1 11  ? 5.195   -17.249 -8.332  1.00 16.81  ? 11  ASN A C   1 
ATOM   69   O O   . ASN A 1 11  ? 4.530   -16.220 -8.404  1.00 14.99  ? 11  ASN A O   1 
ATOM   70   C CB  . ASN A 1 11  ? 4.215   -19.520 -8.069  1.00 19.57  ? 11  ASN A CB  1 
ATOM   71   C CG  . ASN A 1 11  ? 3.451   -20.673 -8.719  1.00 19.96  ? 11  ASN A CG  1 
ATOM   72   O OD1 . ASN A 1 11  ? 3.059   -20.623 -9.873  1.00 22.26  ? 11  ASN A OD1 1 
ATOM   73   N ND2 . ASN A 1 11  ? 3.220   -21.700 -7.951  1.00 21.04  ? 11  ASN A ND2 1 
ATOM   74   N N   . LEU A 1 12  ? 6.326   -17.348 -7.624  1.00 15.44  ? 12  LEU A N   1 
ATOM   75   C CA  . LEU A 1 12  ? 6.861   -16.186 -6.906  1.00 15.67  ? 12  LEU A CA  1 
ATOM   76   C C   . LEU A 1 12  ? 7.209   -15.028 -7.832  1.00 15.12  ? 12  LEU A C   1 
ATOM   77   O O   . LEU A 1 12  ? 6.965   -13.874 -7.488  1.00 13.84  ? 12  LEU A O   1 
ATOM   78   C CB  . LEU A 1 12  ? 8.094   -16.542 -6.070  1.00 15.34  ? 12  LEU A CB  1 
ATOM   79   C CG  . LEU A 1 12  ? 8.600   -15.439 -5.141  1.00 15.54  ? 12  LEU A CG  1 
ATOM   80   C CD1 . LEU A 1 12  ? 7.520   -14.985 -4.165  1.00 15.66  ? 12  LEU A CD1 1 
ATOM   81   C CD2 . LEU A 1 12  ? 9.801   -15.975 -4.363  1.00 15.59  ? 12  LEU A CD2 1 
ATOM   82   N N   . ASN A 1 13  ? 7.763   -15.342 -9.010  1.00 15.91  ? 13  ASN A N   1 
ATOM   83   C CA  . ASN A 1 13  ? 7.987   -14.331 -10.048 1.00 16.69  ? 13  ASN A CA  1 
ATOM   84   C C   . ASN A 1 13  ? 6.730   -13.523 -10.396 1.00 16.10  ? 13  ASN A C   1 
ATOM   85   O O   . ASN A 1 13  ? 6.768   -12.297 -10.432 1.00 17.29  ? 13  ASN A O   1 
ATOM   86   C CB  . ASN A 1 13  ? 8.564   -14.951 -11.330 1.00 18.56  ? 13  ASN A CB  1 
ATOM   87   C CG  . ASN A 1 13  ? 9.046   -13.890 -12.304 1.00 19.79  ? 13  ASN A CG  1 
ATOM   88   O OD1 . ASN A 1 13  ? 9.970   -13.148 -11.987 1.00 22.45  ? 13  ASN A OD1 1 
ATOM   89   N ND2 . ASN A 1 13  ? 8.380   -13.753 -13.431 1.00 20.99  ? 13  ASN A ND2 1 
ATOM   90   N N   . GLU A 1 14  ? 5.614   -14.200 -10.633 1.00 16.17  ? 14  GLU A N   1 
ATOM   91   C CA  . GLU A 1 14  ? 4.343   -13.518 -10.986 1.00 15.45  ? 14  GLU A CA  1 
ATOM   92   C C   . GLU A 1 14  ? 3.815   -12.679 -9.841  1.00 13.95  ? 14  GLU A C   1 
ATOM   93   O O   . GLU A 1 14  ? 3.335   -11.575 -10.058 1.00 13.66  ? 14  GLU A O   1 
ATOM   94   C CB  . GLU A 1 14  ? 3.273   -14.522 -11.385 1.00 16.30  ? 14  GLU A CB  1 
ATOM   95   C CG  . GLU A 1 14  ? 3.614   -15.245 -12.675 1.00 17.93  ? 14  GLU A CG  1 
ATOM   96   C CD  . GLU A 1 14  ? 2.508   -16.131 -13.168 1.00 19.55  ? 14  GLU A CD  1 
ATOM   97   O OE1 . GLU A 1 14  ? 2.692   -16.640 -14.292 1.00 21.91  ? 14  GLU A OE1 1 
ATOM   98   O OE2 . GLU A 1 14  ? 1.462   -16.286 -12.476 1.00 18.48  ? 14  GLU A OE2 1 
ATOM   99   N N   . ILE A 1 15  ? 3.952   -13.197 -8.622  1.00 13.62  ? 15  ILE A N   1 
ATOM   100  C CA  . ILE A 1 15  ? 3.547   -12.466 -7.425  1.00 13.88  ? 15  ILE A CA  1 
ATOM   101  C C   . ILE A 1 15  ? 4.327   -11.165 -7.267  1.00 13.35  ? 15  ILE A C   1 
ATOM   102  O O   . ILE A 1 15  ? 3.748   -10.127 -6.971  1.00 12.85  ? 15  ILE A O   1 
ATOM   103  C CB  . ILE A 1 15  ? 3.678   -13.314 -6.137  1.00 14.36  ? 15  ILE A CB  1 
ATOM   104  C CG1 . ILE A 1 15  ? 2.688   -14.482 -6.168  1.00 14.47  ? 15  ILE A CG1 1 
ATOM   105  C CG2 . ILE A 1 15  ? 3.439   -12.449 -4.899  1.00 14.61  ? 15  ILE A CG2 1 
ATOM   106  C CD1 . ILE A 1 15  ? 3.051   -15.589 -5.213  1.00 14.71  ? 15  ILE A CD1 1 
ATOM   107  N N   . VAL A 1 16  ? 5.638   -11.242 -7.428  1.00 14.42  ? 16  VAL A N   1 
ATOM   108  C CA  . VAL A 1 16  ? 6.510   -10.077 -7.320  1.00 14.68  ? 16  VAL A CA  1 
ATOM   109  C C   . VAL A 1 16  ? 6.249   -9.119  -8.473  1.00 15.44  ? 16  VAL A C   1 
ATOM   110  O O   . VAL A 1 16  ? 6.278   -7.914  -8.255  1.00 16.75  ? 16  VAL A O   1 
ATOM   111  C CB  . VAL A 1 16  ? 8.019   -10.466 -7.259  1.00 14.55  ? 16  VAL A CB  1 
ATOM   112  C CG1 . VAL A 1 16  ? 8.921   -9.261  -7.382  1.00 15.22  ? 16  VAL A CG1 1 
ATOM   113  C CG2 . VAL A 1 16  ? 8.304   -11.194 -5.946  1.00 14.77  ? 16  VAL A CG2 1 
ATOM   114  N N   . GLU A 1 17  ? 6.005   -9.641  -9.672  1.00 16.01  ? 17  GLU A N   1 
ATOM   115  C CA  . GLU A 1 17  ? 5.642   -8.794  -10.813 1.00 17.04  ? 17  GLU A CA  1 
ATOM   116  C C   . GLU A 1 17  ? 4.363   -8.032  -10.565 1.00 15.81  ? 17  GLU A C   1 
ATOM   117  O O   . GLU A 1 17  ? 4.262   -6.871  -10.928 1.00 14.83  ? 17  GLU A O   1 
ATOM   118  C CB  . GLU A 1 17  ? 5.478   -9.599  -12.093 1.00 19.11  ? 17  GLU A CB  1 
ATOM   119  C CG  . GLU A 1 17  ? 6.773   -10.101 -12.696 1.00 21.98  ? 17  GLU A CG  1 
ATOM   120  C CD  . GLU A 1 17  ? 6.539   -10.863 -14.010 1.00 26.99  ? 17  GLU A CD  1 
ATOM   121  O OE1 . GLU A 1 17  ? 5.395   -11.336 -14.269 1.00 26.56  ? 17  GLU A OE1 1 
ATOM   122  O OE2 . GLU A 1 17  ? 7.515   -10.968 -14.798 1.00 30.90  ? 17  GLU A OE2 1 
ATOM   123  N N   . ASP A 1 18  ? 3.388   -8.698  -9.955  1.00 15.38  ? 18  ASP A N   1 
ATOM   124  C CA  . ASP A 1 18  ? 2.127   -8.063  -9.608  1.00 15.20  ? 18  ASP A CA  1 
ATOM   125  C C   . ASP A 1 18  ? 2.215   -7.075  -8.448  1.00 15.52  ? 18  ASP A C   1 
ATOM   126  O O   . ASP A 1 18  ? 1.491   -6.095  -8.438  1.00 14.28  ? 18  ASP A O   1 
ATOM   127  C CB  . ASP A 1 18  ? 1.070   -9.124  -9.338  1.00 15.90  ? 18  ASP A CB  1 
ATOM   128  C CG  . ASP A 1 18  ? 0.665   -9.869  -10.599 1.00 16.80  ? 18  ASP A CG  1 
ATOM   129  O OD1 . ASP A 1 18  ? 0.968   -9.403  -11.722 1.00 16.12  ? 18  ASP A OD1 1 
ATOM   130  O OD2 . ASP A 1 18  ? 0.033   -10.926 -10.447 1.00 19.00  ? 18  ASP A OD2 1 
ATOM   131  N N   . LEU A 1 19  ? 3.102   -7.350  -7.484  1.00 15.89  ? 19  LEU A N   1 
ATOM   132  C CA  . LEU A 1 19  ? 3.430   -6.402  -6.435  1.00 18.27  ? 19  LEU A CA  1 
ATOM   133  C C   . LEU A 1 19  ? 3.977   -5.109  -7.035  1.00 17.35  ? 19  LEU A C   1 
ATOM   134  O O   . LEU A 1 19  ? 3.475   -4.044  -6.741  1.00 16.03  ? 19  LEU A O   1 
ATOM   135  C CB  . LEU A 1 19  ? 4.485   -6.999  -5.479  1.00 20.55  ? 19  LEU A CB  1 
ATOM   136  C CG  . LEU A 1 19  ? 4.542   -6.490  -4.053  1.00 22.90  ? 19  LEU A CG  1 
ATOM   137  C CD1 . LEU A 1 19  ? 3.194   -6.601  -3.358  1.00 24.90  ? 19  LEU A CD1 1 
ATOM   138  C CD2 . LEU A 1 19  ? 5.557   -7.333  -3.291  1.00 24.02  ? 19  LEU A CD2 1 
ATOM   139  N N   . ASN A 1 20  ? 4.979   -5.240  -7.901  1.00 17.24  ? 20  ASN A N   1 
ATOM   140  C CA  . ASN A 1 20  ? 5.628   -4.087  -8.562  1.00 17.84  ? 20  ASN A CA  1 
ATOM   141  C C   . ASN A 1 20  ? 4.605   -3.241  -9.343  1.00 16.46  ? 20  ASN A C   1 
ATOM   142  O O   . ASN A 1 20  ? 4.538   -2.041  -9.178  1.00 13.59  ? 20  ASN A O   1 
ATOM   143  C CB  . ASN A 1 20  ? 6.719   -4.578  -9.526  1.00 18.92  ? 20  ASN A CB  1 
ATOM   144  C CG  . ASN A 1 20  ? 7.342   -3.452  -10.326 1.00 20.62  ? 20  ASN A CG  1 
ATOM   145  O OD1 . ASN A 1 20  ? 8.044   -2.614  -9.766  1.00 23.98  ? 20  ASN A OD1 1 
ATOM   146  N ND2 . ASN A 1 20  ? 7.105   -3.427  -11.632 1.00 22.62  ? 20  ASN A ND2 1 
ATOM   147  N N   . LYS A 1 21  ? 3.810   -3.923  -10.172 1.00 15.71  ? 21  LYS A N   1 
ATOM   148  C CA  . LYS A 1 21  ? 2.744   -3.296  -10.949 1.00 17.59  ? 21  LYS A CA  1 
ATOM   149  C C   . LYS A 1 21  ? 1.746   -2.574  -10.046 1.00 16.75  ? 21  LYS A C   1 
ATOM   150  O O   . LYS A 1 21  ? 1.344   -1.469  -10.339 1.00 15.02  ? 21  LYS A O   1 
ATOM   151  C CB  . LYS A 1 21  ? 2.054   -4.337  -11.823 1.00 19.95  ? 21  LYS A CB  1 
ATOM   152  C CG  . LYS A 1 21  ? 0.710   -3.915  -12.432 1.00 24.12  ? 21  LYS A CG  1 
ATOM   153  C CD  . LYS A 1 21  ? -0.206  -5.095  -12.733 1.00 27.10  ? 21  LYS A CD  1 
ATOM   154  C CE  . LYS A 1 21  ? 0.210   -5.864  -13.986 1.00 29.72  ? 21  LYS A CE  1 
ATOM   155  N NZ  . LYS A 1 21  ? -0.975  -6.418  -14.740 1.00 28.84  ? 21  LYS A NZ  1 
ATOM   156  N N   . ASN A 1 22  ? 1.362   -3.181  -8.926  1.00 16.57  ? 22  ASN A N   1 
ATOM   157  C CA  . ASN A 1 22  ? 0.405   -2.531  -8.025  1.00 16.55  ? 22  ASN A CA  1 
ATOM   158  C C   . ASN A 1 22  ? 1.018   -1.387  -7.201  1.00 15.69  ? 22  ASN A C   1 
ATOM   159  O O   . ASN A 1 22  ? 0.341   -0.429  -6.891  1.00 15.46  ? 22  ASN A O   1 
ATOM   160  C CB  . ASN A 1 22  ? -0.305  -3.593  -7.156  1.00 18.23  ? 22  ASN A CB  1 
ATOM   161  C CG  . ASN A 1 22  ? -1.310  -4.401  -7.963  1.00 20.34  ? 22  ASN A CG  1 
ATOM   162  O OD1 . ASN A 1 22  ? -2.045  -3.840  -8.780  1.00 22.05  ? 22  ASN A OD1 1 
ATOM   163  N ND2 . ASN A 1 22  ? -1.317  -5.707  -7.783  1.00 21.17  ? 22  ASN A ND2 1 
ATOM   164  N N   . TRP A 1 23  ? 2.299   -1.477  -6.875  1.00 15.76  ? 23  TRP A N   1 
ATOM   165  C CA  . TRP A 1 23  ? 3.029   -0.371  -6.243  1.00 16.24  ? 23  TRP A CA  1 
ATOM   166  C C   . TRP A 1 23  ? 3.014   0.855   -7.183  1.00 14.88  ? 23  TRP A C   1 
ATOM   167  O O   . TRP A 1 23  ? 2.689   1.975   -6.752  1.00 14.70  ? 23  TRP A O   1 
ATOM   168  C CB  . TRP A 1 23  ? 4.477   -0.769  -5.878  1.00 17.22  ? 23  TRP A CB  1 
ATOM   169  C CG  . TRP A 1 23  ? 4.620   -1.589  -4.572  1.00 19.88  ? 23  TRP A CG  1 
ATOM   170  C CD1 . TRP A 1 23  ? 3.810   -1.505  -3.447  1.00 20.76  ? 23  TRP A CD1 1 
ATOM   171  C CD2 . TRP A 1 23  ? 5.619   -2.585  -4.262  1.00 19.71  ? 23  TRP A CD2 1 
ATOM   172  N NE1 . TRP A 1 23  ? 4.240   -2.400  -2.490  1.00 20.86  ? 23  TRP A NE1 1 
ATOM   173  C CE2 . TRP A 1 23  ? 5.363   -3.041  -2.948  1.00 20.13  ? 23  TRP A CE2 1 
ATOM   174  C CE3 . TRP A 1 23  ? 6.721   -3.111  -4.958  1.00 20.85  ? 23  TRP A CE3 1 
ATOM   175  C CZ2 . TRP A 1 23  ? 6.162   -3.993  -2.324  1.00 21.51  ? 23  TRP A CZ2 1 
ATOM   176  C CZ3 . TRP A 1 23  ? 7.513   -4.065  -4.340  1.00 20.96  ? 23  TRP A CZ3 1 
ATOM   177  C CH2 . TRP A 1 23  ? 7.232   -4.498  -3.039  1.00 21.73  ? 23  TRP A CH2 1 
ATOM   178  N N   . HIS A 1 24  ? 3.336   0.656   -8.453  1.00 13.04  ? 24  HIS A N   1 
ATOM   179  C CA  . HIS A 1 24  ? 3.275   1.783   -9.403  1.00 13.37  ? 24  HIS A CA  1 
ATOM   180  C C   . HIS A 1 24  ? 1.893   2.423   -9.500  1.00 13.61  ? 24  HIS A C   1 
ATOM   181  O O   . HIS A 1 24  ? 1.766   3.631   -9.507  1.00 13.24  ? 24  HIS A O   1 
ATOM   182  C CB  . HIS A 1 24  ? 3.769   1.357   -10.789 1.00 13.42  ? 24  HIS A CB  1 
ATOM   183  C CG  . HIS A 1 24  ? 5.250   1.159   -10.844 1.00 13.19  ? 24  HIS A CG  1 
ATOM   184  N ND1 . HIS A 1 24  ? 6.134   2.153   -10.482 1.00 12.85  ? 24  HIS A ND1 1 
ATOM   185  C CD2 . HIS A 1 24  ? 6.005   0.085   -11.175 1.00 12.66  ? 24  HIS A CD2 1 
ATOM   186  C CE1 . HIS A 1 24  ? 7.369   1.708   -10.608 1.00 12.35  ? 24  HIS A CE1 1 
ATOM   187  N NE2 . HIS A 1 24  ? 7.321   0.462   -11.043 1.00 12.62  ? 24  HIS A NE2 1 
ATOM   188  N N   . ARG A 1 25  ? 0.848   1.604   -9.558  1.00 14.50  ? 25  ARG A N   1 
ATOM   189  C CA  . ARG A 1 25  ? -0.528  2.134   -9.622  1.00 15.46  ? 25  ARG A CA  1 
ATOM   190  C C   . ARG A 1 25  ? -0.976  2.835   -8.358  1.00 15.34  ? 25  ARG A C   1 
ATOM   191  O O   . ARG A 1 25  ? -1.552  3.908   -8.406  1.00 15.93  ? 25  ARG A O   1 
ATOM   192  C CB  . ARG A 1 25  ? -1.488  0.982   -9.808  1.00 16.78  ? 25  ARG A CB  1 
ATOM   193  C CG  . ARG A 1 25  ? -1.432  0.332   -11.148 1.00 16.97  ? 25  ARG A CG  1 
ATOM   194  C CD  . ARG A 1 25  ? -2.279  -0.918  -11.014 1.00 17.49  ? 25  ARG A CD  1 
ATOM   195  N NE  . ARG A 1 25  ? -2.601  -1.436  -12.301 1.00 17.79  ? 25  ARG A NE  1 
ATOM   196  C CZ  . ARG A 1 25  ? -3.271  -2.556  -12.527 1.00 17.75  ? 25  ARG A CZ  1 
ATOM   197  N NH1 . ARG A 1 25  ? -3.640  -3.337  -11.532 1.00 17.87  ? 25  ARG A NH1 1 
ATOM   198  N NH2 . ARG A 1 25  ? -3.539  -2.888  -13.781 1.00 17.93  ? 25  ARG A NH2 1 
ATOM   199  N N   . GLU A 1 26  ? -0.720  2.195   -7.226  1.00 16.47  ? 26  GLU A N   1 
ATOM   200  C CA  . GLU A 1 26  ? -0.942  2.782   -5.913  1.00 18.29  ? 26  GLU A CA  1 
ATOM   201  C C   . GLU A 1 26  ? -0.257  4.175   -5.757  1.00 16.46  ? 26  GLU A C   1 
ATOM   202  O O   . GLU A 1 26  ? -0.878  5.144   -5.292  1.00 14.58  ? 26  GLU A O   1 
ATOM   203  C CB  . GLU A 1 26  ? -0.396  1.781   -4.899  1.00 22.04  ? 26  GLU A CB  1 
ATOM   204  C CG  . GLU A 1 26  ? -0.183  2.238   -3.499  1.00 27.14  ? 26  GLU A CG  1 
ATOM   205  C CD  . GLU A 1 26  ? 0.008   1.042   -2.574  1.00 30.36  ? 26  GLU A CD  1 
ATOM   206  O OE1 . GLU A 1 26  ? 0.882   0.172   -2.785  1.00 36.32  ? 26  GLU A OE1 1 
ATOM   207  O OE2 . GLU A 1 26  ? -0.759  0.937   -1.638  1.00 33.89  ? 26  GLU A OE2 1 
ATOM   208  N N   . ARG A 1 27  ? 1.027   4.240   -6.117  1.00 15.79  ? 27  ARG A N   1 
ATOM   209  C CA  . ARG A 1 27  ? 1.810   5.513   -6.118  1.00 14.36  ? 27  ARG A CA  1 
ATOM   210  C C   . ARG A 1 27  ? 1.096   6.607   -6.975  1.00 14.59  ? 27  ARG A C   1 
ATOM   211  O O   . ARG A 1 27  ? 0.833   7.702   -6.508  1.00 14.50  ? 27  ARG A O   1 
ATOM   212  C CB  . ARG A 1 27  ? 3.259   5.249   -6.607  1.00 13.42  ? 27  ARG A CB  1 
ATOM   213  C CG  . ARG A 1 27  ? 4.233   6.443   -6.447  1.00 12.46  ? 27  ARG A CG  1 
ATOM   214  C CD  . ARG A 1 27  ? 5.705   6.120   -6.765  1.00 11.78  ? 27  ARG A CD  1 
ATOM   215  N NE  . ARG A 1 27  ? 6.595   7.119   -6.132  1.00 11.15  ? 27  ARG A NE  1 
ATOM   216  C CZ  . ARG A 1 27  ? 6.790   8.360   -6.567  1.00 10.49  ? 27  ARG A CZ  1 
ATOM   217  N NH1 . ARG A 1 27  ? 6.246   8.757   -7.719  1.00 10.10  ? 27  ARG A NH1 1 
ATOM   218  N NH2 . ARG A 1 27  ? 7.597   9.199   -5.892  1.00 10.30  ? 27  ARG A NH2 1 
ATOM   219  N N   . ARG A 1 28  ? 0.739   6.279   -8.210  1.00 15.21  ? 28  ARG A N   1 
ATOM   220  C CA  . ARG A 1 28  ? 0.015   7.211   -9.059  1.00 15.63  ? 28  ARG A CA  1 
ATOM   221  C C   . ARG A 1 28  ? -1.335  7.670   -8.485  1.00 15.17  ? 28  ARG A C   1 
ATOM   222  O O   . ARG A 1 28  ? -1.615  8.867   -8.455  1.00 16.35  ? 28  ARG A O   1 
ATOM   223  C CB  . ARG A 1 28  ? -0.222  6.632   -10.477 1.00 15.77  ? 28  ARG A CB  1 
ATOM   224  C CG  . ARG A 1 28  ? -0.860  7.611   -11.447 1.00 16.18  ? 28  ARG A CG  1 
ATOM   225  C CD  . ARG A 1 28  ? -0.104  8.928   -11.453 1.00 18.05  ? 28  ARG A CD  1 
ATOM   226  N NE  . ARG A 1 28  ? -0.602  9.910   -12.400 1.00 20.15  ? 28  ARG A NE  1 
ATOM   227  C CZ  . ARG A 1 28  ? -0.300  9.938   -13.694 1.00 21.58  ? 28  ARG A CZ  1 
ATOM   228  N NH1 . ARG A 1 28  ? 0.469   9.007   -14.236 1.00 22.11  ? 28  ARG A NH1 1 
ATOM   229  N NH2 . ARG A 1 28  ? -0.808  10.901  -14.465 1.00 23.49  ? 28  ARG A NH2 1 
ATOM   230  N N   . THR A 1 29  ? -2.158  6.723   -8.072  1.00 15.18  ? 29  THR A N   1 
ATOM   231  C CA  . THR A 1 29  ? -3.456  7.037   -7.460  1.00 15.89  ? 29  THR A CA  1 
ATOM   232  C C   . THR A 1 29  ? -3.346  8.004   -6.281  1.00 15.62  ? 29  THR A C   1 
ATOM   233  O O   . THR A 1 29  ? -4.048  9.022   -6.235  1.00 15.23  ? 29  THR A O   1 
ATOM   234  C CB  . THR A 1 29  ? -4.178  5.753   -7.057  1.00 16.12  ? 29  THR A CB  1 
ATOM   235  O OG1 . THR A 1 29  ? -4.471  5.059   -8.255  1.00 15.16  ? 29  THR A OG1 1 
ATOM   236  C CG2 . THR A 1 29  ? -5.468  6.016   -6.336  1.00 16.80  ? 29  THR A CG2 1 
ATOM   237  N N   . LEU A 1 30  ? -2.447  7.711   -5.351  1.00 14.76  ? 30  LEU A N   1 
ATOM   238  C CA  . LEU A 1 30  ? -2.347  8.543   -4.154  1.00 14.86  ? 30  LEU A CA  1 
ATOM   239  C C   . LEU A 1 30  ? -1.647  9.838   -4.411  1.00 13.93  ? 30  LEU A C   1 
ATOM   240  O O   . LEU A 1 30  ? -1.999  10.809  -3.752  1.00 13.80  ? 30  LEU A O   1 
ATOM   241  C CB  . LEU A 1 30  ? -1.706  7.802   -2.973  1.00 16.28  ? 30  LEU A CB  1 
ATOM   242  C CG  . LEU A 1 30  ? -2.525  6.642   -2.433  1.00 17.85  ? 30  LEU A CG  1 
ATOM   243  C CD1 . LEU A 1 30  ? -1.819  5.951   -1.284  1.00 19.83  ? 30  LEU A CD1 1 
ATOM   244  C CD2 . LEU A 1 30  ? -3.909  7.119   -2.015  1.00 18.73  ? 30  LEU A CD2 1 
ATOM   245  N N   . HIS A 1 31  ? -0.691  9.883   -5.352  1.00 14.35  ? 31  HIS A N   1 
ATOM   246  C CA  . HIS A 1 31  ? -0.077  11.193  -5.758  1.00 14.77  ? 31  HIS A CA  1 
ATOM   247  C C   . HIS A 1 31  ? -1.082  12.112  -6.455  1.00 16.52  ? 31  HIS A C   1 
ATOM   248  O O   . HIS A 1 31  ? -1.042  13.320  -6.256  1.00 17.23  ? 31  HIS A O   1 
ATOM   249  C CB  . HIS A 1 31  ? 1.184   11.009  -6.638  1.00 15.45  ? 31  HIS A CB  1 
ATOM   250  C CG  . HIS A 1 31  ? 2.431   10.698  -5.860  1.00 16.56  ? 31  HIS A CG  1 
ATOM   251  N ND1 . HIS A 1 31  ? 3.527   11.542  -5.828  1.00 19.00  ? 31  HIS A ND1 1 
ATOM   252  C CD2 . HIS A 1 31  ? 2.754   9.640   -5.086  1.00 17.01  ? 31  HIS A CD2 1 
ATOM   253  C CE1 . HIS A 1 31  ? 4.464   11.015  -5.058  1.00 18.32  ? 31  HIS A CE1 1 
ATOM   254  N NE2 . HIS A 1 31  ? 4.016   9.861   -4.597  1.00 18.32  ? 31  HIS A NE2 1 
ATOM   255  N N   . ASP A 1 32  ? -1.936  11.543  -7.322  1.00 17.64  ? 32  ASP A N   1 
ATOM   256  C CA  . ASP A 1 32  ? -3.036  12.289  -7.948  1.00 18.91  ? 32  ASP A CA  1 
ATOM   257  C C   . ASP A 1 32  ? -4.007  12.789  -6.858  1.00 20.43  ? 32  ASP A C   1 
ATOM   258  O O   . ASP A 1 32  ? -4.460  13.931  -6.893  1.00 21.85  ? 32  ASP A O   1 
ATOM   259  C CB  . ASP A 1 32  ? -3.810  11.415  -8.950  1.00 18.96  ? 32  ASP A CB  1 
ATOM   260  C CG  . ASP A 1 32  ? -3.038  11.119  -10.250 1.00 18.28  ? 32  ASP A CG  1 
ATOM   261  O OD1 . ASP A 1 32  ? -2.012  11.701  -10.551 1.00 17.92  ? 32  ASP A OD1 1 
ATOM   262  O OD2 . ASP A 1 32  ? -3.488  10.249  -11.008 1.00 19.42  ? 32  ASP A OD2 1 
ATOM   263  N N   . PHE A 1 33  ? -4.325  11.924  -5.900  1.00 20.43  ? 33  PHE A N   1 
ATOM   264  C CA  . PHE A 1 33  ? -5.124  12.297  -4.735  1.00 20.94  ? 33  PHE A CA  1 
ATOM   265  C C   . PHE A 1 33  ? -4.529  13.458  -3.949  1.00 21.56  ? 33  PHE A C   1 
ATOM   266  O O   . PHE A 1 33  ? -5.265  14.366  -3.513  1.00 21.70  ? 33  PHE A O   1 
ATOM   267  C CB  . PHE A 1 33  ? -5.284  11.063  -3.841  1.00 21.18  ? 33  PHE A CB  1 
ATOM   268  C CG  . PHE A 1 33  ? -6.112  11.281  -2.628  1.00 21.91  ? 33  PHE A CG  1 
ATOM   269  C CD1 . PHE A 1 33  ? -7.469  11.032  -2.652  1.00 23.96  ? 33  PHE A CD1 1 
ATOM   270  C CD2 . PHE A 1 33  ? -5.525  11.668  -1.437  1.00 22.97  ? 33  PHE A CD2 1 
ATOM   271  C CE1 . PHE A 1 33  ? -8.226  11.203  -1.515  1.00 23.65  ? 33  PHE A CE1 1 
ATOM   272  C CE2 . PHE A 1 33  ? -6.279  11.847  -0.304  1.00 23.23  ? 33  PHE A CE2 1 
ATOM   273  C CZ  . PHE A 1 33  ? -7.634  11.612  -0.344  1.00 22.83  ? 33  PHE A CZ  1 
ATOM   274  N N   . ALA A 1 34  ? -3.215  13.417  -3.717  1.00 21.94  ? 34  ALA A N   1 
ATOM   275  C CA  . ALA A 1 34  ? -2.523  14.512  -3.035  1.00 22.23  ? 34  ALA A CA  1 
ATOM   276  C C   . ALA A 1 34  ? -2.605  15.832  -3.800  1.00 22.57  ? 34  ALA A C   1 
ATOM   277  O O   . ALA A 1 34  ? -2.747  16.890  -3.197  1.00 24.24  ? 34  ALA A O   1 
ATOM   278  C CB  . ALA A 1 34  ? -1.061  14.159  -2.793  1.00 21.82  ? 34  ALA A CB  1 
ATOM   279  N N   . ASP A 1 35  ? -2.456  15.770  -5.118  1.00 24.88  ? 35  ASP A N   1 
ATOM   280  C CA  . ASP A 1 35  ? -2.583  16.941  -5.990  1.00 26.61  ? 35  ASP A CA  1 
ATOM   281  C C   . ASP A 1 35  ? -3.992  17.557  -5.865  1.00 28.79  ? 35  ASP A C   1 
ATOM   282  O O   . ASP A 1 35  ? -4.147  18.765  -5.703  1.00 30.15  ? 35  ASP A O   1 
ATOM   283  C CB  . ASP A 1 35  ? -2.331  16.554  -7.457  1.00 28.56  ? 35  ASP A CB  1 
ATOM   284  C CG  . ASP A 1 35  ? -0.851  16.258  -7.776  1.00 29.48  ? 35  ASP A CG  1 
ATOM   285  O OD1 . ASP A 1 35  ? 0.053   16.615  -7.001  1.00 31.53  ? 35  ASP A OD1 1 
ATOM   286  O OD2 . ASP A 1 35  ? -0.599  15.670  -8.852  1.00 32.33  ? 35  ASP A OD2 1 
ATOM   287  N N   . GLU A 1 36  ? -5.010  16.706  -5.929  1.00 30.07  ? 36  GLU A N   1 
ATOM   288  C CA  . GLU A 1 36  ? -6.378  17.140  -5.710  1.00 31.47  ? 36  GLU A CA  1 
ATOM   289  C C   . GLU A 1 36  ? -6.642  17.731  -4.336  1.00 31.44  ? 36  GLU A C   1 
ATOM   290  O O   . GLU A 1 36  ? -7.413  18.689  -4.212  1.00 30.44  ? 36  GLU A O   1 
ATOM   291  C CB  . GLU A 1 36  ? -7.342  16.005  -5.946  1.00 32.19  ? 36  GLU A CB  1 
ATOM   292  C CG  . GLU A 1 36  ? -7.458  15.645  -7.405  1.00 36.69  ? 36  GLU A CG  1 
ATOM   293  C CD  . GLU A 1 36  ? -8.686  14.824  -7.664  1.00 40.50  ? 36  GLU A CD  1 
ATOM   294  O OE1 . GLU A 1 36  ? -9.808  15.346  -7.440  1.00 43.17  ? 36  GLU A OE1 1 
ATOM   295  O OE2 . GLU A 1 36  ? -8.528  13.652  -8.062  1.00 44.69  ? 36  GLU A OE2 1 
ATOM   296  N N   . LEU A 1 37  ? -6.062  17.123  -3.303  1.00 31.20  ? 37  LEU A N   1 
ATOM   297  C CA  . LEU A 1 37  ? -6.182  17.653  -1.952  1.00 30.86  ? 37  LEU A CA  1 
ATOM   298  C C   . LEU A 1 37  ? -5.491  19.024  -1.846  1.00 32.21  ? 37  LEU A C   1 
ATOM   299  O O   . LEU A 1 37  ? -6.020  19.942  -1.222  1.00 30.46  ? 37  LEU A O   1 
ATOM   300  C CB  . LEU A 1 37  ? -5.575  16.675  -0.941  1.00 31.12  ? 37  LEU A CB  1 
ATOM   301  C CG  . LEU A 1 37  ? -5.623  17.096  0.528   1.00 30.79  ? 37  LEU A CG  1 
ATOM   302  C CD1 . LEU A 1 37  ? -7.059  17.318  0.993   1.00 30.51  ? 37  LEU A CD1 1 
ATOM   303  C CD2 . LEU A 1 37  ? -4.924  16.050  1.381   1.00 30.63  ? 37  LEU A CD2 1 
ATOM   304  N N   . HIS A 1 38  ? -4.313  19.144  -2.458  1.00 34.22  ? 38  HIS A N   1 
ATOM   305  C CA  . HIS A 1 38  ? -3.573  20.403  -2.481  1.00 35.55  ? 38  HIS A CA  1 
ATOM   306  C C   . HIS A 1 38  ? -4.393  21.478  -3.166  1.00 36.16  ? 38  HIS A C   1 
ATOM   307  O O   . HIS A 1 38  ? -4.527  22.581  -2.649  1.00 37.39  ? 38  HIS A O   1 
ATOM   308  C CB  . HIS A 1 38  ? -2.226  20.247  -3.185  1.00 36.28  ? 38  HIS A CB  1 
ATOM   309  C CG  . HIS A 1 38  ? -1.283  21.372  -2.914  1.00 38.56  ? 38  HIS A CG  1 
ATOM   310  N ND1 . HIS A 1 38  ? -0.246  21.271  -2.015  1.00 40.36  ? 38  HIS A ND1 1 
ATOM   311  C CD2 . HIS A 1 38  ? -1.236  22.635  -3.403  1.00 39.92  ? 38  HIS A CD2 1 
ATOM   312  C CE1 . HIS A 1 38  ? 0.399   22.420  -1.950  1.00 40.78  ? 38  HIS A CE1 1 
ATOM   313  N NE2 . HIS A 1 38  ? -0.178  23.264  -2.791  1.00 42.61  ? 38  HIS A NE2 1 
ATOM   314  N N   . GLN A 1 39  ? -4.929  21.133  -4.331  1.00 38.55  ? 39  GLN A N   1 
ATOM   315  C CA  . GLN A 1 39  ? -5.940  21.933  -5.018  1.00 42.51  ? 39  GLN A CA  1 
ATOM   316  C C   . GLN A 1 39  ? -6.974  22.494  -4.037  1.00 43.95  ? 39  GLN A C   1 
ATOM   317  O O   . GLN A 1 39  ? -7.217  23.697  -3.992  1.00 43.34  ? 39  GLN A O   1 
ATOM   318  C CB  . GLN A 1 39  ? -6.667  21.075  -6.051  1.00 43.63  ? 39  GLN A CB  1 
ATOM   319  C CG  . GLN A 1 39  ? -6.744  21.647  -7.437  1.00 45.57  ? 39  GLN A CG  1 
ATOM   320  C CD  . GLN A 1 39  ? -7.521  20.717  -8.350  1.00 50.29  ? 39  GLN A CD  1 
ATOM   321  O OE1 . GLN A 1 39  ? -8.746  20.661  -8.287  1.00 50.02  ? 39  GLN A OE1 1 
ATOM   322  N NE2 . GLN A 1 39  ? -6.812  19.952  -9.178  1.00 55.55  ? 39  GLN A NE2 1 
ATOM   323  N N   . LEU A 1 40  ? -7.565  21.606  -3.244  1.00 43.91  ? 40  LEU A N   1 
ATOM   324  C CA  . LEU A 1 40  ? -8.619  21.989  -2.307  1.00 41.85  ? 40  LEU A CA  1 
ATOM   325  C C   . LEU A 1 40  ? -8.106  22.955  -1.216  1.00 42.75  ? 40  LEU A C   1 
ATOM   326  O O   . LEU A 1 40  ? -8.771  23.940  -0.912  1.00 41.21  ? 40  LEU A O   1 
ATOM   327  C CB  . LEU A 1 40  ? -9.258  20.729  -1.724  1.00 41.31  ? 40  LEU A CB  1 
ATOM   328  C CG  . LEU A 1 40  ? -10.490 20.840  -0.829  1.00 41.41  ? 40  LEU A CG  1 
ATOM   329  C CD1 . LEU A 1 40  ? -11.633 21.563  -1.512  1.00 40.51  ? 40  LEU A CD1 1 
ATOM   330  C CD2 . LEU A 1 40  ? -10.915 19.445  -0.408  1.00 41.79  ? 40  LEU A CD2 1 
ATOM   331  N N   . VAL A 1 41  ? -6.913  22.688  -0.679  1.00 43.04  ? 41  VAL A N   1 
ATOM   332  C CA  . VAL A 1 41  ? -6.341  23.455  0.441   1.00 47.48  ? 41  VAL A CA  1 
ATOM   333  C C   . VAL A 1 41  ? -6.177  24.910  0.061   1.00 54.34  ? 41  VAL A C   1 
ATOM   334  O O   . VAL A 1 41  ? -6.630  25.811  0.769   1.00 56.07  ? 41  VAL A O   1 
ATOM   335  C CB  . VAL A 1 41  ? -4.943  22.922  0.856   1.00 45.71  ? 41  VAL A CB  1 
ATOM   336  C CG1 . VAL A 1 41  ? -4.187  23.911  1.758   1.00 47.71  ? 41  VAL A CG1 1 
ATOM   337  C CG2 . VAL A 1 41  ? -5.056  21.575  1.552   1.00 45.40  ? 41  VAL A CG2 1 
ATOM   338  N N   . LYS A 1 42  ? -5.495  25.126  -1.052  1.00 62.23  ? 42  LYS A N   1 
ATOM   339  C CA  . LYS A 1 42  ? -5.200  26.472  -1.493  1.00 64.12  ? 42  LYS A CA  1 
ATOM   340  C C   . LYS A 1 42  ? -6.485  27.235  -1.809  1.00 63.58  ? 42  LYS A C   1 
ATOM   341  O O   . LYS A 1 42  ? -6.588  28.390  -1.411  1.00 65.79  ? 42  LYS A O   1 
ATOM   342  C CB  . LYS A 1 42  ? -4.187  26.465  -2.654  1.00 65.13  ? 42  LYS A CB  1 
ATOM   343  C CG  . LYS A 1 42  ? -2.772  25.991  -2.263  1.00 65.38  ? 42  LYS A CG  1 
ATOM   344  C CD  . LYS A 1 42  ? -2.192  26.645  -1.002  1.00 62.05  ? 42  LYS A CD  1 
ATOM   345  C CE  . LYS A 1 42  ? -0.752  26.240  -0.713  1.00 61.40  ? 42  LYS A CE  1 
ATOM   346  N NZ  . LYS A 1 42  ? 0.271   27.187  -1.240  1.00 59.45  ? 42  LYS A NZ  1 
ATOM   347  N N   . HIS A 1 43  ? -7.476  26.593  -2.438  1.00 61.79  ? 43  HIS A N   1 
ATOM   348  C CA  . HIS A 1 43  ? -8.770  27.258  -2.702  1.00 63.29  ? 43  HIS A CA  1 
ATOM   349  C C   . HIS A 1 43  ? -9.472  27.663  -1.402  1.00 64.49  ? 43  HIS A C   1 
ATOM   350  O O   . HIS A 1 43  ? -9.843  28.820  -1.219  1.00 60.92  ? 43  HIS A O   1 
ATOM   351  C CB  . HIS A 1 43  ? -9.698  26.389  -3.546  1.00 63.99  ? 43  HIS A CB  1 
ATOM   352  C CG  . HIS A 1 43  ? -9.184  26.128  -4.926  1.00 72.00  ? 43  HIS A CG  1 
ATOM   353  N ND1 . HIS A 1 43  ? -9.562  25.029  -5.668  1.00 77.05  ? 43  HIS A ND1 1 
ATOM   354  C CD2 . HIS A 1 43  ? -8.300  26.812  -5.693  1.00 73.67  ? 43  HIS A CD2 1 
ATOM   355  C CE1 . HIS A 1 43  ? -8.945  25.055  -6.837  1.00 75.34  ? 43  HIS A CE1 1 
ATOM   356  N NE2 . HIS A 1 43  ? -8.172  26.125  -6.876  1.00 74.06  ? 43  HIS A NE2 1 
ATOM   357  N N   . VAL A 1 44  ? -9.614  26.712  -0.487  1.00 66.20  ? 44  VAL A N   1 
ATOM   358  C CA  . VAL A 1 44  ? -10.134 27.008  0.853   1.00 65.68  ? 44  VAL A CA  1 
ATOM   359  C C   . VAL A 1 44  ? -9.351  28.178  1.493   1.00 71.48  ? 44  VAL A C   1 
ATOM   360  O O   . VAL A 1 44  ? -9.964  29.105  2.025   1.00 74.61  ? 44  VAL A O   1 
ATOM   361  C CB  . VAL A 1 44  ? -10.133 25.738  1.743   1.00 61.73  ? 44  VAL A CB  1 
ATOM   362  C CG1 . VAL A 1 44  ? -10.315 26.071  3.217   1.00 62.01  ? 44  VAL A CG1 1 
ATOM   363  C CG2 . VAL A 1 44  ? -11.223 24.772  1.289   1.00 58.84  ? 44  VAL A CG2 1 
ATOM   364  N N   . HIS A 1 45  ? -8.017  28.144  1.403   1.00 76.64  ? 45  HIS A N   1 
ATOM   365  C CA  . HIS A 1 45  ? -7.158  29.231  1.908   1.00 78.06  ? 45  HIS A CA  1 
ATOM   366  C C   . HIS A 1 45  ? -7.325  30.567  1.159   1.00 77.57  ? 45  HIS A C   1 
ATOM   367  O O   . HIS A 1 45  ? -7.159  31.629  1.767   1.00 73.78  ? 45  HIS A O   1 
ATOM   368  C CB  . HIS A 1 45  ? -5.681  28.807  1.915   1.00 82.68  ? 45  HIS A CB  1 
ATOM   369  C CG  . HIS A 1 45  ? -4.770  29.802  2.570   1.00 90.18  ? 45  HIS A CG  1 
ATOM   370  N ND1 . HIS A 1 45  ? -3.682  30.354  1.925   1.00 94.55  ? 45  HIS A ND1 1 
ATOM   371  C CD2 . HIS A 1 45  ? -4.801  30.366  3.802   1.00 92.92  ? 45  HIS A CD2 1 
ATOM   372  C CE1 . HIS A 1 45  ? -3.075  31.204  2.735   1.00 94.06  ? 45  HIS A CE1 1 
ATOM   373  N NE2 . HIS A 1 45  ? -3.735  31.230  3.880   1.00 93.85  ? 45  HIS A NE2 1 
ATOM   374  N N   . HIS A 1 46  ? -7.633  30.522  -0.143  1.00 81.48  ? 46  HIS A N   1 
ATOM   375  C CA  . HIS A 1 46  ? -7.986  31.738  -0.901  1.00 81.47  ? 46  HIS A CA  1 
ATOM   376  C C   . HIS A 1 46  ? -9.252  32.330  -0.294  1.00 80.12  ? 46  HIS A C   1 
ATOM   377  O O   . HIS A 1 46  ? -9.262  33.469  0.174   1.00 75.04  ? 46  HIS A O   1 
ATOM   378  C CB  . HIS A 1 46  ? -8.267  31.468  -2.393  1.00 82.75  ? 46  HIS A CB  1 
ATOM   379  C CG  . HIS A 1 46  ? -7.090  30.977  -3.182  1.00 87.28  ? 46  HIS A CG  1 
ATOM   380  N ND1 . HIS A 1 46  ? -7.231  30.405  -4.431  1.00 87.41  ? 46  HIS A ND1 1 
ATOM   381  C CD2 . HIS A 1 46  ? -5.763  30.963  -2.910  1.00 88.10  ? 46  HIS A CD2 1 
ATOM   382  C CE1 . HIS A 1 46  ? -6.042  30.065  -4.894  1.00 87.09  ? 46  HIS A CE1 1 
ATOM   383  N NE2 . HIS A 1 46  ? -5.134  30.389  -3.990  1.00 87.56  ? 46  HIS A NE2 1 
ATOM   384  N N   . PHE A 1 47  ? -10.302 31.514  -0.296  1.00 80.33  ? 47  PHE A N   1 
ATOM   385  C CA  . PHE A 1 47  ? -11.650 31.904  0.109   1.00 80.56  ? 47  PHE A CA  1 
ATOM   386  C C   . PHE A 1 47  ? -11.676 32.578  1.489   1.00 80.01  ? 47  PHE A C   1 
ATOM   387  O O   . PHE A 1 47  ? -12.266 33.652  1.648   1.00 75.54  ? 47  PHE A O   1 
ATOM   388  C CB  . PHE A 1 47  ? -12.552 30.659  0.069   1.00 81.63  ? 47  PHE A CB  1 
ATOM   389  C CG  . PHE A 1 47  ? -13.905 30.857  0.679   1.00 82.94  ? 47  PHE A CG  1 
ATOM   390  C CD1 . PHE A 1 47  ? -14.110 30.601  2.036   1.00 83.15  ? 47  PHE A CD1 1 
ATOM   391  C CD2 . PHE A 1 47  ? -14.975 31.282  -0.095  1.00 81.51  ? 47  PHE A CD2 1 
ATOM   392  C CE1 . PHE A 1 47  ? -15.357 30.780  2.612   1.00 83.03  ? 47  PHE A CE1 1 
ATOM   393  C CE2 . PHE A 1 47  ? -16.229 31.460  0.474   1.00 85.24  ? 47  PHE A CE2 1 
ATOM   394  C CZ  . PHE A 1 47  ? -16.419 31.209  1.830   1.00 84.81  ? 47  PHE A CZ  1 
ATOM   395  N N   . MET A 1 48  ? -11.025 31.945  2.465   1.00 79.96  ? 48  MET A N   1 
ATOM   396  C CA  . MET A 1 48  ? -10.935 32.480  3.828   1.00 83.86  ? 48  MET A CA  1 
ATOM   397  C C   . MET A 1 48  ? -10.304 33.877  3.850   1.00 82.73  ? 48  MET A C   1 
ATOM   398  O O   . MET A 1 48  ? -9.348  34.150  3.126   1.00 84.26  ? 48  MET A O   1 
ATOM   399  C CB  . MET A 1 48  ? -10.124 31.532  4.723   1.00 86.09  ? 48  MET A CB  1 
ATOM   400  C CG  . MET A 1 48  ? -10.044 31.962  6.183   1.00 88.90  ? 48  MET A CG  1 
ATOM   401  S SD  . MET A 1 48  ? -9.023  30.888  7.205   1.00 90.31  ? 48  MET A SD  1 
ATOM   402  C CE  . MET A 1 48  ? -7.367  31.323  6.675   1.00 89.38  ? 48  MET A CE  1 
ATOM   403  N N   . LEU A 1 57  ? -14.348 28.517  11.463  1.00 76.46  ? 57  LEU A N   1 
ATOM   404  C CA  . LEU A 1 57  ? -13.884 29.608  10.625  1.00 80.03  ? 57  LEU A CA  1 
ATOM   405  C C   . LEU A 1 57  ? -12.570 29.203  9.928   1.00 83.26  ? 57  LEU A C   1 
ATOM   406  O O   . LEU A 1 57  ? -12.588 28.799  8.762   1.00 83.40  ? 57  LEU A O   1 
ATOM   407  C CB  . LEU A 1 57  ? -13.762 30.892  11.472  1.00 81.48  ? 57  LEU A CB  1 
ATOM   408  C CG  . LEU A 1 57  ? -13.360 32.235  10.836  1.00 82.43  ? 57  LEU A CG  1 
ATOM   409  C CD1 . LEU A 1 57  ? -13.888 33.398  11.673  1.00 82.03  ? 57  LEU A CD1 1 
ATOM   410  C CD2 . LEU A 1 57  ? -11.856 32.369  10.635  1.00 80.80  ? 57  LEU A CD2 1 
ATOM   411  N N   . GLN A 1 58  ? -11.457 29.283  10.661  1.00 84.29  ? 58  GLN A N   1 
ATOM   412  C CA  . GLN A 1 58  ? -10.098 29.005  10.160  1.00 81.05  ? 58  GLN A CA  1 
ATOM   413  C C   . GLN A 1 58  ? -9.600  27.617  10.592  1.00 77.99  ? 58  GLN A C   1 
ATOM   414  O O   . GLN A 1 58  ? -8.595  27.127  10.076  1.00 74.36  ? 58  GLN A O   1 
ATOM   415  C CB  . GLN A 1 58  ? -9.154  30.091  10.701  1.00 82.91  ? 58  GLN A CB  1 
ATOM   416  C CG  . GLN A 1 58  ? -7.700  30.060  10.238  1.00 82.02  ? 58  GLN A CG  1 
ATOM   417  C CD  . GLN A 1 58  ? -6.729  30.266  11.382  1.00 80.47  ? 58  GLN A CD  1 
ATOM   418  O OE1 . GLN A 1 58  ? -6.909  31.163  12.203  1.00 86.45  ? 58  GLN A OE1 1 
ATOM   419  N NE2 . GLN A 1 58  ? -5.693  29.440  11.442  1.00 78.92  ? 58  GLN A NE2 1 
ATOM   420  N N   . ASP A 1 59  ? -10.293 27.004  11.553  1.00 76.40  ? 59  ASP A N   1 
ATOM   421  C CA  . ASP A 1 59  ? -10.071 25.613  11.953  1.00 72.52  ? 59  ASP A CA  1 
ATOM   422  C C   . ASP A 1 59  ? -10.020 24.649  10.753  1.00 68.60  ? 59  ASP A C   1 
ATOM   423  O O   . ASP A 1 59  ? -9.234  23.702  10.754  1.00 67.72  ? 59  ASP A O   1 
ATOM   424  C CB  . ASP A 1 59  ? -11.180 25.189  12.932  1.00 73.77  ? 59  ASP A CB  1 
ATOM   425  C CG  . ASP A 1 59  ? -10.978 23.799  13.501  1.00 75.00  ? 59  ASP A CG  1 
ATOM   426  O OD1 . ASP A 1 59  ? -9.818  23.368  13.667  1.00 77.69  ? 59  ASP A OD1 1 
ATOM   427  O OD2 . ASP A 1 59  ? -11.995 23.135  13.794  1.00 77.11  ? 59  ASP A OD2 1 
ATOM   428  N N   . ILE A 1 60  ? -10.841 24.908  9.735   1.00 63.83  ? 60  ILE A N   1 
ATOM   429  C CA  . ILE A 1 60  ? -10.898 24.069  8.526   1.00 62.22  ? 60  ILE A CA  1 
ATOM   430  C C   . ILE A 1 60  ? -9.595  24.106  7.702   1.00 62.63  ? 60  ILE A C   1 
ATOM   431  O O   . ILE A 1 60  ? -9.153  23.069  7.196   1.00 64.40  ? 60  ILE A O   1 
ATOM   432  C CB  . ILE A 1 60  ? -12.131 24.427  7.656   1.00 58.80  ? 60  ILE A CB  1 
ATOM   433  C CG1 . ILE A 1 60  ? -13.421 24.050  8.398   1.00 59.97  ? 60  ILE A CG1 1 
ATOM   434  C CG2 . ILE A 1 60  ? -12.101 23.704  6.316   1.00 59.69  ? 60  ILE A CG2 1 
ATOM   435  C CD1 . ILE A 1 60  ? -14.655 24.794  7.928   1.00 59.43  ? 60  ILE A CD1 1 
ATOM   436  N N   . VAL A 1 61  ? -8.989  25.287  7.574   1.00 60.26  ? 61  VAL A N   1 
ATOM   437  C CA  . VAL A 1 61  ? -7.706  25.438  6.868   1.00 60.26  ? 61  VAL A CA  1 
ATOM   438  C C   . VAL A 1 61  ? -6.601  24.591  7.521   1.00 59.76  ? 61  VAL A C   1 
ATOM   439  O O   . VAL A 1 61  ? -5.911  23.831  6.839   1.00 57.60  ? 61  VAL A O   1 
ATOM   440  C CB  . VAL A 1 61  ? -7.265  26.924  6.798   1.00 58.79  ? 61  VAL A CB  1 
ATOM   441  C CG1 . VAL A 1 61  ? -5.826  27.065  6.307   1.00 58.26  ? 61  VAL A CG1 1 
ATOM   442  C CG2 . VAL A 1 61  ? -8.192  27.697  5.877   1.00 61.56  ? 61  VAL A CG2 1 
ATOM   443  N N   . ASN A 1 62  ? -6.462  24.732  8.838   1.00 58.06  ? 62  ASN A N   1 
ATOM   444  C CA  . ASN A 1 62  ? -5.422  24.039  9.617   1.00 58.31  ? 62  ASN A CA  1 
ATOM   445  C C   . ASN A 1 62  ? -5.561  22.526  9.487   1.00 57.38  ? 62  ASN A C   1 
ATOM   446  O O   . ASN A 1 62  ? -4.571  21.799  9.400   1.00 52.99  ? 62  ASN A O   1 
ATOM   447  C CB  . ASN A 1 62  ? -5.503  24.390  11.108  1.00 58.53  ? 62  ASN A CB  1 
ATOM   448  C CG  . ASN A 1 62  ? -5.576  25.886  11.378  1.00 62.15  ? 62  ASN A CG  1 
ATOM   449  O OD1 . ASN A 1 62  ? -5.639  26.707  10.460  1.00 61.66  ? 62  ASN A OD1 1 
ATOM   450  N ND2 . ASN A 1 62  ? -5.595  26.244  12.657  1.00 64.28  ? 62  ASN A ND2 1 
ATOM   451  N N   . GLN A 1 63  ? -6.816  22.085  9.487   1.00 56.23  ? 63  GLN A N   1 
ATOM   452  C CA  . GLN A 1 63  ? -7.182  20.686  9.385   1.00 57.64  ? 63  GLN A CA  1 
ATOM   453  C C   . GLN A 1 63  ? -6.807  20.106  8.018   1.00 52.12  ? 63  GLN A C   1 
ATOM   454  O O   . GLN A 1 63  ? -6.234  19.022  7.949   1.00 51.22  ? 63  GLN A O   1 
ATOM   455  C CB  . GLN A 1 63  ? -8.687  20.541  9.653   1.00 62.15  ? 63  GLN A CB  1 
ATOM   456  C CG  . GLN A 1 63  ? -9.208  19.120  9.771   1.00 68.12  ? 63  GLN A CG  1 
ATOM   457  C CD  . GLN A 1 63  ? -8.603  18.366  10.929  1.00 73.15  ? 63  GLN A CD  1 
ATOM   458  O OE1 . GLN A 1 63  ? -7.746  17.501  10.739  1.00 77.64  ? 63  GLN A OE1 1 
ATOM   459  N NE2 . GLN A 1 63  ? -9.037  18.696  12.142  1.00 78.47  ? 63  GLN A NE2 1 
ATOM   460  N N   . LEU A 1 64  ? -7.122  20.831  6.946   1.00 46.13  ? 64  LEU A N   1 
ATOM   461  C CA  . LEU A 1 64  ? -6.761  20.418  5.577   1.00 42.84  ? 64  LEU A CA  1 
ATOM   462  C C   . LEU A 1 64  ? -5.272  20.416  5.336   1.00 39.98  ? 64  LEU A C   1 
ATOM   463  O O   . LEU A 1 64  ? -4.728  19.513  4.711   1.00 37.56  ? 64  LEU A O   1 
ATOM   464  C CB  . LEU A 1 64  ? -7.383  21.345  4.538   1.00 42.68  ? 64  LEU A CB  1 
ATOM   465  C CG  . LEU A 1 64  ? -8.804  21.040  4.105   1.00 44.49  ? 64  LEU A CG  1 
ATOM   466  C CD1 . LEU A 1 64  ? -9.421  22.239  3.400   1.00 45.18  ? 64  LEU A CD1 1 
ATOM   467  C CD2 . LEU A 1 64  ? -8.851  19.795  3.237   1.00 44.00  ? 64  LEU A CD2 1 
ATOM   468  N N   . ASP A 1 65  ? -4.628  21.456  5.826   1.00 40.59  ? 65  ASP A N   1 
ATOM   469  C CA  . ASP A 1 65  ? -3.200  21.612  5.678   1.00 43.80  ? 65  ASP A CA  1 
ATOM   470  C C   . ASP A 1 65  ? -2.450  20.518  6.445   1.00 42.05  ? 65  ASP A C   1 
ATOM   471  O O   . ASP A 1 65  ? -1.448  19.997  5.956   1.00 42.15  ? 65  ASP A O   1 
ATOM   472  C CB  . ASP A 1 65  ? -2.781  22.996  6.163   1.00 47.87  ? 65  ASP A CB  1 
ATOM   473  C CG  . ASP A 1 65  ? -1.599  23.514  5.432   1.00 52.68  ? 65  ASP A CG  1 
ATOM   474  O OD1 . ASP A 1 65  ? -0.461  23.147  5.806   1.00 58.99  ? 65  ASP A OD1 1 
ATOM   475  O OD2 . ASP A 1 65  ? -1.821  24.287  4.478   1.00 52.49  ? 65  ASP A OD2 1 
ATOM   476  N N   . LYS A 1 66  ? -2.953  20.161  7.627   1.00 40.98  ? 66  LYS A N   1 
ATOM   477  C CA  . LYS A 1 66  ? -2.432  19.018  8.375   1.00 40.23  ? 66  LYS A CA  1 
ATOM   478  C C   . LYS A 1 66  ? -2.570  17.735  7.563   1.00 37.16  ? 66  LYS A C   1 
ATOM   479  O O   . LYS A 1 66  ? -1.593  17.000  7.408   1.00 38.56  ? 66  LYS A O   1 
ATOM   480  C CB  . LYS A 1 66  ? -3.156  18.866  9.722   1.00 44.48  ? 66  LYS A CB  1 
ATOM   481  C CG  . LYS A 1 66  ? -2.759  17.654  10.567  1.00 47.20  ? 66  LYS A CG  1 
ATOM   482  C CD  . LYS A 1 66  ? -3.891  17.244  11.506  1.00 50.08  ? 66  LYS A CD  1 
ATOM   483  C CE  . LYS A 1 66  ? -3.446  16.209  12.530  1.00 53.57  ? 66  LYS A CE  1 
ATOM   484  N NZ  . LYS A 1 66  ? -3.335  14.846  11.940  1.00 54.70  ? 66  LYS A NZ  1 
ATOM   485  N N   . LEU A 1 67  ? -3.779  17.457  7.071   1.00 34.23  ? 67  LEU A N   1 
ATOM   486  C CA  . LEU A 1 67  ? -4.015  16.267  6.247   1.00 32.06  ? 67  LEU A CA  1 
ATOM   487  C C   . LEU A 1 67  ? -3.035  16.174  5.074   1.00 29.33  ? 67  LEU A C   1 
ATOM   488  O O   . LEU A 1 67  ? -2.459  15.113  4.839   1.00 27.73  ? 67  LEU A O   1 
ATOM   489  C CB  . LEU A 1 67  ? -5.458  16.199  5.728   1.00 36.49  ? 67  LEU A CB  1 
ATOM   490  C CG  . LEU A 1 67  ? -6.622  15.987  6.712   1.00 38.41  ? 67  LEU A CG  1 
ATOM   491  C CD1 . LEU A 1 67  ? -7.927  15.726  5.955   1.00 37.81  ? 67  LEU A CD1 1 
ATOM   492  C CD2 . LEU A 1 67  ? -6.343  14.886  7.725   1.00 38.22  ? 67  LEU A CD2 1 
ATOM   493  N N   . PHE A 1 68  ? -2.815  17.282  4.368   1.00 28.27  ? 68  PHE A N   1 
ATOM   494  C CA  . PHE A 1 68  ? -1.877  17.286  3.243   1.00 26.99  ? 68  PHE A CA  1 
ATOM   495  C C   . PHE A 1 68  ? -0.456  16.922  3.691   1.00 27.17  ? 68  PHE A C   1 
ATOM   496  O O   . PHE A 1 68  ? 0.208   16.124  3.049   1.00 25.87  ? 68  PHE A O   1 
ATOM   497  C CB  . PHE A 1 68  ? -1.839  18.629  2.507   1.00 27.28  ? 68  PHE A CB  1 
ATOM   498  C CG  . PHE A 1 68  ? -0.892  18.624  1.315   1.00 28.08  ? 68  PHE A CG  1 
ATOM   499  C CD1 . PHE A 1 68  ? -1.271  18.025  0.114   1.00 29.20  ? 68  PHE A CD1 1 
ATOM   500  C CD2 . PHE A 1 68  ? 0.404   19.142  1.424   1.00 28.06  ? 68  PHE A CD2 1 
ATOM   501  C CE1 . PHE A 1 68  ? -0.399  17.989  -0.983  1.00 30.56  ? 68  PHE A CE1 1 
ATOM   502  C CE2 . PHE A 1 68  ? 1.285   19.096  0.347   1.00 30.02  ? 68  PHE A CE2 1 
ATOM   503  C CZ  . PHE A 1 68  ? 0.883   18.530  -0.862  1.00 31.92  ? 68  PHE A CZ  1 
ATOM   504  N N   . ARG A 1 69  ? 0.009   17.510  4.781   1.00 28.24  ? 69  ARG A N   1 
ATOM   505  C CA  . ARG A 1 69  ? 1.362   17.192  5.268   1.00 30.57  ? 69  ARG A CA  1 
ATOM   506  C C   . ARG A 1 69  ? 1.455   15.730  5.754   1.00 26.71  ? 69  ARG A C   1 
ATOM   507  O O   . ARG A 1 69  ? 2.436   15.072  5.464   1.00 24.97  ? 69  ARG A O   1 
ATOM   508  C CB  . ARG A 1 69  ? 1.845   18.227  6.305   1.00 34.59  ? 69  ARG A CB  1 
ATOM   509  C CG  . ARG A 1 69  ? 2.054   19.621  5.695   1.00 39.59  ? 69  ARG A CG  1 
ATOM   510  C CD  . ARG A 1 69  ? 2.805   20.603  6.593   1.00 42.63  ? 69  ARG A CD  1 
ATOM   511  N NE  . ARG A 1 69  ? 2.406   20.470  8.000   1.00 51.40  ? 69  ARG A NE  1 
ATOM   512  C CZ  . ARG A 1 69  ? 1.376   21.089  8.598   1.00 58.31  ? 69  ARG A CZ  1 
ATOM   513  N NH1 . ARG A 1 69  ? 0.582   21.946  7.942   1.00 58.68  ? 69  ARG A NH1 1 
ATOM   514  N NH2 . ARG A 1 69  ? 1.136   20.848  9.893   1.00 60.35  ? 69  ARG A NH2 1 
ATOM   515  N N   . ASP A 1 70  ? 0.411   15.213  6.414   1.00 27.35  ? 70  ASP A N   1 
ATOM   516  C CA  . ASP A 1 70  ? 0.328   13.776  6.793   1.00 27.15  ? 70  ASP A CA  1 
ATOM   517  C C   . ASP A 1 70  ? 0.355   12.839  5.550   1.00 24.95  ? 70  ASP A C   1 
ATOM   518  O O   . ASP A 1 70  ? 1.000   11.776  5.547   1.00 22.89  ? 70  ASP A O   1 
ATOM   519  C CB  . ASP A 1 70  ? -0.972  13.463  7.563   1.00 29.22  ? 70  ASP A CB  1 
ATOM   520  C CG  . ASP A 1 70  ? -1.005  14.036  8.991   1.00 31.20  ? 70  ASP A CG  1 
ATOM   521  O OD1 . ASP A 1 70  ? 0.038   14.492  9.493   1.00 29.20  ? 70  ASP A OD1 1 
ATOM   522  O OD2 . ASP A 1 70  ? -2.111  14.019  9.605   1.00 32.80  ? 70  ASP A OD2 1 
ATOM   523  N N   . LEU A 1 71  ? -0.396  13.209  4.525   1.00 21.52  ? 71  LEU A N   1 
ATOM   524  C CA  . LEU A 1 71  ? -0.359  12.454  3.287   1.00 21.19  ? 71  LEU A CA  1 
ATOM   525  C C   . LEU A 1 71  ? 1.025   12.482  2.629   1.00 20.02  ? 71  LEU A C   1 
ATOM   526  O O   . LEU A 1 71  ? 1.509   11.459  2.191   1.00 19.58  ? 71  LEU A O   1 
ATOM   527  C CB  . LEU A 1 71  ? -1.386  12.993  2.277   1.00 21.04  ? 71  LEU A CB  1 
ATOM   528  C CG  . LEU A 1 71  ? -1.512  12.164  1.001   1.00 20.14  ? 71  LEU A CG  1 
ATOM   529  C CD1 . LEU A 1 71  ? -1.640  10.693  1.350   1.00 20.83  ? 71  LEU A CD1 1 
ATOM   530  C CD2 . LEU A 1 71  ? -2.707  12.645  0.183   1.00 19.53  ? 71  LEU A CD2 1 
ATOM   531  N N   . ASP A 1 72  ? 1.651   13.646  2.566   1.00 19.67  ? 72  ASP A N   1 
ATOM   532  C CA  . ASP A 1 72  ? 2.963   13.756  1.947   1.00 21.02  ? 72  ASP A CA  1 
ATOM   533  C C   . ASP A 1 72  ? 4.003   12.922  2.685   1.00 19.78  ? 72  ASP A C   1 
ATOM   534  O O   . ASP A 1 72  ? 4.804   12.249  2.064   1.00 17.90  ? 72  ASP A O   1 
ATOM   535  C CB  . ASP A 1 72  ? 3.419   15.203  1.899   1.00 23.22  ? 72  ASP A CB  1 
ATOM   536  C CG  . ASP A 1 72  ? 4.720   15.379  1.114   1.00 25.77  ? 72  ASP A CG  1 
ATOM   537  O OD1 . ASP A 1 72  ? 4.817   14.928  -0.034  1.00 31.10  ? 72  ASP A OD1 1 
ATOM   538  O OD2 . ASP A 1 72  ? 5.650   15.987  1.629   1.00 30.84  ? 72  ASP A OD2 1 
ATOM   539  N N   . ASN A 1 73  ? 3.982   13.007  4.013   1.00 20.62  ? 73  ASN A N   1 
ATOM   540  C CA  . ASN A 1 73  ? 4.813   12.162  4.890   1.00 21.02  ? 73  ASN A CA  1 
ATOM   541  C C   . ASN A 1 73  ? 4.668   10.679  4.575   1.00 19.41  ? 73  ASN A C   1 
ATOM   542  O O   . ASN A 1 73  ? 5.636   9.992   4.358   1.00 20.30  ? 73  ASN A O   1 
ATOM   543  C CB  . ASN A 1 73  ? 4.479   12.425  6.369   1.00 20.45  ? 73  ASN A CB  1 
ATOM   544  C CG  . ASN A 1 73  ? 5.295   11.546  7.315   1.00 20.99  ? 73  ASN A CG  1 
ATOM   545  O OD1 . ASN A 1 73  ? 6.482   11.764  7.491   1.00 21.92  ? 73  ASN A OD1 1 
ATOM   546  N ND2 . ASN A 1 73  ? 4.672   10.532  7.871   1.00 20.48  ? 73  ASN A ND2 1 
ATOM   547  N N   . HIS A 1 74  ? 3.432   10.211  4.537   1.00 20.14  ? 74  HIS A N   1 
ATOM   548  C CA  . HIS A 1 74  ? 3.099   8.851   4.175   1.00 18.44  ? 74  HIS A CA  1 
ATOM   549  C C   . HIS A 1 74  ? 3.698   8.339   2.849   1.00 18.09  ? 74  HIS A C   1 
ATOM   550  O O   . HIS A 1 74  ? 4.269   7.251   2.792   1.00 17.04  ? 74  HIS A O   1 
ATOM   551  C CB  . HIS A 1 74  ? 1.582   8.710   4.186   1.00 18.92  ? 74  HIS A CB  1 
ATOM   552  C CG  . HIS A 1 74  ? 1.113   7.366   3.755   1.00 18.91  ? 74  HIS A CG  1 
ATOM   553  N ND1 . HIS A 1 74  ? 1.293   6.238   4.517   1.00 20.27  ? 74  HIS A ND1 1 
ATOM   554  C CD2 . HIS A 1 74  ? 0.516   6.961   2.614   1.00 19.99  ? 74  HIS A CD2 1 
ATOM   555  C CE1 . HIS A 1 74  ? 0.823   5.194   3.866   1.00 19.79  ? 74  HIS A CE1 1 
ATOM   556  N NE2 . HIS A 1 74  ? 0.341   5.607   2.709   1.00 21.51  ? 74  HIS A NE2 1 
ATOM   557  N N   . LEU A 1 75  ? 3.548   9.127   1.788   1.00 18.09  ? 75  LEU A N   1 
ATOM   558  C CA  . LEU A 1 75  ? 4.046   8.795   0.460   1.00 16.44  ? 75  LEU A CA  1 
ATOM   559  C C   . LEU A 1 75  ? 5.591   8.756   0.375   1.00 17.26  ? 75  LEU A C   1 
ATOM   560  O O   . LEU A 1 75  ? 6.158   7.867   -0.283  1.00 15.64  ? 75  LEU A O   1 
ATOM   561  C CB  . LEU A 1 75  ? 3.475   9.799   -0.542  1.00 16.25  ? 75  LEU A CB  1 
ATOM   562  C CG  . LEU A 1 75  ? 1.949   9.663   -0.746  1.00 16.75  ? 75  LEU A CG  1 
ATOM   563  C CD1 . LEU A 1 75  ? 1.428   10.761  -1.637  1.00 17.62  ? 75  LEU A CD1 1 
ATOM   564  C CD2 . LEU A 1 75  ? 1.570   8.304   -1.327  1.00 16.47  ? 75  LEU A CD2 1 
ATOM   565  N N   . GLN A 1 76  ? 6.274   9.704   1.028   1.00 16.61  ? 76  GLN A N   1 
ATOM   566  C CA  . GLN A 1 76  ? 7.731   9.596   1.180   1.00 18.37  ? 76  GLN A CA  1 
ATOM   567  C C   . GLN A 1 76  ? 8.198   8.290   1.895   1.00 18.18  ? 76  GLN A C   1 
ATOM   568  O O   . GLN A 1 76  ? 9.040   7.545   1.360   1.00 17.21  ? 76  GLN A O   1 
ATOM   569  C CB  . GLN A 1 76  ? 8.297   10.823  1.913   1.00 20.33  ? 76  GLN A CB  1 
ATOM   570  C CG  . GLN A 1 76  ? 8.281   12.087  1.072   1.00 23.34  ? 76  GLN A CG  1 
ATOM   571  C CD  . GLN A 1 76  ? 8.816   13.273  1.862   1.00 27.36  ? 76  GLN A CD  1 
ATOM   572  O OE1 . GLN A 1 76  ? 10.001  13.292  2.265   1.00 30.92  ? 76  GLN A OE1 1 
ATOM   573  N NE2 . GLN A 1 76  ? 7.938   14.225  2.168   1.00 27.08  ? 76  GLN A NE2 1 
ATOM   574  N N   . ARG A 1 77  ? 7.571   7.974   3.025   1.00 18.60  ? 77  ARG A N   1 
ATOM   575  C CA  . ARG A 1 77  ? 7.873   6.759   3.778   1.00 21.74  ? 77  ARG A CA  1 
ATOM   576  C C   . ARG A 1 77  ? 7.552   5.529   2.932   1.00 21.65  ? 77  ARG A C   1 
ATOM   577  O O   . ARG A 1 77  ? 8.313   4.538   2.920   1.00 19.22  ? 77  ARG A O   1 
ATOM   578  C CB  . ARG A 1 77  ? 7.040   6.682   5.062   1.00 24.37  ? 77  ARG A CB  1 
ATOM   579  C CG  . ARG A 1 77  ? 7.155   7.902   5.986   1.00 27.81  ? 77  ARG A CG  1 
ATOM   580  C CD  . ARG A 1 77  ? 7.920   7.631   7.244   1.00 29.89  ? 77  ARG A CD  1 
ATOM   581  N NE  . ARG A 1 77  ? 7.354   6.500   7.973   1.00 33.19  ? 77  ARG A NE  1 
ATOM   582  C CZ  . ARG A 1 77  ? 8.048   5.701   8.789   1.00 37.27  ? 77  ARG A CZ  1 
ATOM   583  N NH1 . ARG A 1 77  ? 9.358   5.918   9.024   1.00 39.34  ? 77  ARG A NH1 1 
ATOM   584  N NH2 . ARG A 1 77  ? 7.430   4.680   9.384   1.00 33.27  ? 77  ARG A NH2 1 
ATOM   585  N N   . LYS A 1 78  ? 6.408   5.587   2.229   1.00 21.02  ? 78  LYS A N   1 
ATOM   586  C CA  . LYS A 1 78  ? 6.006   4.483   1.404   1.00 20.54  ? 78  LYS A CA  1 
ATOM   587  C C   . LYS A 1 78  ? 7.065   4.240   0.331   1.00 18.21  ? 78  LYS A C   1 
ATOM   588  O O   . LYS A 1 78  ? 7.449   3.108   0.131   1.00 17.75  ? 78  LYS A O   1 
ATOM   589  C CB  . LYS A 1 78  ? 4.625   4.732   0.822   1.00 24.43  ? 78  LYS A CB  1 
ATOM   590  C CG  . LYS A 1 78  ? 4.058   3.631   -0.063  1.00 26.33  ? 78  LYS A CG  1 
ATOM   591  C CD  . LYS A 1 78  ? 3.543   2.418   0.714   1.00 29.87  ? 78  LYS A CD  1 
ATOM   592  C CE  . LYS A 1 78  ? 2.489   1.680   -0.115  1.00 32.37  ? 78  LYS A CE  1 
ATOM   593  N NZ  . LYS A 1 78  ? 2.347   0.220   0.185   1.00 34.38  ? 78  LYS A NZ  1 
ATOM   594  N N   . ASP A 1 79  ? 7.577   5.281   -0.327  1.00 16.32  ? 79  ASP A N   1 
ATOM   595  C CA  . ASP A 1 79  ? 8.609   5.072   -1.367  1.00 15.78  ? 79  ASP A CA  1 
ATOM   596  C C   . ASP A 1 79  ? 9.817   4.368   -0.785  1.00 15.52  ? 79  ASP A C   1 
ATOM   597  O O   . ASP A 1 79  ? 10.412  3.525   -1.433  1.00 15.27  ? 79  ASP A O   1 
ATOM   598  C CB  . ASP A 1 79  ? 9.092   6.386   -2.011  1.00 15.27  ? 79  ASP A CB  1 
ATOM   599  C CG  . ASP A 1 79  ? 8.157   6.911   -3.082  1.00 15.38  ? 79  ASP A CG  1 
ATOM   600  O OD1 . ASP A 1 79  ? 7.353   6.191   -3.678  1.00 15.09  ? 79  ASP A OD1 1 
ATOM   601  O OD2 . ASP A 1 79  ? 8.262   8.099   -3.398  1.00 15.67  ? 79  ASP A OD2 1 
ATOM   602  N N   . ASP A 1 80  ? 10.199  4.768   0.428   1.00 16.08  ? 80  ASP A N   1 
ATOM   603  C CA  . ASP A 1 80  ? 11.329  4.166   1.127   1.00 17.36  ? 80  ASP A CA  1 
ATOM   604  C C   . ASP A 1 80  ? 11.142  2.687   1.442   1.00 16.30  ? 80  ASP A C   1 
ATOM   605  O O   . ASP A 1 80  ? 12.053  1.887   1.179   1.00 14.53  ? 80  ASP A O   1 
ATOM   606  C CB  . ASP A 1 80  ? 11.645  4.962   2.411   1.00 18.81  ? 80  ASP A CB  1 
ATOM   607  C CG  . ASP A 1 80  ? 12.226  6.346   2.115   1.00 22.10  ? 80  ASP A CG  1 
ATOM   608  O OD1 . ASP A 1 80  ? 12.790  6.532   1.016   1.00 26.35  ? 80  ASP A OD1 1 
ATOM   609  O OD2 . ASP A 1 80  ? 12.138  7.252   2.971   1.00 25.97  ? 80  ASP A OD2 1 
ATOM   610  N N   . THR A 1 81  ? 9.961   2.340   1.975   1.00 16.19  ? 81  THR A N   1 
ATOM   611  C CA  . THR A 1 81  ? 9.625   0.974   2.339   1.00 17.71  ? 81  THR A CA  1 
ATOM   612  C C   . THR A 1 81  ? 9.525   0.078   1.103   1.00 16.91  ? 81  THR A C   1 
ATOM   613  O O   . THR A 1 81  ? 10.005  -1.046  1.105   1.00 15.78  ? 81  THR A O   1 
ATOM   614  C CB  . THR A 1 81  ? 8.291   0.914   3.138   1.00 19.65  ? 81  THR A CB  1 
ATOM   615  O OG1 . THR A 1 81  ? 8.363   1.834   4.239   1.00 21.00  ? 81  THR A OG1 1 
ATOM   616  C CG2 . THR A 1 81  ? 8.036   -0.471  3.691   1.00 21.09  ? 81  THR A CG2 1 
ATOM   617  N N   . VAL A 1 82  ? 8.929   0.606   0.046   1.00 15.96  ? 82  VAL A N   1 
ATOM   618  C CA  . VAL A 1 82  ? 8.839   -0.107  -1.207  1.00 16.51  ? 82  VAL A CA  1 
ATOM   619  C C   . VAL A 1 82  ? 10.234  -0.363  -1.778  1.00 16.71  ? 82  VAL A C   1 
ATOM   620  O O   . VAL A 1 82  ? 10.534  -1.476  -2.207  1.00 15.47  ? 82  VAL A O   1 
ATOM   621  C CB  . VAL A 1 82  ? 7.980   0.651   -2.215  1.00 17.11  ? 82  VAL A CB  1 
ATOM   622  C CG1 . VAL A 1 82  ? 8.053   -0.034  -3.581  1.00 17.59  ? 82  VAL A CG1 1 
ATOM   623  C CG2 . VAL A 1 82  ? 6.537   0.734   -1.725  1.00 17.52  ? 82  VAL A CG2 1 
ATOM   624  N N   . HIS A 1 83  ? 11.100  0.657   -1.771  1.00 17.22  ? 83  HIS A N   1 
ATOM   625  C CA  . HIS A 1 83  ? 12.452  0.463   -2.257  1.00 16.66  ? 83  HIS A CA  1 
ATOM   626  C C   . HIS A 1 83  ? 13.140  -0.743  -1.573  1.00 16.98  ? 83  HIS A C   1 
ATOM   627  O O   . HIS A 1 83  ? 13.747  -1.615  -2.229  1.00 16.28  ? 83  HIS A O   1 
ATOM   628  C CB  . HIS A 1 83  ? 13.279  1.726   -2.045  1.00 17.06  ? 83  HIS A CB  1 
ATOM   629  C CG  . HIS A 1 83  ? 14.569  1.683   -2.766  1.00 17.68  ? 83  HIS A CG  1 
ATOM   630  N ND1 . HIS A 1 83  ? 15.735  1.282   -2.160  1.00 18.66  ? 83  HIS A ND1 1 
ATOM   631  C CD2 . HIS A 1 83  ? 14.872  1.918   -4.058  1.00 17.43  ? 83  HIS A CD2 1 
ATOM   632  C CE1 . HIS A 1 83  ? 16.707  1.279   -3.049  1.00 18.30  ? 83  HIS A CE1 1 
ATOM   633  N NE2 . HIS A 1 83  ? 16.212  1.678   -4.201  1.00 18.72  ? 83  HIS A NE2 1 
ATOM   634  N N   . HIS A 1 84  ? 13.040  -0.771  -0.248  1.00 16.84  ? 84  HIS A N   1 
ATOM   635  C CA  . HIS A 1 84  ? 13.663  -1.797  0.583   1.00 17.67  ? 84  HIS A CA  1 
ATOM   636  C C   . HIS A 1 84  ? 13.016  -3.153  0.305   1.00 17.34  ? 84  HIS A C   1 
ATOM   637  O O   . HIS A 1 84  ? 13.708  -4.129  0.073   1.00 16.38  ? 84  HIS A O   1 
ATOM   638  C CB  . HIS A 1 84  ? 13.549  -1.398  2.071   1.00 18.84  ? 84  HIS A CB  1 
ATOM   639  C CG  . HIS A 1 84  ? 13.924  -2.481  3.051   1.00 20.43  ? 84  HIS A CG  1 
ATOM   640  N ND1 . HIS A 1 84  ? 15.198  -3.007  3.150   1.00 20.71  ? 84  HIS A ND1 1 
ATOM   641  C CD2 . HIS A 1 84  ? 13.191  -3.091  4.017   1.00 21.96  ? 84  HIS A CD2 1 
ATOM   642  C CE1 . HIS A 1 84  ? 15.222  -3.916  4.112   1.00 22.60  ? 84  HIS A CE1 1 
ATOM   643  N NE2 . HIS A 1 84  ? 14.020  -3.979  4.661   1.00 22.34  ? 84  HIS A NE2 1 
ATOM   644  N N   . ARG A 1 85  ? 11.696  -3.188  0.280   1.00 18.01  ? 85  ARG A N   1 
ATOM   645  C CA  . ARG A 1 85  ? 10.963  -4.432  0.035   1.00 20.05  ? 85  ARG A CA  1 
ATOM   646  C C   . ARG A 1 85  ? 11.245  -5.007  -1.371  1.00 19.31  ? 85  ARG A C   1 
ATOM   647  O O   . ARG A 1 85  ? 11.562  -6.191  -1.502  1.00 16.50  ? 85  ARG A O   1 
ATOM   648  C CB  . ARG A 1 85  ? 9.466   -4.212  0.243   1.00 22.14  ? 85  ARG A CB  1 
ATOM   649  C CG  . ARG A 1 85  ? 8.667   -5.491  0.429   1.00 25.04  ? 85  ARG A CG  1 
ATOM   650  C CD  . ARG A 1 85  ? 8.815   -6.099  1.826   1.00 27.49  ? 85  ARG A CD  1 
ATOM   651  N NE  . ARG A 1 85  ? 8.306   -5.206  2.883   1.00 30.63  ? 85  ARG A NE  1 
ATOM   652  C CZ  . ARG A 1 85  ? 9.022   -4.663  3.870   1.00 30.47  ? 85  ARG A CZ  1 
ATOM   653  N NH1 . ARG A 1 85  ? 8.417   -3.880  4.761   1.00 31.11  ? 85  ARG A NH1 1 
ATOM   654  N NH2 . ARG A 1 85  ? 10.321  -4.903  4.006   1.00 31.86  ? 85  ARG A NH2 1 
ATOM   655  N N   . HIS A 1 86  ? 11.192  -4.135  -2.383  1.00 20.12  ? 86  HIS A N   1 
ATOM   656  C CA  . HIS A 1 86  ? 11.536  -4.470  -3.775  1.00 22.03  ? 86  HIS A CA  1 
ATOM   657  C C   . HIS A 1 86  ? 12.929  -5.114  -3.882  1.00 21.98  ? 86  HIS A C   1 
ATOM   658  O O   . HIS A 1 86  ? 13.094  -6.159  -4.492  1.00 20.29  ? 86  HIS A O   1 
ATOM   659  C CB  . HIS A 1 86  ? 11.464  -3.190  -4.640  1.00 25.34  ? 86  HIS A CB  1 
ATOM   660  C CG  . HIS A 1 86  ? 11.707  -3.413  -6.103  1.00 28.38  ? 86  HIS A CG  1 
ATOM   661  N ND1 . HIS A 1 86  ? 10.728  -3.881  -6.951  1.00 29.44  ? 86  HIS A ND1 1 
ATOM   662  C CD2 . HIS A 1 86  ? 12.815  -3.234  -6.869  1.00 30.31  ? 86  HIS A CD2 1 
ATOM   663  C CE1 . HIS A 1 86  ? 11.215  -3.984  -8.176  1.00 29.70  ? 86  HIS A CE1 1 
ATOM   664  N NE2 . HIS A 1 86  ? 12.476  -3.591  -8.157  1.00 30.76  ? 86  HIS A NE2 1 
ATOM   665  N N   . HIS A 1 87  ? 13.926  -4.468  -3.284  1.00 20.53  ? 87  HIS A N   1 
ATOM   666  C CA  . HIS A 1 87  ? 15.295  -4.976  -3.235  1.00 22.30  ? 87  HIS A CA  1 
ATOM   667  C C   . HIS A 1 87  ? 15.372  -6.337  -2.514  1.00 21.12  ? 87  HIS A C   1 
ATOM   668  O O   . HIS A 1 87  ? 16.033  -7.249  -3.018  1.00 19.88  ? 87  HIS A O   1 
ATOM   669  C CB  . HIS A 1 87  ? 16.214  -3.926  -2.569  1.00 25.65  ? 87  HIS A CB  1 
ATOM   670  C CG  . HIS A 1 87  ? 17.601  -4.408  -2.275  1.00 30.80  ? 87  HIS A CG  1 
ATOM   671  N ND1 . HIS A 1 87  ? 18.643  -4.276  -3.168  1.00 33.82  ? 87  HIS A ND1 1 
ATOM   672  C CD2 . HIS A 1 87  ? 18.131  -4.983  -1.166  1.00 34.73  ? 87  HIS A CD2 1 
ATOM   673  C CE1 . HIS A 1 87  ? 19.749  -4.764  -2.633  1.00 34.24  ? 87  HIS A CE1 1 
ATOM   674  N NE2 . HIS A 1 87  ? 19.462  -5.212  -1.424  1.00 35.66  ? 87  HIS A NE2 1 
ATOM   675  N N   . GLN A 1 88  ? 14.689  -6.490  -1.374  1.00 19.72  ? 88  GLN A N   1 
ATOM   676  C CA  . GLN A 1 88  ? 14.640  -7.809  -0.672  1.00 20.62  ? 88  GLN A CA  1 
ATOM   677  C C   . GLN A 1 88  ? 14.089  -8.905  -1.576  1.00 18.30  ? 88  GLN A C   1 
ATOM   678  O O   . GLN A 1 88  ? 14.651  -9.997  -1.663  1.00 16.91  ? 88  GLN A O   1 
ATOM   679  C CB  . GLN A 1 88  ? 13.785  -7.778  0.619   1.00 21.46  ? 88  GLN A CB  1 
ATOM   680  C CG  . GLN A 1 88  ? 14.299  -6.938  1.783   1.00 22.76  ? 88  GLN A CG  1 
ATOM   681  C CD  . GLN A 1 88  ? 13.425  -7.095  3.044   1.00 25.32  ? 88  GLN A CD  1 
ATOM   682  O OE1 . GLN A 1 88  ? 12.208  -6.859  3.026   1.00 25.56  ? 88  GLN A OE1 1 
ATOM   683  N NE2 . GLN A 1 88  ? 14.045  -7.496  4.139   1.00 29.06  ? 88  GLN A NE2 1 
ATOM   684  N N   . LEU A 1 89  ? 12.969  -8.620  -2.234  1.00 19.54  ? 89  LEU A N   1 
ATOM   685  C CA  . LEU A 1 89  ? 12.349  -9.596  -3.104  1.00 19.27  ? 89  LEU A CA  1 
ATOM   686  C C   . LEU A 1 89  ? 13.193  -9.942  -4.332  1.00 21.62  ? 89  LEU A C   1 
ATOM   687  O O   . LEU A 1 89  ? 13.253  -11.120 -4.723  1.00 20.05  ? 89  LEU A O   1 
ATOM   688  C CB  . LEU A 1 89  ? 10.954  -9.146  -3.522  1.00 19.04  ? 89  LEU A CB  1 
ATOM   689  C CG  . LEU A 1 89  ? 9.950   -9.254  -2.392  1.00 18.71  ? 89  LEU A CG  1 
ATOM   690  C CD1 . LEU A 1 89  ? 8.750   -8.365  -2.691  1.00 19.96  ? 89  LEU A CD1 1 
ATOM   691  C CD2 . LEU A 1 89  ? 9.557   -10.708 -2.133  1.00 18.71  ? 89  LEU A CD2 1 
ATOM   692  N N   . ASN A 1 90  ? 13.805  -8.938  -4.964  1.00 22.06  ? 90  ASN A N   1 
ATOM   693  C CA  . ASN A 1 90  ? 14.731  -9.220  -6.075  1.00 24.01  ? 90  ASN A CA  1 
ATOM   694  C C   . ASN A 1 90  ? 15.882  -10.164 -5.725  1.00 24.09  ? 90  ASN A C   1 
ATOM   695  O O   . ASN A 1 90  ? 16.213  -11.029 -6.519  1.00 22.91  ? 90  ASN A O   1 
ATOM   696  C CB  . ASN A 1 90  ? 15.354  -7.940  -6.639  1.00 25.02  ? 90  ASN A CB  1 
ATOM   697  C CG  . ASN A 1 90  ? 14.434  -7.199  -7.548  1.00 26.15  ? 90  ASN A CG  1 
ATOM   698  O OD1 . ASN A 1 90  ? 13.412  -7.726  -7.994  1.00 27.56  ? 90  ASN A OD1 1 
ATOM   699  N ND2 . ASN A 1 90  ? 14.795  -5.960  -7.848  1.00 28.21  ? 90  ASN A ND2 1 
ATOM   700  N N   . LYS A 1 91  ? 16.503  -9.952  -4.567  1.00 25.94  ? 91  LYS A N   1 
ATOM   701  C CA  . LYS A 1 91  ? 17.632  -10.783 -4.124  1.00 29.00  ? 91  LYS A CA  1 
ATOM   702  C C   . LYS A 1 91  ? 17.197  -12.235 -3.911  1.00 28.16  ? 91  LYS A C   1 
ATOM   703  O O   . LYS A 1 91  ? 17.851  -13.154 -4.376  1.00 28.42  ? 91  LYS A O   1 
ATOM   704  C CB  . LYS A 1 91  ? 18.237  -10.277 -2.814  1.00 32.41  ? 91  LYS A CB  1 
ATOM   705  C CG  . LYS A 1 91  ? 19.093  -9.033  -2.960  1.00 38.58  ? 91  LYS A CG  1 
ATOM   706  C CD  . LYS A 1 91  ? 20.206  -8.982  -1.913  1.00 41.95  ? 91  LYS A CD  1 
ATOM   707  C CE  . LYS A 1 91  ? 21.386  -8.137  -2.390  1.00 46.55  ? 91  LYS A CE  1 
ATOM   708  N NZ  . LYS A 1 91  ? 22.689  -8.676  -1.892  1.00 49.74  ? 91  LYS A NZ  1 
ATOM   709  N N   . LEU A 1 92  ? 16.097  -12.405 -3.187  1.00 26.48  ? 92  LEU A N   1 
ATOM   710  C CA  . LEU A 1 92  ? 15.513  -13.717 -2.925  1.00 25.73  ? 92  LEU A CA  1 
ATOM   711  C C   . LEU A 1 92  ? 15.136  -14.442 -4.209  1.00 25.46  ? 92  LEU A C   1 
ATOM   712  O O   . LEU A 1 92  ? 15.372  -15.641 -4.341  1.00 23.97  ? 92  LEU A O   1 
ATOM   713  C CB  . LEU A 1 92  ? 14.294  -13.549 -2.019  1.00 26.83  ? 92  LEU A CB  1 
ATOM   714  C CG  . LEU A 1 92  ? 13.646  -14.852 -1.536  1.00 29.85  ? 92  LEU A CG  1 
ATOM   715  C CD1 . LEU A 1 92  ? 13.412  -14.828 -0.039  1.00 29.48  ? 92  LEU A CD1 1 
ATOM   716  C CD2 . LEU A 1 92  ? 12.360  -15.109 -2.304  1.00 30.02  ? 92  LEU A CD2 1 
ATOM   717  N N   . LEU A 1 93  ? 14.535  -13.718 -5.152  1.00 24.97  ? 93  LEU A N   1 
ATOM   718  C CA  . LEU A 1 93  ? 14.151  -14.312 -6.448  1.00 27.23  ? 93  LEU A CA  1 
ATOM   719  C C   . LEU A 1 93  ? 15.357  -14.779 -7.206  1.00 27.86  ? 93  LEU A C   1 
ATOM   720  O O   . LEU A 1 93  ? 15.316  -15.833 -7.801  1.00 26.23  ? 93  LEU A O   1 
ATOM   721  C CB  . LEU A 1 93  ? 13.390  -13.326 -7.334  1.00 26.70  ? 93  LEU A CB  1 
ATOM   722  C CG  . LEU A 1 93  ? 11.878  -13.391 -7.234  1.00 28.36  ? 93  LEU A CG  1 
ATOM   723  C CD1 . LEU A 1 93  ? 11.311  -12.143 -7.908  1.00 29.68  ? 93  LEU A CD1 1 
ATOM   724  C CD2 . LEU A 1 93  ? 11.332  -14.660 -7.902  1.00 28.56  ? 93  LEU A CD2 1 
ATOM   725  N N   . ALA A 1 94  ? 16.403  -13.954 -7.201  1.00 29.08  ? 94  ALA A N   1 
ATOM   726  C CA  . ALA A 1 94  ? 17.712  -14.300 -7.776  1.00 31.74  ? 94  ALA A CA  1 
ATOM   727  C C   . ALA A 1 94  ? 18.305  -15.582 -7.181  1.00 31.29  ? 94  ALA A C   1 
ATOM   728  O O   . ALA A 1 94  ? 18.738  -16.461 -7.922  1.00 33.95  ? 94  ALA A O   1 
ATOM   729  C CB  . ALA A 1 94  ? 18.691  -13.145 -7.589  1.00 31.78  ? 94  ALA A CB  1 
ATOM   730  N N   . GLN A 1 95  ? 18.297  -15.673 -5.855  1.00 30.53  ? 95  GLN A N   1 
ATOM   731  C CA  . GLN A 1 95  ? 18.741  -16.866 -5.134  1.00 32.40  ? 95  GLN A CA  1 
ATOM   732  C C   . GLN A 1 95  ? 17.919  -18.098 -5.528  1.00 32.72  ? 95  GLN A C   1 
ATOM   733  O O   . GLN A 1 95  ? 18.485  -19.142 -5.858  1.00 34.68  ? 95  GLN A O   1 
ATOM   734  C CB  . GLN A 1 95  ? 18.654  -16.652 -3.627  1.00 35.06  ? 95  GLN A CB  1 
ATOM   735  C CG  . GLN A 1 95  ? 19.671  -15.655 -3.098  1.00 40.79  ? 95  GLN A CG  1 
ATOM   736  C CD  . GLN A 1 95  ? 19.446  -15.316 -1.637  1.00 44.03  ? 95  GLN A CD  1 
ATOM   737  O OE1 . GLN A 1 95  ? 18.915  -14.258 -1.306  1.00 49.06  ? 95  GLN A OE1 1 
ATOM   738  N NE2 . GLN A 1 95  ? 19.840  -16.220 -0.757  1.00 48.91  ? 95  GLN A NE2 1 
ATOM   739  N N   . LEU A 1 96  ? 16.594  -17.954 -5.508  1.00 30.16  ? 96  LEU A N   1 
ATOM   740  C CA  . LEU A 1 96  ? 15.682  -18.980 -6.019  1.00 30.34  ? 96  LEU A CA  1 
ATOM   741  C C   . LEU A 1 96  ? 15.992  -19.376 -7.459  1.00 35.18  ? 96  LEU A C   1 
ATOM   742  O O   . LEU A 1 96  ? 16.158  -20.572 -7.756  1.00 35.45  ? 96  LEU A O   1 
ATOM   743  C CB  . LEU A 1 96  ? 14.216  -18.528 -5.920  1.00 26.34  ? 96  LEU A CB  1 
ATOM   744  C CG  . LEU A 1 96  ? 13.138  -19.581 -6.249  1.00 24.90  ? 96  LEU A CG  1 
ATOM   745  C CD1 . LEU A 1 96  ? 13.443  -20.942 -5.642  1.00 24.41  ? 96  LEU A CD1 1 
ATOM   746  C CD2 . LEU A 1 96  ? 11.778  -19.117 -5.758  1.00 23.95  ? 96  LEU A CD2 1 
ATOM   747  N N   . ASP A 1 97  ? 16.082  -18.368 -8.331  1.00 39.00  ? 97  ASP A N   1 
ATOM   748  C CA  . ASP A 1 97  ? 16.373  -18.538 -9.771  1.00 42.76  ? 97  ASP A CA  1 
ATOM   749  C C   . ASP A 1 97  ? 17.662  -19.321 -9.974  1.00 44.52  ? 97  ASP A C   1 
ATOM   750  O O   . ASP A 1 97  ? 17.715  -20.267 -10.768 1.00 48.26  ? 97  ASP A O   1 
ATOM   751  C CB  . ASP A 1 97  ? 16.502  -17.157 -10.472 1.00 44.46  ? 97  ASP A CB  1 
ATOM   752  C CG  . ASP A 1 97  ? 16.460  -17.243 -12.001 1.00 46.44  ? 97  ASP A CG  1 
ATOM   753  O OD1 . ASP A 1 97  ? 16.193  -18.333 -12.551 1.00 50.74  ? 97  ASP A OD1 1 
ATOM   754  O OD2 . ASP A 1 97  ? 16.680  -16.201 -12.666 1.00 49.29  ? 97  ASP A OD2 1 
ATOM   755  N N   . ASN A 1 98  ? 18.697  -18.899 -9.257  1.00 45.93  ? 98  ASN A N   1 
ATOM   756  C CA  . ASN A 1 98  ? 19.982  -19.580 -9.272  1.00 51.38  ? 98  ASN A CA  1 
ATOM   757  C C   . ASN A 1 98  ? 19.840  -21.052 -8.896  1.00 52.23  ? 98  ASN A C   1 
ATOM   758  O O   . ASN A 1 98  ? 20.387  -21.917 -9.561  1.00 53.39  ? 98  ASN A O   1 
ATOM   759  C CB  . ASN A 1 98  ? 20.964  -18.886 -8.321  1.00 55.08  ? 98  ASN A CB  1 
ATOM   760  C CG  . ASN A 1 98  ? 22.132  -19.772 -7.938  1.00 58.98  ? 98  ASN A CG  1 
ATOM   761  O OD1 . ASN A 1 98  ? 22.967  -20.118 -8.783  1.00 62.58  ? 98  ASN A OD1 1 
ATOM   762  N ND2 . ASN A 1 98  ? 22.194  -20.158 -6.665  1.00 60.47  ? 98  ASN A ND2 1 
ATOM   763  N N   . LEU A 1 99  ? 19.091  -21.317 -7.833  1.00 50.06  ? 99  LEU A N   1 
ATOM   764  C CA  . LEU A 1 99  ? 18.957  -22.664 -7.305  1.00 51.60  ? 99  LEU A CA  1 
ATOM   765  C C   . LEU A 1 99  ? 18.175  -23.583 -8.240  1.00 53.13  ? 99  LEU A C   1 
ATOM   766  O O   . LEU A 1 99  ? 18.415  -24.786 -8.265  1.00 56.76  ? 99  LEU A O   1 
ATOM   767  C CB  . LEU A 1 99  ? 18.309  -22.621 -5.921  1.00 49.32  ? 99  LEU A CB  1 
ATOM   768  C CG  . LEU A 1 99  ? 18.453  -23.856 -5.039  1.00 52.58  ? 99  LEU A CG  1 
ATOM   769  C CD1 . LEU A 1 99  ? 19.896  -24.353 -4.974  1.00 52.36  ? 99  LEU A CD1 1 
ATOM   770  C CD2 . LEU A 1 99  ? 17.933  -23.526 -3.648  1.00 53.44  ? 99  LEU A CD2 1 
ATOM   771  N N   . VAL A 1 100 ? 17.245  -23.009 -8.998  1.00 55.14  ? 100 VAL A N   1 
ATOM   772  C CA  . VAL A 1 100 ? 16.494  -23.746 -10.010 1.00 56.32  ? 100 VAL A CA  1 
ATOM   773  C C   . VAL A 1 100 ? 17.384  -24.183 -11.188 1.00 60.12  ? 100 VAL A C   1 
ATOM   774  O O   . VAL A 1 100 ? 17.336  -25.354 -11.564 1.00 57.24  ? 100 VAL A O   1 
ATOM   775  C CB  . VAL A 1 100 ? 15.260  -22.936 -10.494 1.00 56.49  ? 100 VAL A CB  1 
ATOM   776  C CG1 . VAL A 1 100 ? 14.621  -23.556 -11.727 1.00 56.92  ? 100 VAL A CG1 1 
ATOM   777  C CG2 . VAL A 1 100 ? 14.232  -22.852 -9.379  1.00 57.84  ? 100 VAL A CG2 1 
ATOM   778  N N   . HIS A 1 101 ? 18.192  -23.259 -11.728 1.00 65.63  ? 101 HIS A N   1 
ATOM   779  C CA  . HIS A 1 101 ? 18.935  -23.416 -13.016 1.00 71.31  ? 101 HIS A CA  1 
ATOM   780  C C   . HIS A 1 101 ? 18.767  -24.747 -13.780 1.00 75.11  ? 101 HIS A C   1 
ATOM   781  O O   . HIS A 1 101 ? 18.404  -24.773 -14.962 1.00 74.56  ? 101 HIS A O   1 
ATOM   782  C CB  . HIS A 1 101 ? 20.437  -23.068 -12.855 1.00 74.18  ? 101 HIS A CB  1 
ATOM   783  C CG  . HIS A 1 101 ? 21.273  -24.149 -12.229 1.00 77.58  ? 101 HIS A CG  1 
ATOM   784  N ND1 . HIS A 1 101 ? 21.657  -25.287 -12.909 1.00 80.81  ? 101 HIS A ND1 1 
ATOM   785  C CD2 . HIS A 1 101 ? 21.840  -24.240 -11.003 1.00 78.39  ? 101 HIS A CD2 1 
ATOM   786  C CE1 . HIS A 1 101 ? 22.397  -26.042 -12.119 1.00 81.96  ? 101 HIS A CE1 1 
ATOM   787  N NE2 . HIS A 1 101 ? 22.521  -25.430 -10.955 1.00 81.87  ? 101 HIS A NE2 1 
ATOM   788  N N   . GLY B 1 3   ? 20.147  -26.669 3.173   1.00 40.55  ? 3   GLY B N   1 
ATOM   789  C CA  . GLY B 1 3   ? 20.367  -25.379 3.899   1.00 39.32  ? 3   GLY B CA  1 
ATOM   790  C C   . GLY B 1 3   ? 19.871  -24.128 3.183   1.00 38.22  ? 3   GLY B C   1 
ATOM   791  O O   . GLY B 1 3   ? 19.244  -23.261 3.803   1.00 34.97  ? 3   GLY B O   1 
ATOM   792  N N   . THR B 1 4   ? 20.167  -24.030 1.885   1.00 36.74  ? 4   THR B N   1 
ATOM   793  C CA  . THR B 1 4   ? 19.802  -22.862 1.076   1.00 35.97  ? 4   THR B CA  1 
ATOM   794  C C   . THR B 1 4   ? 18.295  -22.668 1.035   1.00 34.00  ? 4   THR B C   1 
ATOM   795  O O   . THR B 1 4   ? 17.781  -21.566 1.243   1.00 30.06  ? 4   THR B O   1 
ATOM   796  C CB  . THR B 1 4   ? 20.327  -22.991 -0.353  1.00 37.19  ? 4   THR B CB  1 
ATOM   797  O OG1 . THR B 1 4   ? 21.681  -23.449 -0.302  1.00 40.54  ? 4   THR B OG1 1 
ATOM   798  C CG2 . THR B 1 4   ? 20.285  -21.643 -1.083  1.00 37.65  ? 4   THR B CG2 1 
ATOM   799  N N   . LEU B 1 5   ? 17.615  -23.775 0.794   1.00 34.70  ? 5   LEU B N   1 
ATOM   800  C CA  . LEU B 1 5   ? 16.162  -23.853 0.766   1.00 35.71  ? 5   LEU B CA  1 
ATOM   801  C C   . LEU B 1 5   ? 15.550  -23.333 2.067   1.00 30.18  ? 5   LEU B C   1 
ATOM   802  O O   . LEU B 1 5   ? 14.611  -22.542 2.044   1.00 25.62  ? 5   LEU B O   1 
ATOM   803  C CB  . LEU B 1 5   ? 15.738  -25.317 0.501   1.00 39.54  ? 5   LEU B CB  1 
ATOM   804  C CG  . LEU B 1 5   ? 14.833  -25.600 -0.697  1.00 44.46  ? 5   LEU B CG  1 
ATOM   805  C CD1 . LEU B 1 5   ? 15.512  -25.178 -1.987  1.00 47.29  ? 5   LEU B CD1 1 
ATOM   806  C CD2 . LEU B 1 5   ? 14.496  -27.082 -0.738  1.00 46.33  ? 5   LEU B CD2 1 
ATOM   807  N N   . ASN B 1 6   ? 16.116  -23.751 3.192   1.00 29.59  ? 6   ASN B N   1 
ATOM   808  C CA  . ASN B 1 6   ? 15.714  -23.242 4.508   1.00 28.95  ? 6   ASN B CA  1 
ATOM   809  C C   . ASN B 1 6   ? 15.953  -21.734 4.628   1.00 27.70  ? 6   ASN B C   1 
ATOM   810  O O   . ASN B 1 6   ? 15.110  -21.043 5.180   1.00 24.64  ? 6   ASN B O   1 
ATOM   811  C CB  . ASN B 1 6   ? 16.421  -24.017 5.635   1.00 32.03  ? 6   ASN B CB  1 
ATOM   812  C CG  . ASN B 1 6   ? 16.026  -23.544 7.052   1.00 35.27  ? 6   ASN B CG  1 
ATOM   813  O OD1 . ASN B 1 6   ? 16.898  -23.320 7.903   1.00 43.38  ? 6   ASN B OD1 1 
ATOM   814  N ND2 . ASN B 1 6   ? 14.726  -23.402 7.313   1.00 34.44  ? 6   ASN B ND2 1 
ATOM   815  N N   . GLN B 1 7   ? 17.080  -21.235 4.093   1.00 28.42  ? 7   GLN B N   1 
ATOM   816  C CA  . GLN B 1 7   ? 17.378  -19.793 4.100   1.00 28.45  ? 7   GLN B CA  1 
ATOM   817  C C   . GLN B 1 7   ? 16.362  -19.038 3.235   1.00 25.02  ? 7   GLN B C   1 
ATOM   818  O O   . GLN B 1 7   ? 15.911  -17.970 3.624   1.00 21.24  ? 7   GLN B O   1 
ATOM   819  C CB  . GLN B 1 7   ? 18.816  -19.486 3.644   1.00 32.96  ? 7   GLN B CB  1 
ATOM   820  C CG  . GLN B 1 7   ? 19.911  -20.029 4.560   1.00 36.78  ? 7   GLN B CG  1 
ATOM   821  C CD  . GLN B 1 7   ? 21.300  -20.060 3.917   1.00 40.63  ? 7   GLN B CD  1 
ATOM   822  O OE1 . GLN B 1 7   ? 21.600  -19.277 2.999   1.00 42.16  ? 7   GLN B OE1 1 
ATOM   823  N NE2 . GLN B 1 7   ? 22.153  -20.977 4.390   1.00 39.65  ? 7   GLN B NE2 1 
ATOM   824  N N   . LEU B 1 8   ? 15.958  -19.616 2.099   1.00 23.72  ? 8   LEU B N   1 
ATOM   825  C CA  . LEU B 1 8   ? 14.897  -18.999 1.282   1.00 23.76  ? 8   LEU B CA  1 
ATOM   826  C C   . LEU B 1 8   ? 13.571  -18.959 2.042   1.00 20.63  ? 8   LEU B C   1 
ATOM   827  O O   . LEU B 1 8   ? 12.939  -17.903 2.151   1.00 18.73  ? 8   LEU B O   1 
ATOM   828  C CB  . LEU B 1 8   ? 14.706  -19.709 -0.062  1.00 25.21  ? 8   LEU B CB  1 
ATOM   829  C CG  . LEU B 1 8   ? 15.915  -19.963 -0.960  1.00 27.39  ? 8   LEU B CG  1 
ATOM   830  C CD1 . LEU B 1 8   ? 15.481  -20.638 -2.256  1.00 29.55  ? 8   LEU B CD1 1 
ATOM   831  C CD2 . LEU B 1 8   ? 16.679  -18.691 -1.252  1.00 28.91  ? 8   LEU B CD2 1 
ATOM   832  N N   . PHE B 1 9   ? 13.176  -20.085 2.608   1.00 20.92  ? 9   PHE B N   1 
ATOM   833  C CA  . PHE B 1 9   ? 11.931  -20.113 3.394   1.00 21.38  ? 9   PHE B CA  1 
ATOM   834  C C   . PHE B 1 9   ? 11.921  -19.033 4.500   1.00 21.67  ? 9   PHE B C   1 
ATOM   835  O O   . PHE B 1 9   ? 10.979  -18.231 4.596   1.00 19.93  ? 9   PHE B O   1 
ATOM   836  C CB  . PHE B 1 9   ? 11.673  -21.485 3.987   1.00 21.53  ? 9   PHE B CB  1 
ATOM   837  C CG  . PHE B 1 9   ? 10.515  -21.497 4.930   1.00 23.51  ? 9   PHE B CG  1 
ATOM   838  C CD1 . PHE B 1 9   ? 9.212   -21.412 4.441   1.00 23.07  ? 9   PHE B CD1 1 
ATOM   839  C CD2 . PHE B 1 9   ? 10.719  -21.551 6.313   1.00 24.25  ? 9   PHE B CD2 1 
ATOM   840  C CE1 . PHE B 1 9   ? 8.130   -21.395 5.305   1.00 24.12  ? 9   PHE B CE1 1 
ATOM   841  C CE2 . PHE B 1 9   ? 9.644   -21.518 7.184   1.00 25.58  ? 9   PHE B CE2 1 
ATOM   842  C CZ  . PHE B 1 9   ? 8.340   -21.458 6.673   1.00 25.97  ? 9   PHE B CZ  1 
ATOM   843  N N   . HIS B 1 10  ? 12.987  -19.022 5.304   1.00 21.04  ? 10  HIS B N   1 
ATOM   844  C CA  . HIS B 1 10  ? 13.155  -18.088 6.406   1.00 21.64  ? 10  HIS B CA  1 
ATOM   845  C C   . HIS B 1 10  ? 13.053  -16.634 5.940   1.00 19.43  ? 10  HIS B C   1 
ATOM   846  O O   . HIS B 1 10  ? 12.310  -15.866 6.560   1.00 16.95  ? 10  HIS B O   1 
ATOM   847  C CB  . HIS B 1 10  ? 14.499  -18.392 7.133   1.00 24.27  ? 10  HIS B CB  1 
ATOM   848  C CG  . HIS B 1 10  ? 15.000  -17.321 8.057   1.00 26.46  ? 10  HIS B CG  1 
ATOM   849  N ND1 . HIS B 1 10  ? 15.565  -16.145 7.610   1.00 31.05  ? 10  HIS B ND1 1 
ATOM   850  C CD2 . HIS B 1 10  ? 15.115  -17.297 9.406   1.00 30.43  ? 10  HIS B CD2 1 
ATOM   851  C CE1 . HIS B 1 10  ? 15.944  -15.418 8.643   1.00 31.35  ? 10  HIS B CE1 1 
ATOM   852  N NE2 . HIS B 1 10  ? 15.681  -16.096 9.745   1.00 31.47  ? 10  HIS B NE2 1 
ATOM   853  N N   . ASN B 1 11  ? 13.798  -16.282 4.883   1.00 18.10  ? 11  ASN B N   1 
ATOM   854  C CA  . ASN B 1 11  ? 13.832  -14.924 4.346   1.00 19.32  ? 11  ASN B CA  1 
ATOM   855  C C   . ASN B 1 11  ? 12.435  -14.527 3.813   1.00 19.13  ? 11  ASN B C   1 
ATOM   856  O O   . ASN B 1 11  ? 11.860  -13.465 4.161   1.00 15.83  ? 11  ASN B O   1 
ATOM   857  C CB  . ASN B 1 11  ? 14.902  -14.795 3.229   1.00 20.41  ? 11  ASN B CB  1 
ATOM   858  C CG  . ASN B 1 11  ? 16.365  -14.888 3.747   1.00 22.25  ? 11  ASN B CG  1 
ATOM   859  O OD1 . ASN B 1 11  ? 16.627  -14.826 4.947   1.00 22.61  ? 11  ASN B OD1 1 
ATOM   860  N ND2 . ASN B 1 11  ? 17.321  -15.044 2.817   1.00 22.47  ? 11  ASN B ND2 1 
ATOM   861  N N   . LEU B 1 12  ? 11.861  -15.417 3.007   1.00 19.95  ? 12  LEU B N   1 
ATOM   862  C CA  . LEU B 1 12  ? 10.571  -15.136 2.422   1.00 19.52  ? 12  LEU B CA  1 
ATOM   863  C C   . LEU B 1 12  ? 9.554   -15.024 3.547   1.00 18.18  ? 12  LEU B C   1 
ATOM   864  O O   . LEU B 1 12  ? 8.711   -14.135 3.528   1.00 17.02  ? 12  LEU B O   1 
ATOM   865  C CB  . LEU B 1 12  ? 10.166  -16.193 1.394   1.00 20.65  ? 12  LEU B CB  1 
ATOM   866  C CG  . LEU B 1 12  ? 8.772   -15.942 0.775   1.00 21.77  ? 12  LEU B CG  1 
ATOM   867  C CD1 . LEU B 1 12  ? 8.745   -14.633 -0.002  1.00 22.50  ? 12  LEU B CD1 1 
ATOM   868  C CD2 . LEU B 1 12  ? 8.337   -17.098 -0.102  1.00 22.26  ? 12  LEU B CD2 1 
ATOM   869  N N   . ASN B 1 13  ? 9.664   -15.877 4.561   1.00 17.51  ? 13  ASN B N   1 
ATOM   870  C CA  . ASN B 1 13  ? 8.728   -15.798 5.677   1.00 18.38  ? 13  ASN B CA  1 
ATOM   871  C C   . ASN B 1 13  ? 8.721   -14.411 6.325   1.00 18.18  ? 13  ASN B C   1 
ATOM   872  O O   . ASN B 1 13  ? 7.664   -13.840 6.596   1.00 17.93  ? 13  ASN B O   1 
ATOM   873  C CB  . ASN B 1 13  ? 9.019   -16.861 6.716   1.00 20.82  ? 13  ASN B CB  1 
ATOM   874  C CG  . ASN B 1 13  ? 7.891   -16.993 7.721   1.00 22.83  ? 13  ASN B CG  1 
ATOM   875  O OD1 . ASN B 1 13  ? 6.760   -17.180 7.347   1.00 24.45  ? 13  ASN B OD1 1 
ATOM   876  N ND2 . ASN B 1 13  ? 8.195   -16.820 8.985   1.00 26.28  ? 13  ASN B ND2 1 
ATOM   877  N N   . GLU B 1 14  ? 9.906   -13.849 6.534   1.00 16.83  ? 14  GLU B N   1 
ATOM   878  C CA  . GLU B 1 14  ? 10.013  -12.479 7.090   1.00 16.79  ? 14  GLU B CA  1 
ATOM   879  C C   . GLU B 1 14  ? 9.419   -11.408 6.167   1.00 16.30  ? 14  GLU B C   1 
ATOM   880  O O   . GLU B 1 14  ? 8.707   -10.519 6.625   1.00 14.93  ? 14  GLU B O   1 
ATOM   881  C CB  . GLU B 1 14  ? 11.479  -12.150 7.409   1.00 17.04  ? 14  GLU B CB  1 
ATOM   882  C CG  . GLU B 1 14  ? 12.015  -13.042 8.531   1.00 18.11  ? 14  GLU B CG  1 
ATOM   883  C CD  . GLU B 1 14  ? 13.413  -12.661 8.960   1.00 19.89  ? 14  GLU B CD  1 
ATOM   884  O OE1 . GLU B 1 14  ? 13.916  -13.337 9.860   1.00 22.06  ? 14  GLU B OE1 1 
ATOM   885  O OE2 . GLU B 1 14  ? 13.992  -11.707 8.407   1.00 19.94  ? 14  GLU B OE2 1 
ATOM   886  N N   . ILE B 1 15  ? 9.725   -11.511 4.879   1.00 16.16  ? 15  ILE B N   1 
ATOM   887  C CA  . ILE B 1 15  ? 9.219   -10.574 3.897   1.00 16.50  ? 15  ILE B CA  1 
ATOM   888  C C   . ILE B 1 15  ? 7.684   -10.609 3.841   1.00 16.30  ? 15  ILE B C   1 
ATOM   889  O O   . ILE B 1 15  ? 7.041   -9.560  3.852   1.00 15.73  ? 15  ILE B O   1 
ATOM   890  C CB  . ILE B 1 15  ? 9.824   -10.846 2.508   1.00 18.50  ? 15  ILE B CB  1 
ATOM   891  C CG1 . ILE B 1 15  ? 11.329  -10.542 2.525   1.00 19.86  ? 15  ILE B CG1 1 
ATOM   892  C CG2 . ILE B 1 15  ? 9.143   -9.979  1.457   1.00 19.47  ? 15  ILE B CG2 1 
ATOM   893  C CD1 . ILE B 1 15  ? 12.080  -11.035 1.301   1.00 21.51  ? 15  ILE B CD1 1 
ATOM   894  N N   . VAL B 1 16  ? 7.116   -11.808 3.844   1.00 15.65  ? 16  VAL B N   1 
ATOM   895  C CA  . VAL B 1 16  ? 5.668   -11.974 3.818   1.00 15.51  ? 16  VAL B CA  1 
ATOM   896  C C   . VAL B 1 16  ? 5.041   -11.325 5.050   1.00 15.96  ? 16  VAL B C   1 
ATOM   897  O O   . VAL B 1 16  ? 4.094   -10.536 4.929   1.00 14.90  ? 16  VAL B O   1 
ATOM   898  C CB  . VAL B 1 16  ? 5.263   -13.442 3.686   1.00 16.19  ? 16  VAL B CB  1 
ATOM   899  C CG1 . VAL B 1 16  ? 3.745   -13.621 3.820   1.00 16.18  ? 16  VAL B CG1 1 
ATOM   900  C CG2 . VAL B 1 16  ? 5.741   -14.027 2.351   1.00 16.41  ? 16  VAL B CG2 1 
ATOM   901  N N   . GLU B 1 17  ? 5.559   -11.663 6.235   1.00 15.75  ? 17  GLU B N   1 
ATOM   902  C CA  . GLU B 1 17  ? 5.115   -11.003 7.472   1.00 16.14  ? 17  GLU B CA  1 
ATOM   903  C C   . GLU B 1 17  ? 5.200   -9.449  7.424   1.00 15.05  ? 17  GLU B C   1 
ATOM   904  O O   . GLU B 1 17  ? 4.260   -8.723  7.820   1.00 13.25  ? 17  GLU B O   1 
ATOM   905  C CB  . GLU B 1 17  ? 5.945   -11.502 8.658   1.00 17.31  ? 17  GLU B CB  1 
ATOM   906  C CG  . GLU B 1 17  ? 5.782   -12.980 9.005   1.00 18.79  ? 17  GLU B CG  1 
ATOM   907  C CD  . GLU B 1 17  ? 6.717   -13.412 10.174  1.00 19.56  ? 17  GLU B CD  1 
ATOM   908  O OE1 . GLU B 1 17  ? 6.539   -14.531 10.675  1.00 21.58  ? 17  GLU B OE1 1 
ATOM   909  O OE2 . GLU B 1 17  ? 7.625   -12.652 10.593  1.00 20.51  ? 17  GLU B OE2 1 
ATOM   910  N N   . ASP B 1 18  ? 6.341   -8.959  6.965   1.00 15.39  ? 18  ASP B N   1 
ATOM   911  C CA  . ASP B 1 18  ? 6.557   -7.525  6.779   1.00 16.24  ? 18  ASP B CA  1 
ATOM   912  C C   . ASP B 1 18  ? 5.535   -6.922  5.814   1.00 16.61  ? 18  ASP B C   1 
ATOM   913  O O   . ASP B 1 18  ? 5.062   -5.835  6.060   1.00 14.62  ? 18  ASP B O   1 
ATOM   914  C CB  . ASP B 1 18  ? 8.004   -7.211  6.317   1.00 17.03  ? 18  ASP B CB  1 
ATOM   915  C CG  . ASP B 1 18  ? 9.037   -7.367  7.449   1.00 18.06  ? 18  ASP B CG  1 
ATOM   916  O OD1 . ASP B 1 18  ? 8.630   -7.583  8.586   1.00 17.55  ? 18  ASP B OD1 1 
ATOM   917  O OD2 . ASP B 1 18  ? 10.253  -7.275  7.207   1.00 19.80  ? 18  ASP B OD2 1 
ATOM   918  N N   . LEU B 1 19  ? 5.171   -7.639  4.752   1.00 18.54  ? 19  LEU B N   1 
ATOM   919  C CA  . LEU B 1 19  ? 4.161   -7.125  3.790   1.00 20.47  ? 19  LEU B CA  1 
ATOM   920  C C   . LEU B 1 19  ? 2.802   -6.971  4.423   1.00 22.62  ? 19  LEU B C   1 
ATOM   921  O O   . LEU B 1 19  ? 2.112   -5.973  4.187   1.00 23.95  ? 19  LEU B O   1 
ATOM   922  C CB  . LEU B 1 19  ? 4.026   -8.003  2.551   1.00 20.59  ? 19  LEU B CB  1 
ATOM   923  C CG  . LEU B 1 19  ? 5.157   -7.946  1.523   1.00 21.40  ? 19  LEU B CG  1 
ATOM   924  C CD1 . LEU B 1 19  ? 4.992   -9.114  0.543   1.00 22.56  ? 19  LEU B CD1 1 
ATOM   925  C CD2 . LEU B 1 19  ? 5.166   -6.593  0.820   1.00 21.12  ? 19  LEU B CD2 1 
ATOM   926  N N   . ASN B 1 20  ? 2.407   -7.972  5.201   1.00 25.88  ? 20  ASN B N   1 
ATOM   927  C CA  . ASN B 1 20  ? 1.099   -7.963  5.842   1.00 28.23  ? 20  ASN B CA  1 
ATOM   928  C C   . ASN B 1 20  ? 1.045   -6.930  6.978   1.00 27.07  ? 20  ASN B C   1 
ATOM   929  O O   . ASN B 1 20  ? 0.058   -6.230  7.088   1.00 26.47  ? 20  ASN B O   1 
ATOM   930  C CB  . ASN B 1 20  ? 0.706   -9.378  6.319   1.00 33.14  ? 20  ASN B CB  1 
ATOM   931  C CG  . ASN B 1 20  ? -0.712  -9.767  5.891   1.00 36.30  ? 20  ASN B CG  1 
ATOM   932  O OD1 . ASN B 1 20  ? -1.016  -9.836  4.680   1.00 41.30  ? 20  ASN B OD1 1 
ATOM   933  N ND2 . ASN B 1 20  ? -1.590  -10.020 6.867   1.00 35.13  ? 20  ASN B ND2 1 
ATOM   934  N N   . LYS B 1 21  ? 2.110   -6.799  7.775   1.00 27.56  ? 21  LYS B N   1 
ATOM   935  C CA  . LYS B 1 21  ? 2.172   -5.759  8.827   1.00 29.35  ? 21  LYS B CA  1 
ATOM   936  C C   . LYS B 1 21  ? 2.154   -4.343  8.279   1.00 27.15  ? 21  LYS B C   1 
ATOM   937  O O   . LYS B 1 21  ? 1.517   -3.458  8.863   1.00 23.80  ? 21  LYS B O   1 
ATOM   938  C CB  . LYS B 1 21  ? 3.400   -5.938  9.723   1.00 33.60  ? 21  LYS B CB  1 
ATOM   939  C CG  . LYS B 1 21  ? 3.660   -4.847  10.778  1.00 39.30  ? 21  LYS B CG  1 
ATOM   940  C CD  . LYS B 1 21  ? 2.613   -4.782  11.884  1.00 43.24  ? 21  LYS B CD  1 
ATOM   941  C CE  . LYS B 1 21  ? 3.153   -4.042  13.114  1.00 48.07  ? 21  LYS B CE  1 
ATOM   942  N NZ  . LYS B 1 21  ? 4.256   -4.756  13.839  1.00 48.61  ? 21  LYS B NZ  1 
ATOM   943  N N   . ASN B 1 22  ? 2.848   -4.108  7.173   1.00 26.21  ? 22  ASN B N   1 
ATOM   944  C CA  . ASN B 1 22  ? 2.824   -2.787  6.578   1.00 26.71  ? 22  ASN B CA  1 
ATOM   945  C C   . ASN B 1 22  ? 1.429   -2.451  6.044   1.00 23.40  ? 22  ASN B C   1 
ATOM   946  O O   . ASN B 1 22  ? 0.993   -1.323  6.168   1.00 21.44  ? 22  ASN B O   1 
ATOM   947  C CB  . ASN B 1 22  ? 3.860   -2.629  5.462   1.00 30.49  ? 22  ASN B CB  1 
ATOM   948  C CG  . ASN B 1 22  ? 5.295   -2.724  5.950   1.00 36.43  ? 22  ASN B CG  1 
ATOM   949  O OD1 . ASN B 1 22  ? 6.135   -3.313  5.261   1.00 44.56  ? 22  ASN B OD1 1 
ATOM   950  N ND2 . ASN B 1 22  ? 5.602   -2.127  7.105   1.00 36.09  ? 22  ASN B ND2 1 
ATOM   951  N N   . TRP B 1 23  ? 0.718   -3.411  5.457   1.00 23.65  ? 23  TRP B N   1 
ATOM   952  C CA  . TRP B 1 23  ? -0.662  -3.127  5.023   1.00 21.57  ? 23  TRP B CA  1 
ATOM   953  C C   . TRP B 1 23  ? -1.573  -2.868  6.230   1.00 20.77  ? 23  TRP B C   1 
ATOM   954  O O   . TRP B 1 23  ? -2.318  -1.914  6.217   1.00 19.96  ? 23  TRP B O   1 
ATOM   955  C CB  . TRP B 1 23  ? -1.241  -4.238  4.187   1.00 22.82  ? 23  TRP B CB  1 
ATOM   956  C CG  . TRP B 1 23  ? -2.695  -4.014  3.899   1.00 24.13  ? 23  TRP B CG  1 
ATOM   957  C CD1 . TRP B 1 23  ? -3.717  -4.856  4.210   1.00 23.67  ? 23  TRP B CD1 1 
ATOM   958  C CD2 . TRP B 1 23  ? -3.303  -2.838  3.326   1.00 23.12  ? 23  TRP B CD2 1 
ATOM   959  N NE1 . TRP B 1 23  ? -4.912  -4.311  3.811   1.00 24.62  ? 23  TRP B NE1 1 
ATOM   960  C CE2 . TRP B 1 23  ? -4.692  -3.075  3.272   1.00 23.47  ? 23  TRP B CE2 1 
ATOM   961  C CE3 . TRP B 1 23  ? -2.808  -1.628  2.830   1.00 23.29  ? 23  TRP B CE3 1 
ATOM   962  C CZ2 . TRP B 1 23  ? -5.593  -2.149  2.754   1.00 23.39  ? 23  TRP B CZ2 1 
ATOM   963  C CZ3 . TRP B 1 23  ? -3.713  -0.699  2.310   1.00 23.97  ? 23  TRP B CZ3 1 
ATOM   964  C CH2 . TRP B 1 23  ? -5.087  -0.974  2.268   1.00 23.57  ? 23  TRP B CH2 1 
ATOM   965  N N   . HIS B 1 24  ? -1.463  -3.662  7.291   1.00 20.72  ? 24  HIS B N   1 
ATOM   966  C CA  . HIS B 1 24  ? -2.201  -3.357  8.541   1.00 22.16  ? 24  HIS B CA  1 
ATOM   967  C C   . HIS B 1 24  ? -1.987  -1.888  8.961   1.00 22.70  ? 24  HIS B C   1 
ATOM   968  O O   . HIS B 1 24  ? -2.933  -1.169  9.315   1.00 23.00  ? 24  HIS B O   1 
ATOM   969  C CB  . HIS B 1 24  ? -1.784  -4.247  9.724   1.00 22.93  ? 24  HIS B CB  1 
ATOM   970  C CG  . HIS B 1 24  ? -2.053  -5.714  9.563   1.00 22.59  ? 24  HIS B CG  1 
ATOM   971  N ND1 . HIS B 1 24  ? -3.005  -6.230  8.715   1.00 22.63  ? 24  HIS B ND1 1 
ATOM   972  C CD2 . HIS B 1 24  ? -1.466  -6.780  10.155  1.00 21.59  ? 24  HIS B CD2 1 
ATOM   973  C CE1 . HIS B 1 24  ? -3.013  -7.547  8.803   1.00 21.51  ? 24  HIS B CE1 1 
ATOM   974  N NE2 . HIS B 1 24  ? -2.084  -7.906  9.664   1.00 24.53  ? 24  HIS B NE2 1 
ATOM   975  N N   . ARG B 1 25  ? -0.734  -1.457  8.915   1.00 22.91  ? 25  ARG B N   1 
ATOM   976  C CA  . ARG B 1 25  ? -0.366  -0.077  9.255   1.00 24.52  ? 25  ARG B CA  1 
ATOM   977  C C   . ARG B 1 25  ? -0.905  0.969   8.328   1.00 23.46  ? 25  ARG B C   1 
ATOM   978  O O   . ARG B 1 25  ? -1.404  2.005   8.761   1.00 22.57  ? 25  ARG B O   1 
ATOM   979  C CB  . ARG B 1 25  ? 1.144   0.090   9.220   1.00 26.94  ? 25  ARG B CB  1 
ATOM   980  C CG  . ARG B 1 25  ? 1.841   -0.297  10.483  1.00 28.04  ? 25  ARG B CG  1 
ATOM   981  C CD  . ARG B 1 25  ? 3.329   -0.047  10.265  1.00 27.12  ? 25  ARG B CD  1 
ATOM   982  N NE  . ARG B 1 25  ? 4.078   -0.484  11.431  1.00 25.70  ? 25  ARG B NE  1 
ATOM   983  C CZ  . ARG B 1 25  ? 5.362   -0.821  11.451  1.00 22.96  ? 25  ARG B CZ  1 
ATOM   984  N NH1 . ARG B 1 25  ? 6.119   -0.770  10.365  1.00 21.66  ? 25  ARG B NH1 1 
ATOM   985  N NH2 . ARG B 1 25  ? 5.884   -1.218  12.596  1.00 23.97  ? 25  ARG B NH2 1 
ATOM   986  N N   . GLU B 1 26  ? -0.710  0.728   7.042   1.00 23.33  ? 26  GLU B N   1 
ATOM   987  C CA  . GLU B 1 26  ? -1.151  1.663   6.027   1.00 24.50  ? 26  GLU B CA  1 
ATOM   988  C C   . GLU B 1 26  ? -2.681  1.763   6.030   1.00 23.69  ? 26  GLU B C   1 
ATOM   989  O O   . GLU B 1 26  ? -3.206  2.869   5.940   1.00 21.44  ? 26  GLU B O   1 
ATOM   990  C CB  . GLU B 1 26  ? -0.617  1.286   4.639   1.00 25.98  ? 26  GLU B CB  1 
ATOM   991  C CG  . GLU B 1 26  ? -1.156  2.196   3.551   1.00 28.35  ? 26  GLU B CG  1 
ATOM   992  C CD  . GLU B 1 26  ? -0.440  2.064   2.217   1.00 32.06  ? 26  GLU B CD  1 
ATOM   993  O OE1 . GLU B 1 26  ? 0.094   0.959   1.922   1.00 30.83  ? 26  GLU B OE1 1 
ATOM   994  O OE2 . GLU B 1 26  ? -0.450  3.081   1.467   1.00 32.55  ? 26  GLU B OE2 1 
ATOM   995  N N   A ARG B 1 27  ? -3.371  0.622   6.144   0.50 23.70  ? 27  ARG B N   1 
ATOM   996  N N   B ARG B 1 27  ? -3.370  0.624   6.143   0.50 23.01  ? 27  ARG B N   1 
ATOM   997  C CA  A ARG B 1 27  ? -4.834  0.604   6.190   0.50 24.63  ? 27  ARG B CA  1 
ATOM   998  C CA  B ARG B 1 27  ? -4.830  0.602   6.189   0.50 23.39  ? 27  ARG B CA  1 
ATOM   999  C C   A ARG B 1 27  ? -5.379  1.509   7.297   0.50 25.80  ? 27  ARG B C   1 
ATOM   1000 C C   B ARG B 1 27  ? -5.382  1.503   7.297   0.50 25.05  ? 27  ARG B C   1 
ATOM   1001 O O   A ARG B 1 27  ? -6.246  2.338   7.045   0.50 25.61  ? 27  ARG B O   1 
ATOM   1002 O O   B ARG B 1 27  ? -6.255  2.324   7.046   0.50 24.92  ? 27  ARG B O   1 
ATOM   1003 C CB  A ARG B 1 27  ? -5.356  -0.820  6.377   0.50 25.03  ? 27  ARG B CB  1 
ATOM   1004 C CB  B ARG B 1 27  ? -5.323  -0.829  6.375   0.50 22.81  ? 27  ARG B CB  1 
ATOM   1005 C CG  A ARG B 1 27  ? -6.868  -0.917  6.244   0.50 25.71  ? 27  ARG B CG  1 
ATOM   1006 C CG  B ARG B 1 27  ? -6.790  -1.033  6.051   0.50 22.55  ? 27  ARG B CG  1 
ATOM   1007 C CD  A ARG B 1 27  ? -7.409  -2.316  6.508   0.50 26.47  ? 27  ARG B CD  1 
ATOM   1008 C CD  B ARG B 1 27  ? -7.118  -2.516  5.972   0.50 22.34  ? 27  ARG B CD  1 
ATOM   1009 N NE  A ARG B 1 27  ? -8.731  -2.493  5.906   0.50 26.39  ? 27  ARG B NE  1 
ATOM   1010 N NE  B ARG B 1 27  ? -6.815  -3.213  7.219   0.50 21.55  ? 27  ARG B NE  1 
ATOM   1011 C CZ  A ARG B 1 27  ? -9.879  -2.563  6.575   0.50 27.54  ? 27  ARG B CZ  1 
ATOM   1012 C CZ  B ARG B 1 27  ? -6.803  -4.535  7.357   0.50 21.59  ? 27  ARG B CZ  1 
ATOM   1013 N NH1 A ARG B 1 27  ? -9.903  -2.489  7.904   0.50 28.20  ? 27  ARG B NH1 1 
ATOM   1014 N NH1 B ARG B 1 27  ? -7.056  -5.317  6.317   0.50 21.61  ? 27  ARG B NH1 1 
ATOM   1015 N NH2 A ARG B 1 27  ? -11.013 -2.714  5.905   0.50 27.47  ? 27  ARG B NH2 1 
ATOM   1016 N NH2 B ARG B 1 27  ? -6.529  -5.077  8.540   0.50 21.24  ? 27  ARG B NH2 1 
ATOM   1017 N N   . ARG B 1 28  ? -4.846  1.351   8.509   1.00 27.52  ? 28  ARG B N   1 
ATOM   1018 C CA  . ARG B 1 28  ? -5.177  2.226   9.648   1.00 30.92  ? 28  ARG B CA  1 
ATOM   1019 C C   . ARG B 1 28  ? -4.948  3.686   9.365   1.00 28.84  ? 28  ARG B C   1 
ATOM   1020 O O   . ARG B 1 28  ? -5.817  4.508   9.619   1.00 29.68  ? 28  ARG B O   1 
ATOM   1021 C CB  . ARG B 1 28  ? -4.335  1.879   10.890  1.00 36.26  ? 28  ARG B CB  1 
ATOM   1022 C CG  . ARG B 1 28  ? -4.978  0.846   11.793  1.00 45.57  ? 28  ARG B CG  1 
ATOM   1023 C CD  . ARG B 1 28  ? -3.983  0.236   12.773  1.00 55.01  ? 28  ARG B CD  1 
ATOM   1024 N NE  . ARG B 1 28  ? -4.436  -1.071  13.258  1.00 60.17  ? 28  ARG B NE  1 
ATOM   1025 C CZ  . ARG B 1 28  ? -3.663  -1.988  13.849  1.00 68.75  ? 28  ARG B CZ  1 
ATOM   1026 N NH1 . ARG B 1 28  ? -2.359  -1.775  14.056  1.00 72.17  ? 28  ARG B NH1 1 
ATOM   1027 N NH2 . ARG B 1 28  ? -4.200  -3.144  14.244  1.00 69.63  ? 28  ARG B NH2 1 
ATOM   1028 N N   . THR B 1 29  ? -3.754  3.983   8.862   1.00 27.45  ? 29  THR B N   1 
ATOM   1029 C CA  . THR B 1 29  ? -3.331  5.328   8.577   1.00 28.09  ? 29  THR B CA  1 
ATOM   1030 C C   . THR B 1 29  ? -4.267  5.979   7.579   1.00 28.53  ? 29  THR B C   1 
ATOM   1031 O O   . THR B 1 29  ? -4.686  7.103   7.797   1.00 28.21  ? 29  THR B O   1 
ATOM   1032 C CB  . THR B 1 29  ? -1.887  5.342   8.038   1.00 28.08  ? 29  THR B CB  1 
ATOM   1033 O OG1 . THR B 1 29  ? -1.005  4.895   9.065   1.00 30.78  ? 29  THR B OG1 1 
ATOM   1034 C CG2 . THR B 1 29  ? -1.472  6.723   7.583   1.00 28.53  ? 29  THR B CG2 1 
ATOM   1035 N N   . LEU B 1 30  ? -4.590  5.258   6.504   1.00 28.14  ? 30  LEU B N   1 
ATOM   1036 C CA  . LEU B 1 30  ? -5.482  5.770   5.458   1.00 29.10  ? 30  LEU B CA  1 
ATOM   1037 C C   . LEU B 1 30  ? -6.950  5.824   5.885   1.00 30.24  ? 30  LEU B C   1 
ATOM   1038 O O   . LEU B 1 30  ? -7.674  6.724   5.445   1.00 28.95  ? 30  LEU B O   1 
ATOM   1039 C CB  . LEU B 1 30  ? -5.338  4.943   4.198   1.00 29.08  ? 30  LEU B CB  1 
ATOM   1040 C CG  . LEU B 1 30  ? -4.041  5.097   3.384   1.00 31.57  ? 30  LEU B CG  1 
ATOM   1041 C CD1 . LEU B 1 30  ? -4.096  4.166   2.169   1.00 33.43  ? 30  LEU B CD1 1 
ATOM   1042 C CD2 . LEU B 1 30  ? -3.800  6.522   2.937   1.00 29.94  ? 30  LEU B CD2 1 
ATOM   1043 N N   . HIS B 1 31  ? -7.394  4.886   6.726   1.00 29.24  ? 31  HIS B N   1 
ATOM   1044 C CA  . HIS B 1 31  ? -8.727  4.998   7.337   1.00 33.04  ? 31  HIS B CA  1 
ATOM   1045 C C   . HIS B 1 31  ? -8.906  6.216   8.234   1.00 32.59  ? 31  HIS B C   1 
ATOM   1046 O O   . HIS B 1 31  ? -9.966  6.822   8.192   1.00 31.65  ? 31  HIS B O   1 
ATOM   1047 C CB  . HIS B 1 31  ? -9.136  3.743   8.127   1.00 34.08  ? 31  HIS B CB  1 
ATOM   1048 C CG  . HIS B 1 31  ? -9.799  2.715   7.284   1.00 37.17  ? 31  HIS B CG  1 
ATOM   1049 N ND1 . HIS B 1 31  ? -9.206  1.512   6.986   1.00 43.01  ? 31  HIS B ND1 1 
ATOM   1050 C CD2 . HIS B 1 31  ? -10.982 2.722   6.630   1.00 40.45  ? 31  HIS B CD2 1 
ATOM   1051 C CE1 . HIS B 1 31  ? -10.006 0.807   6.202   1.00 41.55  ? 31  HIS B CE1 1 
ATOM   1052 N NE2 . HIS B 1 31  ? -11.094 1.515   5.980   1.00 41.66  ? 31  HIS B NE2 1 
ATOM   1053 N N   . ASP B 1 32  ? -7.908  6.532   9.064   1.00 33.41  ? 32  ASP B N   1 
ATOM   1054 C CA  . ASP B 1 32  ? -7.963  7.754   9.893   1.00 36.34  ? 32  ASP B CA  1 
ATOM   1055 C C   . ASP B 1 32  ? -8.006  8.972   9.004   1.00 38.66  ? 32  ASP B C   1 
ATOM   1056 O O   . ASP B 1 32  ? -8.766  9.912   9.245   1.00 41.02  ? 32  ASP B O   1 
ATOM   1057 C CB  . ASP B 1 32  ? -6.748  7.879   10.812  1.00 36.73  ? 32  ASP B CB  1 
ATOM   1058 C CG  . ASP B 1 32  ? -6.680  6.791   11.848  1.00 37.96  ? 32  ASP B CG  1 
ATOM   1059 O OD1 . ASP B 1 32  ? -7.716  6.145   12.117  1.00 41.20  ? 32  ASP B OD1 1 
ATOM   1060 O OD2 . ASP B 1 32  ? -5.580  6.568   12.392  1.00 40.39  ? 32  ASP B OD2 1 
ATOM   1061 N N   . PHE B 1 33  ? -7.156  8.936   7.981   1.00 38.13  ? 33  PHE B N   1 
ATOM   1062 C CA  . PHE B 1 33  ? -7.165  9.921   6.934   1.00 39.53  ? 33  PHE B CA  1 
ATOM   1063 C C   . PHE B 1 33  ? -8.564  10.081  6.332   1.00 36.85  ? 33  PHE B C   1 
ATOM   1064 O O   . PHE B 1 33  ? -9.063  11.197  6.221   1.00 35.73  ? 33  PHE B O   1 
ATOM   1065 C CB  . PHE B 1 33  ? -6.153  9.563   5.847   1.00 41.76  ? 33  PHE B CB  1 
ATOM   1066 C CG  . PHE B 1 33  ? -5.678  10.741  5.099   1.00 48.61  ? 33  PHE B CG  1 
ATOM   1067 C CD1 . PHE B 1 33  ? -6.470  11.310  4.093   1.00 50.90  ? 33  PHE B CD1 1 
ATOM   1068 C CD2 . PHE B 1 33  ? -4.476  11.338  5.430   1.00 51.65  ? 33  PHE B CD2 1 
ATOM   1069 C CE1 . PHE B 1 33  ? -6.049  12.442  3.416   1.00 51.23  ? 33  PHE B CE1 1 
ATOM   1070 C CE2 . PHE B 1 33  ? -4.046  12.466  4.755   1.00 53.99  ? 33  PHE B CE2 1 
ATOM   1071 C CZ  . PHE B 1 33  ? -4.830  13.017  3.741   1.00 53.71  ? 33  PHE B CZ  1 
ATOM   1072 N N   . ALA B 1 34  ? -9.192  8.964   5.969   1.00 35.90  ? 34  ALA B N   1 
ATOM   1073 C CA  . ALA B 1 34  ? -10.556 8.967   5.439   1.00 36.06  ? 34  ALA B CA  1 
ATOM   1074 C C   . ALA B 1 34  ? -11.503 9.599   6.437   1.00 37.14  ? 34  ALA B C   1 
ATOM   1075 O O   . ALA B 1 34  ? -12.185 10.576  6.123   1.00 38.38  ? 34  ALA B O   1 
ATOM   1076 C CB  . ALA B 1 34  ? -11.016 7.552   5.106   1.00 35.43  ? 34  ALA B CB  1 
ATOM   1077 N N   . ASP B 1 35  ? -11.494 9.074   7.655   1.00 38.46  ? 35  ASP B N   1 
ATOM   1078 C CA  . ASP B 1 35  ? -12.359 9.588   8.721   1.00 41.37  ? 35  ASP B CA  1 
ATOM   1079 C C   . ASP B 1 35  ? -12.195 11.086  8.993   1.00 40.51  ? 35  ASP B C   1 
ATOM   1080 O O   . ASP B 1 35  ? -13.183 11.752  9.250   1.00 42.24  ? 35  ASP B O   1 
ATOM   1081 C CB  . ASP B 1 35  ? -12.187 8.784   10.008  1.00 41.58  ? 35  ASP B CB  1 
ATOM   1082 C CG  . ASP B 1 35  ? -12.569 7.318   9.835   1.00 43.04  ? 35  ASP B CG  1 
ATOM   1083 O OD1 . ASP B 1 35  ? -13.203 6.963   8.810   1.00 41.54  ? 35  ASP B OD1 1 
ATOM   1084 O OD2 . ASP B 1 35  ? -12.209 6.517   10.720  1.00 41.46  ? 35  ASP B OD2 1 
ATOM   1085 N N   . GLU B 1 36  ? -10.977 11.619  8.905   1.00 44.00  ? 36  GLU B N   1 
ATOM   1086 C CA  . GLU B 1 36  ? -10.772 13.081  9.043   1.00 43.46  ? 36  GLU B CA  1 
ATOM   1087 C C   . GLU B 1 36  ? -11.320 13.908  7.874   1.00 43.31  ? 36  GLU B C   1 
ATOM   1088 O O   . GLU B 1 36  ? -11.815 15.012  8.091   1.00 42.37  ? 36  GLU B O   1 
ATOM   1089 C CB  . GLU B 1 36  ? -9.313  13.417  9.329   1.00 46.16  ? 36  GLU B CB  1 
ATOM   1090 C CG  . GLU B 1 36  ? -8.929  13.057  10.761  1.00 47.96  ? 36  GLU B CG  1 
ATOM   1091 C CD  . GLU B 1 36  ? -7.577  13.573  11.175  1.00 50.29  ? 36  GLU B CD  1 
ATOM   1092 O OE1 . GLU B 1 36  ? -6.850  12.804  11.834  1.00 51.04  ? 36  GLU B OE1 1 
ATOM   1093 O OE2 . GLU B 1 36  ? -7.242  14.736  10.852  1.00 51.85  ? 36  GLU B OE2 1 
ATOM   1094 N N   . LEU B 1 37  ? -11.252 13.381  6.651   1.00 43.11  ? 37  LEU B N   1 
ATOM   1095 C CA  . LEU B 1 37  ? -12.007 13.963  5.542   1.00 43.57  ? 37  LEU B CA  1 
ATOM   1096 C C   . LEU B 1 37  ? -13.495 14.012  5.877   1.00 44.39  ? 37  LEU B C   1 
ATOM   1097 O O   . LEU B 1 37  ? -14.144 15.046  5.698   1.00 38.70  ? 37  LEU B O   1 
ATOM   1098 C CB  . LEU B 1 37  ? -11.779 13.196  4.226   1.00 41.32  ? 37  LEU B CB  1 
ATOM   1099 C CG  . LEU B 1 37  ? -10.479 13.572  3.526   1.00 39.61  ? 37  LEU B CG  1 
ATOM   1100 C CD1 . LEU B 1 37  ? -10.115 12.536  2.490   1.00 40.51  ? 37  LEU B CD1 1 
ATOM   1101 C CD2 . LEU B 1 37  ? -10.565 14.948  2.891   1.00 40.34  ? 37  LEU B CD2 1 
ATOM   1102 N N   . HIS B 1 38  ? -13.999 12.893  6.395   1.00 50.10  ? 38  HIS B N   1 
ATOM   1103 C CA  . HIS B 1 38  ? -15.420 12.727  6.724   1.00 55.18  ? 38  HIS B CA  1 
ATOM   1104 C C   . HIS B 1 38  ? -15.874 13.736  7.771   1.00 54.87  ? 38  HIS B C   1 
ATOM   1105 O O   . HIS B 1 38  ? -16.957 14.300  7.655   1.00 59.06  ? 38  HIS B O   1 
ATOM   1106 C CB  . HIS B 1 38  ? -15.700 11.300  7.208   1.00 57.89  ? 38  HIS B CB  1 
ATOM   1107 C CG  . HIS B 1 38  ? -17.134 10.899  7.105   1.00 65.20  ? 38  HIS B CG  1 
ATOM   1108 N ND1 . HIS B 1 38  ? -17.994 10.924  8.183   1.00 69.50  ? 38  HIS B ND1 1 
ATOM   1109 C CD2 . HIS B 1 38  ? -17.860 10.452  6.053   1.00 69.88  ? 38  HIS B CD2 1 
ATOM   1110 C CE1 . HIS B 1 38  ? -19.189 10.509  7.799   1.00 72.48  ? 38  HIS B CE1 1 
ATOM   1111 N NE2 . HIS B 1 38  ? -19.134 10.217  6.511   1.00 73.18  ? 38  HIS B NE2 1 
ATOM   1112 N N   . GLN B 1 39  ? -15.040 13.969  8.779   1.00 54.90  ? 39  GLN B N   1 
ATOM   1113 C CA  . GLN B 1 39  ? -15.326 14.981  9.782   1.00 54.38  ? 39  GLN B CA  1 
ATOM   1114 C C   . GLN B 1 39  ? -15.459 16.302  9.048   1.00 58.09  ? 39  GLN B C   1 
ATOM   1115 O O   . GLN B 1 39  ? -16.505 16.942  9.098   1.00 62.12  ? 39  GLN B O   1 
ATOM   1116 C CB  . GLN B 1 39  ? -14.203 15.083  10.812  1.00 56.90  ? 39  GLN B CB  1 
ATOM   1117 C CG  . GLN B 1 39  ? -14.011 13.869  11.707  1.00 61.72  ? 39  GLN B CG  1 
ATOM   1118 C CD  . GLN B 1 39  ? -12.627 13.844  12.359  1.00 67.85  ? 39  GLN B CD  1 
ATOM   1119 O OE1 . GLN B 1 39  ? -12.057 14.897  12.669  1.00 66.48  ? 39  GLN B OE1 1 
ATOM   1120 N NE2 . GLN B 1 39  ? -12.081 12.640  12.573  1.00 70.29  ? 39  GLN B NE2 1 
ATOM   1121 N N   . LEU B 1 40  ? -14.406 16.647  8.310   1.00 59.07  ? 40  LEU B N   1 
ATOM   1122 C CA  . LEU B 1 40  ? -14.277 17.912  7.576   1.00 59.56  ? 40  LEU B CA  1 
ATOM   1123 C C   . LEU B 1 40  ? -15.482 18.258  6.705   1.00 56.33  ? 40  LEU B C   1 
ATOM   1124 O O   . LEU B 1 40  ? -15.858 19.426  6.610   1.00 54.71  ? 40  LEU B O   1 
ATOM   1125 C CB  . LEU B 1 40  ? -13.019 17.861  6.697   1.00 62.60  ? 40  LEU B CB  1 
ATOM   1126 C CG  . LEU B 1 40  ? -12.184 19.126  6.514   1.00 65.97  ? 40  LEU B CG  1 
ATOM   1127 C CD1 . LEU B 1 40  ? -11.895 19.813  7.842   1.00 66.86  ? 40  LEU B CD1 1 
ATOM   1128 C CD2 . LEU B 1 40  ? -10.898 18.743  5.795   1.00 66.84  ? 40  LEU B CD2 1 
ATOM   1129 N N   . VAL B 1 41  ? -16.064 17.238  6.077   1.00 54.14  ? 41  VAL B N   1 
ATOM   1130 C CA  . VAL B 1 41  ? -17.305 17.363  5.299   1.00 59.58  ? 41  VAL B CA  1 
ATOM   1131 C C   . VAL B 1 41  ? -18.455 17.935  6.145   1.00 62.78  ? 41  VAL B C   1 
ATOM   1132 O O   . VAL B 1 41  ? -19.213 18.793  5.680   1.00 60.20  ? 41  VAL B O   1 
ATOM   1133 C CB  . VAL B 1 41  ? -17.729 15.990  4.702   1.00 60.40  ? 41  VAL B CB  1 
ATOM   1134 C CG1 . VAL B 1 41  ? -19.143 16.031  4.124   1.00 63.73  ? 41  VAL B CG1 1 
ATOM   1135 C CG2 . VAL B 1 41  ? -16.748 15.528  3.629   1.00 59.38  ? 41  VAL B CG2 1 
ATOM   1136 N N   . LYS B 1 42  ? -18.568 17.455  7.382   1.00 66.93  ? 42  LYS B N   1 
ATOM   1137 C CA  . LYS B 1 42  ? -19.604 17.911  8.310   1.00 69.84  ? 42  LYS B CA  1 
ATOM   1138 C C   . LYS B 1 42  ? -19.278 19.299  8.865   1.00 71.82  ? 42  LYS B C   1 
ATOM   1139 O O   . LYS B 1 42  ? -20.179 20.121  9.007   1.00 76.80  ? 42  LYS B O   1 
ATOM   1140 C CB  . LYS B 1 42  ? -19.799 16.916  9.466   1.00 71.52  ? 42  LYS B CB  1 
ATOM   1141 C CG  . LYS B 1 42  ? -20.057 15.482  9.027   1.00 70.98  ? 42  LYS B CG  1 
ATOM   1142 C CD  . LYS B 1 42  ? -20.367 14.580  10.207  1.00 74.07  ? 42  LYS B CD  1 
ATOM   1143 C CE  . LYS B 1 42  ? -19.748 13.201  10.028  1.00 75.83  ? 42  LYS B CE  1 
ATOM   1144 N NZ  . LYS B 1 42  ? -20.375 12.179  10.909  1.00 75.58  ? 42  LYS B NZ  1 
ATOM   1145 N N   . HIS B 1 43  ? -18.007 19.557  9.180   1.00 71.58  ? 43  HIS B N   1 
ATOM   1146 C CA  . HIS B 1 43  ? -17.576 20.883  9.653   1.00 74.43  ? 43  HIS B CA  1 
ATOM   1147 C C   . HIS B 1 43  ? -17.815 21.968  8.597   1.00 76.37  ? 43  HIS B C   1 
ATOM   1148 O O   . HIS B 1 43  ? -18.157 23.100  8.942   1.00 75.27  ? 43  HIS B O   1 
ATOM   1149 C CB  . HIS B 1 43  ? -16.095 20.899  10.039  1.00 79.71  ? 43  HIS B CB  1 
ATOM   1150 C CG  . HIS B 1 43  ? -15.750 20.007  11.189  1.00 87.34  ? 43  HIS B CG  1 
ATOM   1151 N ND1 . HIS B 1 43  ? -16.264 20.187  12.455  1.00 90.01  ? 43  HIS B ND1 1 
ATOM   1152 C CD2 . HIS B 1 43  ? -14.915 18.941  11.270  1.00 91.65  ? 43  HIS B CD2 1 
ATOM   1153 C CE1 . HIS B 1 43  ? -15.774 19.262  13.261  1.00 94.60  ? 43  HIS B CE1 1 
ATOM   1154 N NE2 . HIS B 1 43  ? -14.953 18.493  12.568  1.00 93.86  ? 43  HIS B NE2 1 
ATOM   1155 N N   . VAL B 1 44  ? -17.623 21.620  7.322   1.00 76.27  ? 44  VAL B N   1 
ATOM   1156 C CA  . VAL B 1 44  ? -17.940 22.523  6.212   1.00 79.00  ? 44  VAL B CA  1 
ATOM   1157 C C   . VAL B 1 44  ? -19.453 22.745  6.136   1.00 82.70  ? 44  VAL B C   1 
ATOM   1158 O O   . VAL B 1 44  ? -19.919 23.876  6.314   1.00 84.30  ? 44  VAL B O   1 
ATOM   1159 C CB  . VAL B 1 44  ? -17.387 22.002  4.859   1.00 77.08  ? 44  VAL B CB  1 
ATOM   1160 C CG1 . VAL B 1 44  ? -17.983 22.756  3.672   1.00 76.25  ? 44  VAL B CG1 1 
ATOM   1161 C CG2 . VAL B 1 44  ? -15.873 22.131  4.832   1.00 76.24  ? 44  VAL B CG2 1 
ATOM   1162 N N   . HIS B 1 45  ? -20.203 21.667  5.892   1.00 84.04  ? 45  HIS B N   1 
ATOM   1163 C CA  . HIS B 1 45  ? -21.667 21.739  5.720   1.00 89.19  ? 45  HIS B CA  1 
ATOM   1164 C C   . HIS B 1 45  ? -22.357 22.514  6.852   1.00 87.79  ? 45  HIS B C   1 
ATOM   1165 O O   . HIS B 1 45  ? -23.232 23.342  6.587   1.00 88.30  ? 45  HIS B O   1 
ATOM   1166 C CB  . HIS B 1 45  ? -22.274 20.334  5.578   1.00 92.18  ? 45  HIS B CB  1 
ATOM   1167 C CG  . HIS B 1 45  ? -23.722 20.336  5.191   1.00 97.49  ? 45  HIS B CG  1 
ATOM   1168 N ND1 . HIS B 1 45  ? -24.172 20.829  3.985   1.00 99.02  ? 45  HIS B ND1 1 
ATOM   1169 C CD2 . HIS B 1 45  ? -24.822 19.895  5.849   1.00 101.47 ? 45  HIS B CD2 1 
ATOM   1170 C CE1 . HIS B 1 45  ? -25.485 20.696  3.917   1.00 99.33  ? 45  HIS B CE1 1 
ATOM   1171 N NE2 . HIS B 1 45  ? -25.904 20.131  5.035   1.00 99.71  ? 45  HIS B NE2 1 
ATOM   1172 N N   . HIS B 1 46  ? -21.942 22.255  8.096   1.00 84.35  ? 46  HIS B N   1 
ATOM   1173 C CA  . HIS B 1 46  ? -22.381 23.046  9.251   1.00 83.08  ? 46  HIS B CA  1 
ATOM   1174 C C   . HIS B 1 46  ? -22.004 24.507  9.011   1.00 78.59  ? 46  HIS B C   1 
ATOM   1175 O O   . HIS B 1 46  ? -22.129 25.347  9.892   1.00 75.03  ? 46  HIS B O   1 
ATOM   1176 C CB  . HIS B 1 46  ? -21.736 22.551  10.565  1.00 86.44  ? 46  HIS B CB  1 
ATOM   1177 C CG  . HIS B 1 46  ? -22.266 21.238  11.069  1.00 88.76  ? 46  HIS B CG  1 
ATOM   1178 N ND1 . HIS B 1 46  ? -21.438 20.219  11.490  1.00 90.05  ? 46  HIS B ND1 1 
ATOM   1179 C CD2 . HIS B 1 46  ? -23.532 20.786  11.239  1.00 89.37  ? 46  HIS B CD2 1 
ATOM   1180 C CE1 . HIS B 1 46  ? -22.169 19.195  11.891  1.00 90.68  ? 46  HIS B CE1 1 
ATOM   1181 N NE2 . HIS B 1 46  ? -23.442 19.512  11.747  1.00 89.85  ? 46  HIS B NE2 1 
ATOM   1182 N N   . LEU B 1 57  ? -19.009 28.023  -0.906  1.00 65.66  ? 57  LEU B N   1 
ATOM   1183 C CA  . LEU B 1 57  ? -18.388 26.829  -0.344  1.00 64.28  ? 57  LEU B CA  1 
ATOM   1184 C C   . LEU B 1 57  ? -19.003 25.536  -0.891  1.00 65.78  ? 57  LEU B C   1 
ATOM   1185 O O   . LEU B 1 57  ? -18.943 24.488  -0.231  1.00 64.79  ? 57  LEU B O   1 
ATOM   1186 C CB  . LEU B 1 57  ? -18.510 26.852  1.183   1.00 65.40  ? 57  LEU B CB  1 
ATOM   1187 C CG  . LEU B 1 57  ? -18.061 28.151  1.868   1.00 66.72  ? 57  LEU B CG  1 
ATOM   1188 C CD1 . LEU B 1 57  ? -19.253 29.055  2.161   1.00 69.38  ? 57  LEU B CD1 1 
ATOM   1189 C CD2 . LEU B 1 57  ? -17.296 27.866  3.154   1.00 65.15  ? 57  LEU B CD2 1 
ATOM   1190 N N   . GLN B 1 58  ? -19.573 25.605  -2.096  1.00 65.44  ? 58  GLN B N   1 
ATOM   1191 C CA  . GLN B 1 58  ? -20.342 24.489  -2.656  1.00 67.50  ? 58  GLN B CA  1 
ATOM   1192 C C   . GLN B 1 58  ? -19.433 23.576  -3.472  1.00 67.42  ? 58  GLN B C   1 
ATOM   1193 O O   . GLN B 1 58  ? -19.522 22.354  -3.352  1.00 67.11  ? 58  GLN B O   1 
ATOM   1194 C CB  . GLN B 1 58  ? -21.528 25.006  -3.489  1.00 65.97  ? 58  GLN B CB  1 
ATOM   1195 C CG  . GLN B 1 58  ? -22.529 23.943  -3.949  1.00 67.97  ? 58  GLN B CG  1 
ATOM   1196 C CD  . GLN B 1 58  ? -23.081 23.070  -2.820  1.00 67.01  ? 58  GLN B CD  1 
ATOM   1197 O OE1 . GLN B 1 58  ? -23.094 23.467  -1.654  1.00 63.38  ? 58  GLN B OE1 1 
ATOM   1198 N NE2 . GLN B 1 58  ? -23.541 21.870  -3.170  1.00 65.53  ? 58  GLN B NE2 1 
ATOM   1199 N N   . ASP B 1 59  ? -18.575 24.177  -4.302  1.00 65.96  ? 59  ASP B N   1 
ATOM   1200 C CA  . ASP B 1 59  ? -17.391 23.494  -4.846  1.00 66.36  ? 59  ASP B CA  1 
ATOM   1201 C C   . ASP B 1 59  ? -16.657 22.667  -3.766  1.00 59.60  ? 59  ASP B C   1 
ATOM   1202 O O   . ASP B 1 59  ? -16.403 21.478  -3.953  1.00 58.41  ? 59  ASP B O   1 
ATOM   1203 C CB  . ASP B 1 59  ? -16.410 24.515  -5.463  1.00 67.20  ? 59  ASP B CB  1 
ATOM   1204 C CG  . ASP B 1 59  ? -16.759 24.883  -6.907  1.00 72.26  ? 59  ASP B CG  1 
ATOM   1205 O OD1 . ASP B 1 59  ? -16.647 24.004  -7.794  1.00 73.06  ? 59  ASP B OD1 1 
ATOM   1206 O OD2 . ASP B 1 59  ? -17.124 26.056  -7.158  1.00 68.54  ? 59  ASP B OD2 1 
ATOM   1207 N N   . ILE B 1 60  ? -16.358 23.317  -2.642  1.00 56.09  ? 60  ILE B N   1 
ATOM   1208 C CA  . ILE B 1 60  ? -15.523 22.757  -1.562  1.00 57.05  ? 60  ILE B CA  1 
ATOM   1209 C C   . ILE B 1 60  ? -16.095 21.506  -0.899  1.00 57.32  ? 60  ILE B C   1 
ATOM   1210 O O   . ILE B 1 60  ? -15.459 20.450  -0.933  1.00 58.74  ? 60  ILE B O   1 
ATOM   1211 C CB  . ILE B 1 60  ? -15.196 23.835  -0.500  1.00 56.40  ? 60  ILE B CB  1 
ATOM   1212 C CG1 . ILE B 1 60  ? -14.154 24.807  -1.069  1.00 55.07  ? 60  ILE B CG1 1 
ATOM   1213 C CG2 . ILE B 1 60  ? -14.677 23.219  0.804   1.00 58.27  ? 60  ILE B CG2 1 
ATOM   1214 C CD1 . ILE B 1 60  ? -14.164 26.169  -0.419  1.00 56.37  ? 60  ILE B CD1 1 
ATOM   1215 N N   . VAL B 1 61  ? -17.271 21.627  -0.287  1.00 57.83  ? 61  VAL B N   1 
ATOM   1216 C CA  . VAL B 1 61  ? -17.945 20.468  0.319   1.00 55.24  ? 61  VAL B CA  1 
ATOM   1217 C C   . VAL B 1 61  ? -18.010 19.262  -0.643  1.00 53.33  ? 61  VAL B C   1 
ATOM   1218 O O   . VAL B 1 61  ? -17.779 18.126  -0.215  1.00 52.68  ? 61  VAL B O   1 
ATOM   1219 C CB  . VAL B 1 61  ? -19.349 20.830  0.862   1.00 53.38  ? 61  VAL B CB  1 
ATOM   1220 C CG1 . VAL B 1 61  ? -20.321 21.173  -0.259  1.00 55.67  ? 61  VAL B CG1 1 
ATOM   1221 C CG2 . VAL B 1 61  ? -19.902 19.711  1.738   1.00 53.92  ? 61  VAL B CG2 1 
ATOM   1222 N N   . ASN B 1 62  ? -18.284 19.519  -1.928  1.00 49.83  ? 62  ASN B N   1 
ATOM   1223 C CA  . ASN B 1 62  ? -18.363 18.460  -2.947  1.00 47.39  ? 62  ASN B CA  1 
ATOM   1224 C C   . ASN B 1 62  ? -17.012 17.831  -3.240  1.00 46.09  ? 62  ASN B C   1 
ATOM   1225 O O   . ASN B 1 62  ? -16.935 16.638  -3.528  1.00 45.14  ? 62  ASN B O   1 
ATOM   1226 C CB  . ASN B 1 62  ? -18.926 18.987  -4.271  1.00 47.51  ? 62  ASN B CB  1 
ATOM   1227 C CG  . ASN B 1 62  ? -20.353 19.502  -4.156  1.00 48.25  ? 62  ASN B CG  1 
ATOM   1228 O OD1 . ASN B 1 62  ? -21.070 19.215  -3.192  1.00 49.47  ? 62  ASN B OD1 1 
ATOM   1229 N ND2 . ASN B 1 62  ? -20.769 20.284  -5.150  1.00 46.47  ? 62  ASN B ND2 1 
ATOM   1230 N N   . GLN B 1 63  ? -15.958 18.644  -3.203  1.00 45.68  ? 63  GLN B N   1 
ATOM   1231 C CA  . GLN B 1 63  ? -14.603 18.153  -3.430  1.00 45.57  ? 63  GLN B CA  1 
ATOM   1232 C C   . GLN B 1 63  ? -14.170 17.222  -2.307  1.00 41.04  ? 63  GLN B C   1 
ATOM   1233 O O   . GLN B 1 63  ? -13.569 16.188  -2.573  1.00 40.35  ? 63  GLN B O   1 
ATOM   1234 C CB  . GLN B 1 63  ? -13.602 19.311  -3.580  1.00 47.66  ? 63  GLN B CB  1 
ATOM   1235 C CG  . GLN B 1 63  ? -12.225 18.903  -4.105  1.00 51.03  ? 63  GLN B CG  1 
ATOM   1236 C CD  . GLN B 1 63  ? -12.266 18.233  -5.474  1.00 56.09  ? 63  GLN B CD  1 
ATOM   1237 O OE1 . GLN B 1 63  ? -13.161 18.504  -6.285  1.00 63.64  ? 63  GLN B OE1 1 
ATOM   1238 N NE2 . GLN B 1 63  ? -11.305 17.346  -5.738  1.00 57.59  ? 63  GLN B NE2 1 
ATOM   1239 N N   . LEU B 1 64  ? -14.479 17.595  -1.067  1.00 38.96  ? 64  LEU B N   1 
ATOM   1240 C CA  . LEU B 1 64  ? -14.182 16.753  0.093   1.00 39.19  ? 64  LEU B CA  1 
ATOM   1241 C C   . LEU B 1 64  ? -14.840 15.381  0.000   1.00 37.74  ? 64  LEU B C   1 
ATOM   1242 O O   . LEU B 1 64  ? -14.195 14.369  0.248   1.00 40.17  ? 64  LEU B O   1 
ATOM   1243 C CB  . LEU B 1 64  ? -14.589 17.440  1.400   1.00 38.43  ? 64  LEU B CB  1 
ATOM   1244 C CG  . LEU B 1 64  ? -13.680 18.540  1.918   1.00 40.05  ? 64  LEU B CG  1 
ATOM   1245 C CD1 . LEU B 1 64  ? -14.307 19.215  3.130   1.00 41.48  ? 64  LEU B CD1 1 
ATOM   1246 C CD2 . LEU B 1 64  ? -12.323 17.979  2.297   1.00 39.83  ? 64  LEU B CD2 1 
ATOM   1247 N N   . ASP B 1 65  ? -16.118 15.357  -0.362  1.00 39.40  ? 65  ASP B N   1 
ATOM   1248 C CA  . ASP B 1 65  ? -16.851 14.115  -0.619  1.00 38.29  ? 65  ASP B CA  1 
ATOM   1249 C C   . ASP B 1 65  ? -16.157 13.225  -1.635  1.00 34.83  ? 65  ASP B C   1 
ATOM   1250 O O   . ASP B 1 65  ? -15.943 12.043  -1.398  1.00 31.86  ? 65  ASP B O   1 
ATOM   1251 C CB  . ASP B 1 65  ? -18.252 14.419  -1.177  1.00 43.57  ? 65  ASP B CB  1 
ATOM   1252 C CG  . ASP B 1 65  ? -19.226 14.846  -0.116  1.00 48.07  ? 65  ASP B CG  1 
ATOM   1253 O OD1 . ASP B 1 65  ? -19.329 14.155  0.923   1.00 55.18  ? 65  ASP B OD1 1 
ATOM   1254 O OD2 . ASP B 1 65  ? -19.917 15.860  -0.336  1.00 53.98  ? 65  ASP B OD2 1 
ATOM   1255 N N   . LYS B 1 66  ? -15.844 13.809  -2.780  1.00 32.87  ? 66  LYS B N   1 
ATOM   1256 C CA  . LYS B 1 66  ? -15.148 13.109  -3.852  1.00 32.84  ? 66  LYS B CA  1 
ATOM   1257 C C   . LYS B 1 66  ? -13.852 12.476  -3.347  1.00 31.01  ? 66  LYS B C   1 
ATOM   1258 O O   . LYS B 1 66  ? -13.609 11.284  -3.561  1.00 31.08  ? 66  LYS B O   1 
ATOM   1259 C CB  . LYS B 1 66  ? -14.810 14.065  -4.992  1.00 32.68  ? 66  LYS B CB  1 
ATOM   1260 C CG  . LYS B 1 66  ? -14.468 13.341  -6.286  1.00 34.57  ? 66  LYS B CG  1 
ATOM   1261 C CD  . LYS B 1 66  ? -13.196 13.861  -6.921  1.00 35.26  ? 66  LYS B CD  1 
ATOM   1262 C CE  . LYS B 1 66  ? -12.681 12.861  -7.934  1.00 35.81  ? 66  LYS B CE  1 
ATOM   1263 N NZ  . LYS B 1 66  ? -11.213 12.962  -8.158  1.00 33.86  ? 66  LYS B NZ  1 
ATOM   1264 N N   . LEU B 1 67  ? -13.040 13.285  -2.675  1.00 29.65  ? 67  LEU B N   1 
ATOM   1265 C CA  . LEU B 1 67  ? -11.784 12.802  -2.124  1.00 30.30  ? 67  LEU B CA  1 
ATOM   1266 C C   . LEU B 1 67  ? -12.057 11.686  -1.136  1.00 28.34  ? 67  LEU B C   1 
ATOM   1267 O O   . LEU B 1 67  ? -11.433 10.623  -1.214  1.00 27.08  ? 67  LEU B O   1 
ATOM   1268 C CB  . LEU B 1 67  ? -10.989 13.933  -1.477  1.00 29.79  ? 67  LEU B CB  1 
ATOM   1269 C CG  . LEU B 1 67  ? -10.347 14.950  -2.442  1.00 32.62  ? 67  LEU B CG  1 
ATOM   1270 C CD1 . LEU B 1 67  ? -9.978  16.247  -1.747  1.00 33.32  ? 67  LEU B CD1 1 
ATOM   1271 C CD2 . LEU B 1 67  ? -9.088  14.377  -3.062  1.00 34.90  ? 67  LEU B CD2 1 
ATOM   1272 N N   . PHE B 1 68  ? -13.008 11.900  -0.229  1.00 27.43  ? 68  PHE B N   1 
ATOM   1273 C CA  . PHE B 1 68  ? -13.373 10.833  0.694   1.00 27.99  ? 68  PHE B CA  1 
ATOM   1274 C C   . PHE B 1 68  ? -13.690 9.560   -0.091  1.00 26.80  ? 68  PHE B C   1 
ATOM   1275 O O   . PHE B 1 68  ? -13.197 8.486   0.240   1.00 26.04  ? 68  PHE B O   1 
ATOM   1276 C CB  . PHE B 1 68  ? -14.535 11.214  1.628   1.00 29.51  ? 68  PHE B CB  1 
ATOM   1277 C CG  . PHE B 1 68  ? -15.078 10.044  2.407   1.00 30.80  ? 68  PHE B CG  1 
ATOM   1278 C CD1 . PHE B 1 68  ? -14.516 9.679   3.626   1.00 31.16  ? 68  PHE B CD1 1 
ATOM   1279 C CD2 . PHE B 1 68  ? -16.117 9.282   1.895   1.00 31.20  ? 68  PHE B CD2 1 
ATOM   1280 C CE1 . PHE B 1 68  ? -14.993 8.578   4.330   1.00 32.79  ? 68  PHE B CE1 1 
ATOM   1281 C CE2 . PHE B 1 68  ? -16.591 8.163   2.576   1.00 31.48  ? 68  PHE B CE2 1 
ATOM   1282 C CZ  . PHE B 1 68  ? -16.033 7.813   3.797   1.00 31.10  ? 68  PHE B CZ  1 
ATOM   1283 N N   . ARG B 1 69  ? -14.503 9.688   -1.134  1.00 26.59  ? 69  ARG B N   1 
ATOM   1284 C CA  . ARG B 1 69  ? -14.915 8.532   -1.935  1.00 27.68  ? 69  ARG B CA  1 
ATOM   1285 C C   . ARG B 1 69  ? -13.767 7.886   -2.732  1.00 24.72  ? 69  ARG B C   1 
ATOM   1286 O O   . ARG B 1 69  ? -13.722 6.664   -2.836  1.00 21.44  ? 69  ARG B O   1 
ATOM   1287 C CB  . ARG B 1 69  ? -16.114 8.885   -2.832  1.00 32.04  ? 69  ARG B CB  1 
ATOM   1288 C CG  . ARG B 1 69  ? -17.392 9.158   -2.035  1.00 35.67  ? 69  ARG B CG  1 
ATOM   1289 C CD  . ARG B 1 69  ? -18.633 9.408   -2.890  1.00 38.65  ? 69  ARG B CD  1 
ATOM   1290 N NE  . ARG B 1 69  ? -18.763 10.798  -3.351  1.00 43.05  ? 69  ARG B NE  1 
ATOM   1291 C CZ  . ARG B 1 69  ? -18.473 11.253  -4.578  1.00 47.02  ? 69  ARG B CZ  1 
ATOM   1292 N NH1 . ARG B 1 69  ? -18.018 10.453  -5.554  1.00 52.16  ? 69  ARG B NH1 1 
ATOM   1293 N NH2 . ARG B 1 69  ? -18.647 12.540  -4.844  1.00 48.03  ? 69  ARG B NH2 1 
ATOM   1294 N N   . ASP B 1 70  ? -12.837 8.691   -3.255  1.00 24.23  ? 70  ASP B N   1 
ATOM   1295 C CA  . ASP B 1 70  ? -11.632 8.156   -3.936  1.00 24.45  ? 70  ASP B CA  1 
ATOM   1296 C C   . ASP B 1 70  ? -10.799 7.274   -3.016  1.00 24.35  ? 70  ASP B C   1 
ATOM   1297 O O   . ASP B 1 70  ? -10.392 6.142   -3.355  1.00 25.20  ? 70  ASP B O   1 
ATOM   1298 C CB  . ASP B 1 70  ? -10.741 9.302   -4.451  1.00 24.92  ? 70  ASP B CB  1 
ATOM   1299 C CG  . ASP B 1 70  ? -11.336 10.021  -5.643  1.00 25.78  ? 70  ASP B CG  1 
ATOM   1300 O OD1 . ASP B 1 70  ? -12.336 9.531   -6.166  1.00 25.88  ? 70  ASP B OD1 1 
ATOM   1301 O OD2 . ASP B 1 70  ? -10.803 11.073  -6.071  1.00 29.69  ? 70  ASP B OD2 1 
ATOM   1302 N N   . LEU B 1 71  ? -10.547 7.807   -1.840  1.00 24.10  ? 71  LEU B N   1 
ATOM   1303 C CA  . LEU B 1 71  ? -9.762  7.106   -0.851  1.00 23.16  ? 71  LEU B CA  1 
ATOM   1304 C C   . LEU B 1 71  ? -10.455 5.838   -0.340  1.00 23.38  ? 71  LEU B C   1 
ATOM   1305 O O   . LEU B 1 71  ? -9.810  4.795   -0.148  1.00 23.08  ? 71  LEU B O   1 
ATOM   1306 C CB  . LEU B 1 71  ? -9.440  8.066   0.295   1.00 25.35  ? 71  LEU B CB  1 
ATOM   1307 C CG  . LEU B 1 71  ? -8.448  7.545   1.325   1.00 24.52  ? 71  LEU B CG  1 
ATOM   1308 C CD1 . LEU B 1 71  ? -7.188  7.047   0.613   1.00 25.71  ? 71  LEU B CD1 1 
ATOM   1309 C CD2 . LEU B 1 71  ? -8.105  8.639   2.319   1.00 25.51  ? 71  LEU B CD2 1 
ATOM   1310 N N   . ASP B 1 72  ? -11.768 5.912   -0.151  1.00 23.77  ? 72  ASP B N   1 
ATOM   1311 C CA  . ASP B 1 72  ? -12.542 4.741   0.252   1.00 26.55  ? 72  ASP B CA  1 
ATOM   1312 C C   . ASP B 1 72  ? -12.455 3.636   -0.812  1.00 25.55  ? 72  ASP B C   1 
ATOM   1313 O O   . ASP B 1 72  ? -12.225 2.464   -0.486  1.00 25.56  ? 72  ASP B O   1 
ATOM   1314 C CB  . ASP B 1 72  ? -14.002 5.133   0.506   1.00 29.38  ? 72  ASP B CB  1 
ATOM   1315 C CG  . ASP B 1 72  ? -14.808 4.022   1.161   1.00 32.12  ? 72  ASP B CG  1 
ATOM   1316 O OD1 . ASP B 1 72  ? -14.324 3.381   2.113   1.00 36.12  ? 72  ASP B OD1 1 
ATOM   1317 O OD2 . ASP B 1 72  ? -15.942 3.798   0.728   1.00 35.67  ? 72  ASP B OD2 1 
ATOM   1318 N N   . ASN B 1 73  ? -12.613 4.039   -2.075  1.00 26.32  ? 73  ASN B N   1 
ATOM   1319 C CA  . ASN B 1 73  ? -12.520 3.132   -3.239  1.00 25.15  ? 73  ASN B CA  1 
ATOM   1320 C C   . ASN B 1 73  ? -11.185 2.399   -3.232  1.00 23.86  ? 73  ASN B C   1 
ATOM   1321 O O   . ASN B 1 73  ? -11.113 1.177   -3.249  1.00 22.49  ? 73  ASN B O   1 
ATOM   1322 C CB  . ASN B 1 73  ? -12.690 3.940   -4.538  1.00 25.79  ? 73  ASN B CB  1 
ATOM   1323 C CG  . ASN B 1 73  ? -12.555 3.087   -5.790  1.00 24.22  ? 73  ASN B CG  1 
ATOM   1324 O OD1 . ASN B 1 73  ? -13.489 2.409   -6.161  1.00 27.93  ? 73  ASN B OD1 1 
ATOM   1325 N ND2 . ASN B 1 73  ? -11.403 3.139   -6.449  1.00 23.51  ? 73  ASN B ND2 1 
ATOM   1326 N N   . HIS B 1 74  ? -10.134 3.189   -3.139  1.00 24.42  ? 74  HIS B N   1 
ATOM   1327 C CA  . HIS B 1 74  ? -8.794  2.705   -3.059  1.00 23.23  ? 74  HIS B CA  1 
ATOM   1328 C C   . HIS B 1 74  ? -8.566  1.694   -1.937  1.00 23.55  ? 74  HIS B C   1 
ATOM   1329 O O   . HIS B 1 74  ? -7.926  0.679   -2.161  1.00 22.39  ? 74  HIS B O   1 
ATOM   1330 C CB  . HIS B 1 74  ? -7.865  3.900   -2.881  1.00 24.04  ? 74  HIS B CB  1 
ATOM   1331 C CG  . HIS B 1 74  ? -6.446  3.513   -2.652  1.00 24.47  ? 74  HIS B CG  1 
ATOM   1332 N ND1 . HIS B 1 74  ? -5.677  2.910   -3.625  1.00 26.15  ? 74  HIS B ND1 1 
ATOM   1333 C CD2 . HIS B 1 74  ? -5.668  3.605   -1.557  1.00 24.38  ? 74  HIS B CD2 1 
ATOM   1334 C CE1 . HIS B 1 74  ? -4.474  2.677   -3.145  1.00 24.68  ? 74  HIS B CE1 1 
ATOM   1335 N NE2 . HIS B 1 74  ? -4.447  3.081   -1.891  1.00 25.61  ? 74  HIS B NE2 1 
ATOM   1336 N N   . LEU B 1 75  ? -9.077  1.984   -0.736  1.00 25.87  ? 75  LEU B N   1 
ATOM   1337 C CA  . LEU B 1 75  ? -8.878  1.102   0.423   1.00 26.90  ? 75  LEU B CA  1 
ATOM   1338 C C   . LEU B 1 75  ? -9.587  -0.241  0.249   1.00 27.99  ? 75  LEU B C   1 
ATOM   1339 O O   . LEU B 1 75  ? -9.001  -1.285  0.520   1.00 27.39  ? 75  LEU B O   1 
ATOM   1340 C CB  . LEU B 1 75  ? -9.345  1.776   1.712   1.00 28.36  ? 75  LEU B CB  1 
ATOM   1341 C CG  . LEU B 1 75  ? -8.468  2.919   2.234   1.00 31.17  ? 75  LEU B CG  1 
ATOM   1342 C CD1 . LEU B 1 75  ? -8.971  3.393   3.584   1.00 32.17  ? 75  LEU B CD1 1 
ATOM   1343 C CD2 . LEU B 1 75  ? -7.008  2.511   2.320   1.00 32.56  ? 75  LEU B CD2 1 
ATOM   1344 N N   . GLN B 1 76  ? -10.837 -0.190  -0.203  1.00 29.49  ? 76  GLN B N   1 
ATOM   1345 C CA  . GLN B 1 76  ? -11.609 -1.392  -0.564  1.00 30.58  ? 76  GLN B CA  1 
ATOM   1346 C C   . GLN B 1 76  ? -10.884 -2.204  -1.632  1.00 27.46  ? 76  GLN B C   1 
ATOM   1347 O O   . GLN B 1 76  ? -10.692 -3.409  -1.493  1.00 25.67  ? 76  GLN B O   1 
ATOM   1348 C CB  . GLN B 1 76  ? -12.996 -0.993  -1.089  1.00 32.95  ? 76  GLN B CB  1 
ATOM   1349 C CG  . GLN B 1 76  ? -13.888 -0.366  -0.030  1.00 36.64  ? 76  GLN B CG  1 
ATOM   1350 C CD  . GLN B 1 76  ? -15.282 -0.062  -0.529  1.00 39.71  ? 76  GLN B CD  1 
ATOM   1351 O OE1 . GLN B 1 76  ? -15.597 1.070   -0.888  1.00 44.65  ? 76  GLN B OE1 1 
ATOM   1352 N NE2 . GLN B 1 76  ? -16.125 -1.079  -0.568  1.00 44.18  ? 76  GLN B NE2 1 
ATOM   1353 N N   . ARG B 1 77  ? -10.440 -1.523  -2.682  1.00 24.63  ? 77  ARG B N   1 
ATOM   1354 C CA  . ARG B 1 77  ? -9.749  -2.211  -3.774  1.00 23.68  ? 77  ARG B CA  1 
ATOM   1355 C C   . ARG B 1 77  ? -8.400  -2.762  -3.348  1.00 21.56  ? 77  ARG B C   1 
ATOM   1356 O O   . ARG B 1 77  ? -8.066  -3.887  -3.707  1.00 22.16  ? 77  ARG B O   1 
ATOM   1357 C CB  . ARG B 1 77  ? -9.641  -1.337  -5.026  1.00 24.00  ? 77  ARG B CB  1 
ATOM   1358 C CG  . ARG B 1 77  ? -10.870 -1.490  -5.915  1.00 26.66  ? 77  ARG B CG  1 
ATOM   1359 C CD  . ARG B 1 77  ? -10.682 -0.919  -7.302  1.00 27.02  ? 77  ARG B CD  1 
ATOM   1360 N NE  . ARG B 1 77  ? -9.484  -1.396  -8.007  1.00 27.51  ? 77  ARG B NE  1 
ATOM   1361 C CZ  . ARG B 1 77  ? -9.440  -2.347  -8.943  1.00 30.12  ? 77  ARG B CZ  1 
ATOM   1362 N NH1 . ARG B 1 77  ? -10.536 -2.987  -9.356  1.00 30.43  ? 77  ARG B NH1 1 
ATOM   1363 N NH2 . ARG B 1 77  ? -8.267  -2.646  -9.507  1.00 31.43  ? 77  ARG B NH2 1 
ATOM   1364 N N   . LYS B 1 78  ? -7.640  -2.015  -2.549  1.00 19.95  ? 78  LYS B N   1 
ATOM   1365 C CA  . LYS B 1 78  ? -6.376  -2.553  -2.064  1.00 19.26  ? 78  LYS B CA  1 
ATOM   1366 C C   . LYS B 1 78  ? -6.595  -3.712  -1.105  1.00 19.21  ? 78  LYS B C   1 
ATOM   1367 O O   . LYS B 1 78  ? -5.865  -4.707  -1.152  1.00 18.50  ? 78  LYS B O   1 
ATOM   1368 C CB  . LYS B 1 78  ? -5.484  -1.473  -1.419  1.00 19.11  ? 78  LYS B CB  1 
ATOM   1369 C CG  . LYS B 1 78  ? -4.115  -2.053  -1.133  1.00 19.69  ? 78  LYS B CG  1 
ATOM   1370 C CD  . LYS B 1 78  ? -2.956  -1.083  -1.075  1.00 20.10  ? 78  LYS B CD  1 
ATOM   1371 C CE  . LYS B 1 78  ? -1.727  -1.877  -0.644  1.00 20.57  ? 78  LYS B CE  1 
ATOM   1372 N NZ  . LYS B 1 78  ? -0.645  -0.996  -0.188  1.00 21.08  ? 78  LYS B NZ  1 
ATOM   1373 N N   . ASP B 1 79  ? -7.599  -3.598  -0.245  1.00 19.94  ? 79  ASP B N   1 
ATOM   1374 C CA  . ASP B 1 79  ? -7.890  -4.667  0.713   1.00 23.67  ? 79  ASP B CA  1 
ATOM   1375 C C   . ASP B 1 79  ? -8.095  -6.009  -0.019  1.00 23.34  ? 79  ASP B C   1 
ATOM   1376 O O   . ASP B 1 79  ? -7.501  -7.017  0.358   1.00 22.66  ? 79  ASP B O   1 
ATOM   1377 C CB  . ASP B 1 79  ? -9.092  -4.282  1.599   1.00 26.59  ? 79  ASP B CB  1 
ATOM   1378 C CG  . ASP B 1 79  ? -9.075  -4.965  2.978   1.00 30.87  ? 79  ASP B CG  1 
ATOM   1379 O OD1 . ASP B 1 79  ? -8.024  -5.035  3.680   1.00 28.65  ? 79  ASP B OD1 1 
ATOM   1380 O OD2 . ASP B 1 79  ? -10.155 -5.446  3.358   1.00 34.39  ? 79  ASP B OD2 1 
ATOM   1381 N N   . ASP B 1 80  ? -8.855  -5.980  -1.115  1.00 23.75  ? 80  ASP B N   1 
ATOM   1382 C CA  . ASP B 1 80  ? -9.090  -7.167  -1.942  1.00 25.16  ? 80  ASP B CA  1 
ATOM   1383 C C   . ASP B 1 80  ? -7.801  -7.671  -2.595  1.00 22.84  ? 80  ASP B C   1 
ATOM   1384 O O   . ASP B 1 80  ? -7.531  -8.880  -2.611  1.00 21.81  ? 80  ASP B O   1 
ATOM   1385 C CB  . ASP B 1 80  ? -10.157 -6.879  -3.016  1.00 28.27  ? 80  ASP B CB  1 
ATOM   1386 C CG  . ASP B 1 80  ? -11.562 -6.628  -2.427  1.00 29.74  ? 80  ASP B CG  1 
ATOM   1387 O OD1 . ASP B 1 80  ? -11.877 -7.202  -1.372  1.00 33.02  ? 80  ASP B OD1 1 
ATOM   1388 O OD2 . ASP B 1 80  ? -12.351 -5.851  -3.027  1.00 31.16  ? 80  ASP B OD2 1 
ATOM   1389 N N   . THR B 1 81  ? -6.987  -6.743  -3.085  1.00 22.38  ? 81  THR B N   1 
ATOM   1390 C CA  . THR B 1 81  ? -5.727  -7.107  -3.731  1.00 23.07  ? 81  THR B CA  1 
ATOM   1391 C C   . THR B 1 81  ? -4.787  -7.745  -2.724  1.00 21.54  ? 81  THR B C   1 
ATOM   1392 O O   . THR B 1 81  ? -4.242  -8.806  -2.994  1.00 21.51  ? 81  THR B O   1 
ATOM   1393 C CB  . THR B 1 81  ? -5.060  -5.878  -4.408  1.00 25.39  ? 81  THR B CB  1 
ATOM   1394 O OG1 . THR B 1 81  ? -5.993  -5.259  -5.304  1.00 25.32  ? 81  THR B OG1 1 
ATOM   1395 C CG2 . THR B 1 81  ? -3.762  -6.278  -5.175  1.00 25.73  ? 81  THR B CG2 1 
ATOM   1396 N N   . VAL B 1 82  ? -4.657  -7.132  -1.539  1.00 21.49  ? 82  VAL B N   1 
ATOM   1397 C CA  . VAL B 1 82  ? -3.840  -7.692  -0.453  1.00 21.30  ? 82  VAL B CA  1 
ATOM   1398 C C   . VAL B 1 82  ? -4.319  -9.094  -0.010  1.00 22.23  ? 82  VAL B C   1 
ATOM   1399 O O   . VAL B 1 82  ? -3.512  -10.044 0.085   1.00 19.39  ? 82  VAL B O   1 
ATOM   1400 C CB  . VAL B 1 82  ? -3.774  -6.723  0.769   1.00 21.82  ? 82  VAL B CB  1 
ATOM   1401 C CG1 . VAL B 1 82  ? -3.011  -7.347  1.942   1.00 21.67  ? 82  VAL B CG1 1 
ATOM   1402 C CG2 . VAL B 1 82  ? -3.084  -5.417  0.386   1.00 22.57  ? 82  VAL B CG2 1 
ATOM   1403 N N   . HIS B 1 83  ? -5.628  -9.236  0.226   1.00 24.79  ? 83  HIS B N   1 
ATOM   1404 C CA  . HIS B 1 83  ? -6.217  -10.545 0.571   1.00 27.75  ? 83  HIS B CA  1 
ATOM   1405 C C   . HIS B 1 83  ? -5.721  -11.630 -0.408  1.00 25.82  ? 83  HIS B C   1 
ATOM   1406 O O   . HIS B 1 83  ? -5.143  -12.634 0.000   1.00 25.50  ? 83  HIS B O   1 
ATOM   1407 C CB  . HIS B 1 83  ? -7.756  -10.447 0.596   1.00 32.71  ? 83  HIS B CB  1 
ATOM   1408 C CG  . HIS B 1 83  ? -8.473  -11.771 0.633   1.00 39.70  ? 83  HIS B CG  1 
ATOM   1409 N ND1 . HIS B 1 83  ? -8.848  -12.387 1.811   1.00 44.27  ? 83  HIS B ND1 1 
ATOM   1410 C CD2 . HIS B 1 83  ? -8.924  -12.570 -0.364  1.00 42.96  ? 83  HIS B CD2 1 
ATOM   1411 C CE1 . HIS B 1 83  ? -9.470  -13.520 1.536   1.00 44.93  ? 83  HIS B CE1 1 
ATOM   1412 N NE2 . HIS B 1 83  ? -9.539  -13.650 0.224   1.00 42.95  ? 83  HIS B NE2 1 
ATOM   1413 N N   . HIS B 1 84  ? -5.876  -11.355 -1.696  1.00 24.95  ? 84  HIS B N   1 
ATOM   1414 C CA  . HIS B 1 84  ? -5.475  -12.265 -2.756  1.00 22.90  ? 84  HIS B CA  1 
ATOM   1415 C C   . HIS B 1 84  ? -3.959  -12.573 -2.787  1.00 21.54  ? 84  HIS B C   1 
ATOM   1416 O O   . HIS B 1 84  ? -3.572  -13.729 -2.882  1.00 20.83  ? 84  HIS B O   1 
ATOM   1417 C CB  . HIS B 1 84  ? -5.986  -11.724 -4.104  1.00 24.14  ? 84  HIS B CB  1 
ATOM   1418 C CG  . HIS B 1 84  ? -5.514  -12.514 -5.275  1.00 24.47  ? 84  HIS B CG  1 
ATOM   1419 N ND1 . HIS B 1 84  ? -4.649  -11.996 -6.213  1.00 24.74  ? 84  HIS B ND1 1 
ATOM   1420 C CD2 . HIS B 1 84  ? -5.722  -13.805 -5.618  1.00 22.49  ? 84  HIS B CD2 1 
ATOM   1421 C CE1 . HIS B 1 84  ? -4.381  -12.929 -7.110  1.00 26.33  ? 84  HIS B CE1 1 
ATOM   1422 N NE2 . HIS B 1 84  ? -5.000  -14.044 -6.756  1.00 22.75  ? 84  HIS B NE2 1 
ATOM   1423 N N   . ARG B 1 85  ? -3.096  -11.566 -2.690  1.00 22.90  ? 85  ARG B N   1 
ATOM   1424 C CA  . ARG B 1 85  ? -1.629  -11.828 -2.663  1.00 23.61  ? 85  ARG B CA  1 
ATOM   1425 C C   . ARG B 1 85  ? -1.155  -12.590 -1.425  1.00 21.32  ? 85  ARG B C   1 
ATOM   1426 O O   . ARG B 1 85  ? -0.216  -13.380 -1.520  1.00 19.31  ? 85  ARG B O   1 
ATOM   1427 C CB  . ARG B 1 85  ? -0.822  -10.535 -2.788  1.00 27.44  ? 85  ARG B CB  1 
ATOM   1428 C CG  . ARG B 1 85  ? -0.546  -9.838  -1.473  1.00 31.23  ? 85  ARG B CG  1 
ATOM   1429 C CD  . ARG B 1 85  ? 0.119   -8.490  -1.635  1.00 33.21  ? 85  ARG B CD  1 
ATOM   1430 N NE  . ARG B 1 85  ? 0.374   -7.906  -0.304  1.00 34.01  ? 85  ARG B NE  1 
ATOM   1431 C CZ  . ARG B 1 85  ? 0.541   -6.605  -0.053  1.00 34.57  ? 85  ARG B CZ  1 
ATOM   1432 N NH1 . ARG B 1 85  ? 0.480   -5.698  -1.035  1.00 33.65  ? 85  ARG B NH1 1 
ATOM   1433 N NH2 . ARG B 1 85  ? 0.739   -6.200  1.200   1.00 34.23  ? 85  ARG B NH2 1 
ATOM   1434 N N   . HIS B 1 86  ? -1.780  -12.325 -0.281  1.00 21.20  ? 86  HIS B N   1 
ATOM   1435 C CA  . HIS B 1 86  ? -1.412  -12.959 1.001   1.00 23.00  ? 86  HIS B CA  1 
ATOM   1436 C C   . HIS B 1 86  ? -1.689  -14.460 0.901   1.00 23.06  ? 86  HIS B C   1 
ATOM   1437 O O   . HIS B 1 86  ? -0.848  -15.294 1.240   1.00 20.07  ? 86  HIS B O   1 
ATOM   1438 C CB  . HIS B 1 86  ? -2.194  -12.297 2.142   1.00 26.69  ? 86  HIS B CB  1 
ATOM   1439 C CG  . HIS B 1 86  ? -1.869  -12.812 3.517   1.00 34.45  ? 86  HIS B CG  1 
ATOM   1440 N ND1 . HIS B 1 86  ? -2.846  -13.089 4.452   1.00 39.14  ? 86  HIS B ND1 1 
ATOM   1441 C CD2 . HIS B 1 86  ? -0.685  -13.070 4.130   1.00 38.82  ? 86  HIS B CD2 1 
ATOM   1442 C CE1 . HIS B 1 86  ? -2.281  -13.509 5.572   1.00 37.95  ? 86  HIS B CE1 1 
ATOM   1443 N NE2 . HIS B 1 86  ? -0.970  -13.506 5.403   1.00 38.63  ? 86  HIS B NE2 1 
ATOM   1444 N N   . HIS B 1 87  ? -2.849  -14.791 0.339   1.00 24.44  ? 87  HIS B N   1 
ATOM   1445 C CA  . HIS B 1 87  ? -3.213  -16.189 0.156   1.00 25.99  ? 87  HIS B CA  1 
ATOM   1446 C C   . HIS B 1 87  ? -2.254  -16.923 -0.737  1.00 23.09  ? 87  HIS B C   1 
ATOM   1447 O O   . HIS B 1 87  ? -1.739  -17.971 -0.350  1.00 22.65  ? 87  HIS B O   1 
ATOM   1448 C CB  . HIS B 1 87  ? -4.668  -16.337 -0.290  1.00 30.47  ? 87  HIS B CB  1 
ATOM   1449 C CG  . HIS B 1 87  ? -5.630  -16.351 0.860   1.00 36.79  ? 87  HIS B CG  1 
ATOM   1450 N ND1 . HIS B 1 87  ? -5.375  -17.031 2.036   1.00 37.85  ? 87  HIS B ND1 1 
ATOM   1451 C CD2 . HIS B 1 87  ? -6.837  -15.759 1.023   1.00 40.73  ? 87  HIS B CD2 1 
ATOM   1452 C CE1 . HIS B 1 87  ? -6.386  -16.859 2.868   1.00 40.24  ? 87  HIS B CE1 1 
ATOM   1453 N NE2 . HIS B 1 87  ? -7.284  -16.091 2.280   1.00 43.09  ? 87  HIS B NE2 1 
ATOM   1454 N N   . GLN B 1 88  ? -1.934  -16.331 -1.873  1.00 22.04  ? 88  GLN B N   1 
ATOM   1455 C CA  . GLN B 1 88  ? -0.949  -16.913 -2.766  1.00 23.17  ? 88  GLN B CA  1 
ATOM   1456 C C   . GLN B 1 88  ? 0.408   -17.024 -2.115  1.00 20.27  ? 88  GLN B C   1 
ATOM   1457 O O   . GLN B 1 88  ? 1.058   -18.039 -2.293  1.00 22.07  ? 88  GLN B O   1 
ATOM   1458 C CB  . GLN B 1 88  ? -0.831  -16.130 -4.093  1.00 24.86  ? 88  GLN B CB  1 
ATOM   1459 C CG  . GLN B 1 88  ? -2.103  -16.153 -4.941  1.00 28.48  ? 88  GLN B CG  1 
ATOM   1460 C CD  . GLN B 1 88  ? -2.673  -17.543 -5.149  1.00 33.56  ? 88  GLN B CD  1 
ATOM   1461 O OE1 . GLN B 1 88  ? -2.083  -18.375 -5.855  1.00 37.16  ? 88  GLN B OE1 1 
ATOM   1462 N NE2 . GLN B 1 88  ? -3.838  -17.798 -4.558  1.00 38.44  ? 88  GLN B NE2 1 
ATOM   1463 N N   . LEU B 1 89  ? 0.815   -16.003 -1.364  1.00 17.96  ? 89  LEU B N   1 
ATOM   1464 C CA  . LEU B 1 89  ? 2.112   -16.042 -0.661  1.00 17.93  ? 89  LEU B CA  1 
ATOM   1465 C C   . LEU B 1 89  ? 2.145   -17.148 0.426   1.00 18.65  ? 89  LEU B C   1 
ATOM   1466 O O   . LEU B 1 89  ? 3.118   -17.924 0.527   1.00 16.65  ? 89  LEU B O   1 
ATOM   1467 C CB  . LEU B 1 89  ? 2.456   -14.661 -0.092  1.00 17.66  ? 89  LEU B CB  1 
ATOM   1468 C CG  . LEU B 1 89  ? 3.036   -13.702 -1.141  1.00 16.24  ? 89  LEU B CG  1 
ATOM   1469 C CD1 . LEU B 1 89  ? 3.006   -12.254 -0.679  1.00 16.23  ? 89  LEU B CD1 1 
ATOM   1470 C CD2 . LEU B 1 89  ? 4.424   -14.120 -1.607  1.00 15.39  ? 89  LEU B CD2 1 
ATOM   1471 N N   . ASN B 1 90  ? 1.058   -17.276 1.184   1.00 19.67  ? 90  ASN B N   1 
ATOM   1472 C CA  . ASN B 1 90  ? 0.986   -18.374 2.164   1.00 22.50  ? 90  ASN B CA  1 
ATOM   1473 C C   . ASN B 1 90  ? 1.041   -19.769 1.586   1.00 20.88  ? 90  ASN B C   1 
ATOM   1474 O O   . ASN B 1 90  ? 1.639   -20.651 2.213   1.00 19.77  ? 90  ASN B O   1 
ATOM   1475 C CB  . ASN B 1 90  ? -0.202  -18.208 3.099   1.00 25.33  ? 90  ASN B CB  1 
ATOM   1476 C CG  . ASN B 1 90  ? 0.038   -17.106 4.102   1.00 28.74  ? 90  ASN B CG  1 
ATOM   1477 O OD1 . ASN B 1 90  ? 1.139   -16.985 4.617   1.00 33.23  ? 90  ASN B OD1 1 
ATOM   1478 N ND2 . ASN B 1 90  ? -0.970  -16.279 4.353   1.00 32.59  ? 90  ASN B ND2 1 
ATOM   1479 N N   . LYS B 1 91  ? 0.476   -19.972 0.389   1.00 20.59  ? 91  LYS B N   1 
ATOM   1480 C CA  A LYS B 1 91  ? 0.499   -21.287 -0.242  0.70 21.48  ? 91  LYS B CA  1 
ATOM   1481 C CA  B LYS B 1 91  ? 0.494   -21.288 -0.240  0.30 21.14  ? 91  LYS B CA  1 
ATOM   1482 C C   . LYS B 1 91  ? 1.917   -21.556 -0.668  1.00 22.06  ? 91  LYS B C   1 
ATOM   1483 O O   . LYS B 1 91  ? 2.438   -22.674 -0.491  1.00 23.58  ? 91  LYS B O   1 
ATOM   1484 C CB  A LYS B 1 91  ? -0.456  -21.385 -1.459  0.70 23.46  ? 91  LYS B CB  1 
ATOM   1485 C CB  B LYS B 1 91  ? -0.448  -21.364 -1.453  0.30 21.46  ? 91  LYS B CB  1 
ATOM   1486 C CG  A LYS B 1 91  ? -1.948  -21.302 -1.127  0.70 24.46  ? 91  LYS B CG  1 
ATOM   1487 C CG  B LYS B 1 91  ? -1.914  -21.058 -1.165  0.30 21.35  ? 91  LYS B CG  1 
ATOM   1488 C CD  A LYS B 1 91  ? -2.839  -21.566 -2.354  0.70 25.63  ? 91  LYS B CD  1 
ATOM   1489 C CD  B LYS B 1 91  ? -2.603  -22.143 -0.362  0.30 21.38  ? 91  LYS B CD  1 
ATOM   1490 C CE  A LYS B 1 91  ? -4.330  -21.442 -2.018  0.70 26.85  ? 91  LYS B CE  1 
ATOM   1491 C CE  B LYS B 1 91  ? -4.094  -21.849 -0.210  0.30 21.32  ? 91  LYS B CE  1 
ATOM   1492 N NZ  A LYS B 1 91  ? -5.255  -21.872 -3.135  0.70 29.78  ? 91  LYS B NZ  1 
ATOM   1493 N NZ  B LYS B 1 91  ? -4.885  -22.953 0.416   0.30 20.43  ? 91  LYS B NZ  1 
ATOM   1494 N N   . LEU B 1 92  ? 2.562   -20.523 -1.213  1.00 21.54  ? 92  LEU B N   1 
ATOM   1495 C CA  . LEU B 1 92  ? 3.963   -20.658 -1.587  1.00 21.70  ? 92  LEU B CA  1 
ATOM   1496 C C   . LEU B 1 92  ? 4.851   -21.038 -0.399  1.00 19.44  ? 92  LEU B C   1 
ATOM   1497 O O   . LEU B 1 92  ? 5.708   -21.894 -0.524  1.00 17.11  ? 92  LEU B O   1 
ATOM   1498 C CB  . LEU B 1 92  ? 4.471   -19.373 -2.282  1.00 23.62  ? 92  LEU B CB  1 
ATOM   1499 C CG  . LEU B 1 92  ? 5.103   -19.561 -3.655  1.00 23.82  ? 92  LEU B CG  1 
ATOM   1500 C CD1 . LEU B 1 92  ? 4.369   -20.581 -4.502  1.00 25.65  ? 92  LEU B CD1 1 
ATOM   1501 C CD2 . LEU B 1 92  ? 5.168   -18.244 -4.392  1.00 24.90  ? 92  LEU B CD2 1 
ATOM   1502 N N   . LEU B 1 93  ? 4.631   -20.402 0.742   1.00 20.59  ? 93  LEU B N   1 
ATOM   1503 C CA  . LEU B 1 93  ? 5.393   -20.679 1.973   1.00 20.66  ? 93  LEU B CA  1 
ATOM   1504 C C   . LEU B 1 93  ? 5.171   -22.122 2.440   1.00 20.31  ? 93  LEU B C   1 
ATOM   1505 O O   . LEU B 1 93  ? 6.115   -22.833 2.787   1.00 18.49  ? 93  LEU B O   1 
ATOM   1506 C CB  . LEU B 1 93  ? 5.006   -19.703 3.108   1.00 22.06  ? 93  LEU B CB  1 
ATOM   1507 C CG  . LEU B 1 93  ? 5.707   -18.350 3.144   1.00 24.32  ? 93  LEU B CG  1 
ATOM   1508 C CD1 . LEU B 1 93  ? 4.971   -17.359 4.041   1.00 24.94  ? 93  LEU B CD1 1 
ATOM   1509 C CD2 . LEU B 1 93  ? 7.177   -18.443 3.570   1.00 26.07  ? 93  LEU B CD2 1 
ATOM   1510 N N   . ALA B 1 94  ? 3.911   -22.533 2.449   1.00 20.82  ? 94  ALA B N   1 
ATOM   1511 C CA  . ALA B 1 94  ? 3.555   -23.919 2.791   1.00 21.98  ? 94  ALA B CA  1 
ATOM   1512 C C   . ALA B 1 94  ? 4.368   -24.908 1.952   1.00 22.77  ? 94  ALA B C   1 
ATOM   1513 O O   . ALA B 1 94  ? 5.059   -25.759 2.503   1.00 22.95  ? 94  ALA B O   1 
ATOM   1514 C CB  . ALA B 1 94  ? 2.079   -24.141 2.603   1.00 21.13  ? 94  ALA B CB  1 
ATOM   1515 N N   . GLN B 1 95  ? 4.359   -24.730 0.634   1.00 23.66  ? 95  GLN B N   1 
ATOM   1516 C CA  . GLN B 1 95  ? 5.119   -25.603 -0.263  1.00 26.60  ? 95  GLN B CA  1 
ATOM   1517 C C   . GLN B 1 95  ? 6.604   -25.613 0.072   1.00 27.23  ? 95  GLN B C   1 
ATOM   1518 O O   . GLN B 1 95  ? 7.239   -26.679 0.143   1.00 27.42  ? 95  GLN B O   1 
ATOM   1519 C CB  . GLN B 1 95  ? 4.956   -25.172 -1.721  1.00 29.17  ? 95  GLN B CB  1 
ATOM   1520 C CG  . GLN B 1 95  ? 3.542   -25.294 -2.285  1.00 32.67  ? 95  GLN B CG  1 
ATOM   1521 C CD  . GLN B 1 95  ? 3.385   -24.592 -3.634  1.00 34.95  ? 95  GLN B CD  1 
ATOM   1522 O OE1 . GLN B 1 95  ? 4.372   -24.174 -4.238  1.00 38.13  ? 95  GLN B OE1 1 
ATOM   1523 N NE2 . GLN B 1 95  ? 2.146   -24.461 -4.112  1.00 35.82  ? 95  GLN B NE2 1 
ATOM   1524 N N   . LEU B 1 96  ? 7.156   -24.418 0.281   1.00 27.51  ? 96  LEU B N   1 
ATOM   1525 C CA  . LEU B 1 96  ? 8.546   -24.290 0.722   1.00 28.91  ? 96  LEU B CA  1 
ATOM   1526 C C   . LEU B 1 96  ? 8.829   -24.998 2.032   1.00 27.53  ? 96  LEU B C   1 
ATOM   1527 O O   . LEU B 1 96  ? 9.802   -25.751 2.146   1.00 28.28  ? 96  LEU B O   1 
ATOM   1528 C CB  . LEU B 1 96  ? 8.940   -22.812 0.875   1.00 30.38  ? 96  LEU B CB  1 
ATOM   1529 C CG  . LEU B 1 96  ? 9.715   -22.228 -0.279  1.00 32.58  ? 96  LEU B CG  1 
ATOM   1530 C CD1 . LEU B 1 96  ? 9.921   -20.743 -0.030  1.00 33.79  ? 96  LEU B CD1 1 
ATOM   1531 C CD2 . LEU B 1 96  ? 11.056  -22.941 -0.413  1.00 33.86  ? 96  LEU B CD2 1 
ATOM   1532 N N   . ASP B 1 97  ? 7.997   -24.712 3.031   1.00 26.55  ? 97  ASP B N   1 
ATOM   1533 C CA  . ASP B 1 97  ? 8.043   -25.412 4.319   1.00 28.03  ? 97  ASP B CA  1 
ATOM   1534 C C   . ASP B 1 97  ? 8.121   -26.943 4.161   1.00 28.32  ? 97  ASP B C   1 
ATOM   1535 O O   . ASP B 1 97  ? 8.962   -27.585 4.774   1.00 32.05  ? 97  ASP B O   1 
ATOM   1536 C CB  . ASP B 1 97  ? 6.812   -25.036 5.156   1.00 28.61  ? 97  ASP B CB  1 
ATOM   1537 C CG  . ASP B 1 97  ? 6.963   -25.378 6.621   1.00 31.46  ? 97  ASP B CG  1 
ATOM   1538 O OD1 . ASP B 1 97  ? 8.058   -25.779 7.073   1.00 31.39  ? 97  ASP B OD1 1 
ATOM   1539 O OD2 . ASP B 1 97  ? 5.965   -25.214 7.340   1.00 35.06  ? 97  ASP B OD2 1 
ATOM   1540 N N   . ASN B 1 98  ? 7.241   -27.512 3.350   1.00 30.50  ? 98  ASN B N   1 
ATOM   1541 C CA  . ASN B 1 98  ? 7.202   -28.965 3.144   1.00 32.83  ? 98  ASN B CA  1 
ATOM   1542 C C   . ASN B 1 98  ? 8.490   -29.497 2.515   1.00 34.77  ? 98  ASN B C   1 
ATOM   1543 O O   . ASN B 1 98  ? 9.036   -30.519 2.955   1.00 33.80  ? 98  ASN B O   1 
ATOM   1544 C CB  . ASN B 1 98  ? 6.002   -29.362 2.276   1.00 34.41  ? 98  ASN B CB  1 
ATOM   1545 C CG  . ASN B 1 98  ? 5.983   -30.859 1.965   1.00 39.27  ? 98  ASN B CG  1 
ATOM   1546 O OD1 . ASN B 1 98  ? 6.019   -31.692 2.889   1.00 41.13  ? 98  ASN B OD1 1 
ATOM   1547 N ND2 . ASN B 1 98  ? 5.976   -31.209 0.663   1.00 37.47  ? 98  ASN B ND2 1 
ATOM   1548 N N   . LEU B 1 99  ? 8.957   -28.782 1.486   1.00 37.69  ? 99  LEU B N   1 
ATOM   1549 C CA  . LEU B 1 99  ? 10.194  -29.108 0.767   1.00 37.06  ? 99  LEU B CA  1 
ATOM   1550 C C   . LEU B 1 99  ? 11.425  -29.119 1.680   1.00 36.60  ? 99  LEU B C   1 
ATOM   1551 O O   . LEU B 1 99  ? 12.252  -30.015 1.562   1.00 34.90  ? 99  LEU B O   1 
ATOM   1552 C CB  . LEU B 1 99  ? 10.408  -28.122 -0.391  1.00 40.50  ? 99  LEU B CB  1 
ATOM   1553 C CG  . LEU B 1 99  ? 10.617  -28.656 -1.810  1.00 42.28  ? 99  LEU B CG  1 
ATOM   1554 C CD1 . LEU B 1 99  ? 9.667   -29.781 -2.176  1.00 42.75  ? 99  LEU B CD1 1 
ATOM   1555 C CD2 . LEU B 1 99  ? 10.445  -27.506 -2.786  1.00 44.20  ? 99  LEU B CD2 1 
ATOM   1556 N N   . VAL B 1 100 ? 11.551  -28.131 2.571   1.00 35.80  ? 100 VAL B N   1 
ATOM   1557 C CA  . VAL B 1 100 ? 12.729  -28.052 3.471   1.00 36.10  ? 100 VAL B CA  1 
ATOM   1558 C C   . VAL B 1 100 ? 12.721  -29.122 4.565   1.00 39.07  ? 100 VAL B C   1 
ATOM   1559 O O   . VAL B 1 100 ? 13.783  -29.587 4.996   1.00 35.58  ? 100 VAL B O   1 
ATOM   1560 C CB  . VAL B 1 100 ? 12.939  -26.663 4.140   1.00 37.75  ? 100 VAL B CB  1 
ATOM   1561 C CG1 . VAL B 1 100 ? 13.088  -25.576 3.100   1.00 37.41  ? 100 VAL B CG1 1 
ATOM   1562 C CG2 . VAL B 1 100 ? 11.829  -26.291 5.106   1.00 39.99  ? 100 VAL B CG2 1 
ATOM   1563 N N   . HIS B 1 101 ? 11.523  -29.521 4.997   1.00 41.73  ? 101 HIS B N   1 
ATOM   1564 C CA  . HIS B 1 101 ? 11.378  -30.483 6.077   1.00 44.72  ? 101 HIS B CA  1 
ATOM   1565 C C   . HIS B 1 101 ? 11.111  -31.883 5.543   1.00 46.06  ? 101 HIS B C   1 
ATOM   1566 O O   . HIS B 1 101 ? 10.574  -32.722 6.257   1.00 49.84  ? 101 HIS B O   1 
ATOM   1567 C CB  . HIS B 1 101 ? 10.275  -30.002 7.024   1.00 43.50  ? 101 HIS B CB  1 
ATOM   1568 C CG  . HIS B 1 101 ? 10.647  -28.768 7.773   1.00 44.38  ? 101 HIS B CG  1 
ATOM   1569 N ND1 . HIS B 1 101 ? 9.944   -27.589 7.673   1.00 45.47  ? 101 HIS B ND1 1 
ATOM   1570 C CD2 . HIS B 1 101 ? 11.682  -28.520 8.608   1.00 44.15  ? 101 HIS B CD2 1 
ATOM   1571 C CE1 . HIS B 1 101 ? 10.516  -26.676 8.438   1.00 45.32  ? 101 HIS B CE1 1 
ATOM   1572 N NE2 . HIS B 1 101 ? 11.574  -27.213 9.011   1.00 43.84  ? 101 HIS B NE2 1 
ATOM   1573 N N   . ARG B 1 102 ? 11.545  -32.144 4.308   1.00 51.93  ? 102 ARG B N   1 
ATOM   1574 C CA  . ARG B 1 102 ? 11.091  -33.293 3.529   1.00 57.85  ? 102 ARG B CA  1 
ATOM   1575 C C   . ARG B 1 102 ? 11.872  -34.553 3.865   1.00 63.89  ? 102 ARG B C   1 
ATOM   1576 O O   . ARG B 1 102 ? 11.528  -35.639 3.389   1.00 67.36  ? 102 ARG B O   1 
ATOM   1577 C CB  . ARG B 1 102 ? 11.204  -32.979 2.026   1.00 58.02  ? 102 ARG B CB  1 
ATOM   1578 C CG  . ARG B 1 102 ? 10.323  -33.794 1.092   1.00 58.86  ? 102 ARG B CG  1 
ATOM   1579 C CD  . ARG B 1 102 ? 8.848   -33.656 1.431   1.00 61.18  ? 102 ARG B CD  1 
ATOM   1580 N NE  . ARG B 1 102 ? 8.004   -34.485 0.576   1.00 63.88  ? 102 ARG B NE  1 
ATOM   1581 C CZ  . ARG B 1 102 ? 6.695   -34.677 0.750   1.00 63.25  ? 102 ARG B CZ  1 
ATOM   1582 N NH1 . ARG B 1 102 ? 6.046   -34.109 1.760   1.00 62.69  ? 102 ARG B NH1 1 
ATOM   1583 N NH2 . ARG B 1 102 ? 6.026   -35.443 -0.102  1.00 63.98  ? 102 ARG B NH2 1 
ATOM   1584 O OXT . ARG B 1 102 ? 12.850  -34.520 4.618   1.00 65.04  ? 102 ARG B OXT 1 
HETATM 1585 C C   . ACT C 2 .   ? 5.152   6.029   -10.529 0.50 20.73  ? 201 ACT A C   1 
HETATM 1586 O O   . ACT C 2 .   ? 5.385   7.300   -10.401 0.50 19.22  ? 201 ACT A O   1 
HETATM 1587 O OXT . ACT C 2 .   ? 5.955   5.053   -10.223 0.50 19.57  ? 201 ACT A OXT 1 
HETATM 1588 C CH3 . ACT C 2 .   ? 3.799   5.653   -11.016 0.50 19.51  ? 201 ACT A CH3 1 
HETATM 1589 O O   . HOH D 3 .   ? -2.007  2.742   -0.779  1.00 22.74  ? 301 HOH A O   1 
HETATM 1590 O O   . HOH D 3 .   ? -5.153  8.584   -10.582 1.00 36.25  ? 302 HOH A O   1 
HETATM 1591 O O   . HOH D 3 .   ? 4.515   -15.774 -15.588 1.00 27.91  ? 303 HOH A O   1 
HETATM 1592 O O   . HOH D 3 .   ? -8.136  11.941  -6.199  1.00 28.84  ? 304 HOH A O   1 
HETATM 1593 O O   . HOH D 3 .   ? 17.019  -5.011  -6.930  1.00 57.53  ? 305 HOH A O   1 
HETATM 1594 O O   . HOH D 3 .   ? 9.431   0.791   6.415   1.00 29.31  ? 306 HOH A O   1 
HETATM 1595 O O   . HOH D 3 .   ? -9.809  30.675  -5.034  1.00 48.45  ? 307 HOH A O   1 
HETATM 1596 O O   . HOH D 3 .   ? 1.419   6.616   -13.524 1.00 17.44  ? 308 HOH A O   1 
HETATM 1597 O O   . HOH D 3 .   ? 10.425  9.334   -2.358  1.00 26.13  ? 309 HOH A O   1 
HETATM 1598 O O   . HOH D 3 .   ? 0.283   12.712  -9.507  1.00 39.12  ? 310 HOH A O   1 
HETATM 1599 O O   . HOH D 3 .   ? 10.345  -1.191  -10.044 1.00 35.65  ? 311 HOH A O   1 
HETATM 1600 O O   . HOH D 3 .   ? 14.200  -5.400  6.974   1.00 31.97  ? 312 HOH A O   1 
HETATM 1601 O O   . HOH D 3 .   ? 1.331   -9.678  -5.795  1.00 13.48  ? 313 HOH A O   1 
HETATM 1602 O O   . HOH D 3 .   ? 16.755  -7.272  4.731   1.00 28.09  ? 314 HOH A O   1 
HETATM 1603 O O   . HOH D 3 .   ? 4.918   7.231   -2.701  1.00 21.69  ? 315 HOH A O   1 
HETATM 1604 O O   . HOH D 3 .   ? 5.489   -5.390  -12.968 1.00 20.81  ? 316 HOH A O   1 
HETATM 1605 O O   . HOH D 3 .   ? 1.967   11.256  8.283   1.00 42.68  ? 317 HOH A O   1 
HETATM 1606 O O   . HOH D 3 .   ? 10.414  3.487   -4.321  1.00 31.94  ? 318 HOH A O   1 
HETATM 1607 O O   . HOH D 3 .   ? 6.381   11.114  -9.401  1.00 42.42  ? 319 HOH A O   1 
HETATM 1608 O O   . HOH D 3 .   ? 1.852   -3.682  -4.316  1.00 24.92  ? 320 HOH A O   1 
HETATM 1609 O O   . HOH D 3 .   ? -0.340  -7.568  -5.696  0.50 14.55  ? 321 HOH A O   1 
HETATM 1610 O O   . HOH D 3 .   ? -2.909  4.498   -11.018 1.00 23.23  ? 322 HOH A O   1 
HETATM 1611 O O   . HOH D 3 .   ? 3.633   2.675   -3.894  1.00 27.67  ? 323 HOH A O   1 
HETATM 1612 O O   . HOH D 3 .   ? -3.511  29.157  -1.661  1.00 44.07  ? 324 HOH A O   1 
HETATM 1613 O O   . HOH D 3 .   ? 7.169   -16.658 -14.015 1.00 30.64  ? 325 HOH A O   1 
HETATM 1614 O O   . HOH D 3 .   ? 2.734   6.768   7.272   1.00 28.39  ? 326 HOH A O   1 
HETATM 1615 O O   . HOH D 3 .   ? 1.118   16.926  -4.007  1.00 42.86  ? 327 HOH A O   1 
HETATM 1616 O O   . HOH D 3 .   ? 9.131   11.141  5.607   1.00 31.99  ? 328 HOH A O   1 
HETATM 1617 O O   . HOH D 3 .   ? 2.944   15.153  -2.775  1.00 48.55  ? 329 HOH A O   1 
HETATM 1618 O O   . HOH D 3 .   ? 16.525  -21.253 -14.117 1.00 46.63  ? 330 HOH A O   1 
HETATM 1619 O O   . HOH D 3 .   ? 5.163   13.623  -8.060  1.00 40.85  ? 331 HOH A O   1 
HETATM 1620 O O   . HOH D 3 .   ? 14.871  -13.608 -11.240 1.00 52.34  ? 332 HOH A O   1 
HETATM 1621 O O   . HOH D 3 .   ? 9.511   -3.596  8.098   1.00 34.74  ? 333 HOH A O   1 
HETATM 1622 O O   . HOH D 3 .   ? -0.579  -11.386 -6.976  1.00 29.64  ? 334 HOH A O   1 
HETATM 1623 O O   . HOH D 3 .   ? 22.740  -24.864 -7.353  1.00 58.50  ? 335 HOH A O   1 
HETATM 1624 O O   . HOH D 3 .   ? 4.914   2.994   5.036   1.00 44.14  ? 336 HOH A O   1 
HETATM 1625 O O   . HOH D 3 .   ? -11.210 24.886  17.033  0.50 58.70  ? 337 HOH A O   1 
HETATM 1626 O O   . HOH D 3 .   ? 18.275  -2.014  0.453   1.00 54.09  ? 338 HOH A O   1 
HETATM 1627 O O   . HOH D 3 .   ? 9.190   -19.776 -14.585 1.00 39.37  ? 339 HOH A O   1 
HETATM 1628 O O   . HOH D 3 .   ? 22.618  -3.763  -5.548  1.00 45.36  ? 340 HOH A O   1 
HETATM 1629 O O   . HOH E 3 .   ? 12.585  -15.051 11.072  1.00 27.57  ? 201 HOH B O   1 
HETATM 1630 O O   . HOH E 3 .   ? 19.508  -22.902 6.400   1.00 38.54  ? 202 HOH B O   1 
HETATM 1631 O O   . HOH E 3 .   ? -5.314  -2.192  9.911   1.00 27.05  ? 203 HOH B O   1 
HETATM 1632 O O   . HOH E 3 .   ? 18.282  -23.940 10.100  1.00 34.79  ? 204 HOH B O   1 
HETATM 1633 O O   . HOH E 3 .   ? 0.076   -9.101  2.081   1.00 25.67  ? 205 HOH B O   1 
HETATM 1634 O O   . HOH E 3 .   ? 4.084   -23.532 6.421   1.00 43.02  ? 206 HOH B O   1 
HETATM 1635 O O   . HOH E 3 .   ? -4.166  -10.522 7.626   1.00 43.05  ? 207 HOH B O   1 
HETATM 1636 O O   . HOH E 3 .   ? -7.925  -13.177 4.265   1.00 55.99  ? 208 HOH B O   1 
HETATM 1637 O O   . HOH E 3 .   ? -3.558  -18.950 3.027   1.00 36.57  ? 209 HOH B O   1 
HETATM 1638 O O   . HOH E 3 .   ? -5.361  -13.640 2.639   1.00 36.92  ? 210 HOH B O   1 
HETATM 1639 O O   . HOH E 3 .   ? 11.424  -16.579 9.206   1.00 17.06  ? 211 HOH B O   1 
HETATM 1640 O O   . HOH E 3 .   ? 1.754   -2.579  -0.516  1.00 41.37  ? 212 HOH B O   1 
HETATM 1641 O O   . HOH E 3 .   ? 22.576  -25.290 -2.372  1.00 38.06  ? 213 HOH B O   1 
HETATM 1642 O O   . HOH E 3 .   ? 18.296  -20.797 8.477   1.00 42.50  ? 214 HOH B O   1 
HETATM 1643 O O   . HOH E 3 .   ? -11.026 -7.893  1.365   1.00 61.79  ? 215 HOH B O   1 
HETATM 1644 O O   . HOH E 3 .   ? -13.975 4.349   11.804  1.00 50.90  ? 216 HOH B O   1 
HETATM 1645 O O   . HOH E 3 .   ? 1.115   -19.357 -5.005  1.00 30.97  ? 217 HOH B O   1 
HETATM 1646 O O   . HOH E 3 .   ? -5.478  -11.446 4.685   1.00 50.31  ? 218 HOH B O   1 
HETATM 1647 O O   . HOH E 3 .   ? 1.759   -11.205 2.893   1.00 30.88  ? 219 HOH B O   1 
HETATM 1648 O O   . HOH E 3 .   ? 5.864   -14.290 13.803  1.00 49.85  ? 220 HOH B O   1 
HETATM 1649 O O   . HOH E 3 .   ? 4.183   -30.720 5.350   1.00 50.81  ? 221 HOH B O   1 
HETATM 1650 O O   . HOH E 3 .   ? -7.656  2.545   -6.211  1.00 32.45  ? 222 HOH B O   1 
HETATM 1651 O O   . HOH E 3 .   ? -0.005  -6.129  -4.257  0.50 12.30  ? 223 HOH B O   1 
HETATM 1652 O O   . HOH E 3 .   ? -4.324  -2.313  -4.803  1.00 31.28  ? 224 HOH B O   1 
HETATM 1653 O O   . HOH E 3 .   ? 13.282  -20.807 9.195   1.00 29.58  ? 225 HOH B O   1 
HETATM 1654 O O   . HOH E 3 .   ? -25.469 26.151  6.755   1.00 63.90  ? 226 HOH B O   1 
HETATM 1655 O O   . HOH E 3 .   ? -12.345 -13.093 2.494   1.00 54.98  ? 227 HOH B O   1 
HETATM 1656 O O   . HOH E 3 .   ? -1.353  -14.023 -6.503  1.00 34.09  ? 228 HOH B O   1 
HETATM 1657 O O   . HOH E 3 .   ? 2.154   2.721   5.847   1.00 36.13  ? 229 HOH B O   1 
HETATM 1658 O O   . HOH E 3 .   ? -14.130 -1.758  -3.977  1.00 36.64  ? 230 HOH B O   1 
HETATM 1659 O O   . HOH E 3 .   ? -22.083 24.076  2.782   1.00 45.29  ? 231 HOH B O   1 
HETATM 1660 O O   . HOH E 3 .   ? -9.097  7.339   -7.442  1.00 31.11  ? 232 HOH B O   1 
HETATM 1661 O O   . HOH E 3 .   ? -25.673 23.363  11.818  1.00 58.53  ? 233 HOH B O   1 
HETATM 1662 O O   . HOH E 3 .   ? -15.743 19.107  17.935  1.00 54.48  ? 234 HOH B O   1 
HETATM 1663 O O   . HOH E 3 .   ? -24.327 14.821  5.371   1.00 53.48  ? 235 HOH B O   1 
# 
loop_
_pdbx_poly_seq_scheme.asym_id 
_pdbx_poly_seq_scheme.entity_id 
_pdbx_poly_seq_scheme.seq_id 
_pdbx_poly_seq_scheme.mon_id 
_pdbx_poly_seq_scheme.ndb_seq_num 
_pdbx_poly_seq_scheme.pdb_seq_num 
_pdbx_poly_seq_scheme.auth_seq_num 
_pdbx_poly_seq_scheme.pdb_mon_id 
_pdbx_poly_seq_scheme.auth_mon_id 
_pdbx_poly_seq_scheme.pdb_strand_id 
_pdbx_poly_seq_scheme.pdb_ins_code 
_pdbx_poly_seq_scheme.hetero 
A 1 1   MET 1   1   ?   ?   ?   A . n 
A 1 2   TYR 2   2   ?   ?   ?   A . n 
A 1 3   GLY 3   3   3   GLY GLY A . n 
A 1 4   THR 4   4   4   THR THR A . n 
A 1 5   LEU 5   5   5   LEU LEU A . n 
A 1 6   ASN 6   6   6   ASN ASN A . n 
A 1 7   GLN 7   7   7   GLN GLN A . n 
A 1 8   LEU 8   8   8   LEU LEU A . n 
A 1 9   PHE 9   9   9   PHE PHE A . n 
A 1 10  HIS 10  10  10  HIS HIS A . n 
A 1 11  ASN 11  11  11  ASN ASN A . n 
A 1 12  LEU 12  12  12  LEU LEU A . n 
A 1 13  ASN 13  13  13  ASN ASN A . n 
A 1 14  GLU 14  14  14  GLU GLU A . n 
A 1 15  ILE 15  15  15  ILE ILE A . n 
A 1 16  VAL 16  16  16  VAL VAL A . n 
A 1 17  GLU 17  17  17  GLU GLU A . n 
A 1 18  ASP 18  18  18  ASP ASP A . n 
A 1 19  LEU 19  19  19  LEU LEU A . n 
A 1 20  ASN 20  20  20  ASN ASN A . n 
A 1 21  LYS 21  21  21  LYS LYS A . n 
A 1 22  ASN 22  22  22  ASN ASN A . n 
A 1 23  TRP 23  23  23  TRP TRP A . n 
A 1 24  HIS 24  24  24  HIS HIS A . n 
A 1 25  ARG 25  25  25  ARG ARG A . n 
A 1 26  GLU 26  26  26  GLU GLU A . n 
A 1 27  ARG 27  27  27  ARG ARG A . n 
A 1 28  ARG 28  28  28  ARG ARG A . n 
A 1 29  THR 29  29  29  THR THR A . n 
A 1 30  LEU 30  30  30  LEU LEU A . n 
A 1 31  HIS 31  31  31  HIS HIS A . n 
A 1 32  ASP 32  32  32  ASP ASP A . n 
A 1 33  PHE 33  33  33  PHE PHE A . n 
A 1 34  ALA 34  34  34  ALA ALA A . n 
A 1 35  ASP 35  35  35  ASP ASP A . n 
A 1 36  GLU 36  36  36  GLU GLU A . n 
A 1 37  LEU 37  37  37  LEU LEU A . n 
A 1 38  HIS 38  38  38  HIS HIS A . n 
A 1 39  GLN 39  39  39  GLN GLN A . n 
A 1 40  LEU 40  40  40  LEU LEU A . n 
A 1 41  VAL 41  41  41  VAL VAL A . n 
A 1 42  LYS 42  42  42  LYS LYS A . n 
A 1 43  HIS 43  43  43  HIS HIS A . n 
A 1 44  VAL 44  44  44  VAL VAL A . n 
A 1 45  HIS 45  45  45  HIS HIS A . n 
A 1 46  HIS 46  46  46  HIS HIS A . n 
A 1 47  PHE 47  47  47  PHE PHE A . n 
A 1 48  MET 48  48  48  MET MET A . n 
A 1 49  GLN 49  49  ?   ?   ?   A . n 
A 1 50  GLY 50  50  ?   ?   ?   A . n 
A 1 51  HIS 51  51  ?   ?   ?   A . n 
A 1 52  LYS 52  52  ?   ?   ?   A . n 
A 1 53  ASN 53  53  ?   ?   ?   A . n 
A 1 54  GLU 54  54  ?   ?   ?   A . n 
A 1 55  GLY 55  55  ?   ?   ?   A . n 
A 1 56  LYS 56  56  ?   ?   ?   A . n 
A 1 57  LEU 57  57  57  LEU LEU A . n 
A 1 58  GLN 58  58  58  GLN GLN A . n 
A 1 59  ASP 59  59  59  ASP ASP A . n 
A 1 60  ILE 60  60  60  ILE ILE A . n 
A 1 61  VAL 61  61  61  VAL VAL A . n 
A 1 62  ASN 62  62  62  ASN ASN A . n 
A 1 63  GLN 63  63  63  GLN GLN A . n 
A 1 64  LEU 64  64  64  LEU LEU A . n 
A 1 65  ASP 65  65  65  ASP ASP A . n 
A 1 66  LYS 66  66  66  LYS LYS A . n 
A 1 67  LEU 67  67  67  LEU LEU A . n 
A 1 68  PHE 68  68  68  PHE PHE A . n 
A 1 69  ARG 69  69  69  ARG ARG A . n 
A 1 70  ASP 70  70  70  ASP ASP A . n 
A 1 71  LEU 71  71  71  LEU LEU A . n 
A 1 72  ASP 72  72  72  ASP ASP A . n 
A 1 73  ASN 73  73  73  ASN ASN A . n 
A 1 74  HIS 74  74  74  HIS HIS A . n 
A 1 75  LEU 75  75  75  LEU LEU A . n 
A 1 76  GLN 76  76  76  GLN GLN A . n 
A 1 77  ARG 77  77  77  ARG ARG A . n 
A 1 78  LYS 78  78  78  LYS LYS A . n 
A 1 79  ASP 79  79  79  ASP ASP A . n 
A 1 80  ASP 80  80  80  ASP ASP A . n 
A 1 81  THR 81  81  81  THR THR A . n 
A 1 82  VAL 82  82  82  VAL VAL A . n 
A 1 83  HIS 83  83  83  HIS HIS A . n 
A 1 84  HIS 84  84  84  HIS HIS A . n 
A 1 85  ARG 85  85  85  ARG ARG A . n 
A 1 86  HIS 86  86  86  HIS HIS A . n 
A 1 87  HIS 87  87  87  HIS HIS A . n 
A 1 88  GLN 88  88  88  GLN GLN A . n 
A 1 89  LEU 89  89  89  LEU LEU A . n 
A 1 90  ASN 90  90  90  ASN ASN A . n 
A 1 91  LYS 91  91  91  LYS LYS A . n 
A 1 92  LEU 92  92  92  LEU LEU A . n 
A 1 93  LEU 93  93  93  LEU LEU A . n 
A 1 94  ALA 94  94  94  ALA ALA A . n 
A 1 95  GLN 95  95  95  GLN GLN A . n 
A 1 96  LEU 96  96  96  LEU LEU A . n 
A 1 97  ASP 97  97  97  ASP ASP A . n 
A 1 98  ASN 98  98  98  ASN ASN A . n 
A 1 99  LEU 99  99  99  LEU LEU A . n 
A 1 100 VAL 100 100 100 VAL VAL A . n 
A 1 101 HIS 101 101 101 HIS HIS A . n 
A 1 102 ARG 102 102 ?   ?   ?   A . n 
B 1 1   MET 1   1   ?   ?   ?   B . n 
B 1 2   TYR 2   2   ?   ?   ?   B . n 
B 1 3   GLY 3   3   3   GLY GLY B . n 
B 1 4   THR 4   4   4   THR THR B . n 
B 1 5   LEU 5   5   5   LEU LEU B . n 
B 1 6   ASN 6   6   6   ASN ASN B . n 
B 1 7   GLN 7   7   7   GLN GLN B . n 
B 1 8   LEU 8   8   8   LEU LEU B . n 
B 1 9   PHE 9   9   9   PHE PHE B . n 
B 1 10  HIS 10  10  10  HIS HIS B . n 
B 1 11  ASN 11  11  11  ASN ASN B . n 
B 1 12  LEU 12  12  12  LEU LEU B . n 
B 1 13  ASN 13  13  13  ASN ASN B . n 
B 1 14  GLU 14  14  14  GLU GLU B . n 
B 1 15  ILE 15  15  15  ILE ILE B . n 
B 1 16  VAL 16  16  16  VAL VAL B . n 
B 1 17  GLU 17  17  17  GLU GLU B . n 
B 1 18  ASP 18  18  18  ASP ASP B . n 
B 1 19  LEU 19  19  19  LEU LEU B . n 
B 1 20  ASN 20  20  20  ASN ASN B . n 
B 1 21  LYS 21  21  21  LYS LYS B . n 
B 1 22  ASN 22  22  22  ASN ASN B . n 
B 1 23  TRP 23  23  23  TRP TRP B . n 
B 1 24  HIS 24  24  24  HIS HIS B . n 
B 1 25  ARG 25  25  25  ARG ARG B . n 
B 1 26  GLU 26  26  26  GLU GLU B . n 
B 1 27  ARG 27  27  27  ARG ARG B . n 
B 1 28  ARG 28  28  28  ARG ARG B . n 
B 1 29  THR 29  29  29  THR THR B . n 
B 1 30  LEU 30  30  30  LEU LEU B . n 
B 1 31  HIS 31  31  31  HIS HIS B . n 
B 1 32  ASP 32  32  32  ASP ASP B . n 
B 1 33  PHE 33  33  33  PHE PHE B . n 
B 1 34  ALA 34  34  34  ALA ALA B . n 
B 1 35  ASP 35  35  35  ASP ASP B . n 
B 1 36  GLU 36  36  36  GLU GLU B . n 
B 1 37  LEU 37  37  37  LEU LEU B . n 
B 1 38  HIS 38  38  38  HIS HIS B . n 
B 1 39  GLN 39  39  39  GLN GLN B . n 
B 1 40  LEU 40  40  40  LEU LEU B . n 
B 1 41  VAL 41  41  41  VAL VAL B . n 
B 1 42  LYS 42  42  42  LYS LYS B . n 
B 1 43  HIS 43  43  43  HIS HIS B . n 
B 1 44  VAL 44  44  44  VAL VAL B . n 
B 1 45  HIS 45  45  45  HIS HIS B . n 
B 1 46  HIS 46  46  46  HIS HIS B . n 
B 1 47  PHE 47  47  ?   ?   ?   B . n 
B 1 48  MET 48  48  ?   ?   ?   B . n 
B 1 49  GLN 49  49  ?   ?   ?   B . n 
B 1 50  GLY 50  50  ?   ?   ?   B . n 
B 1 51  HIS 51  51  ?   ?   ?   B . n 
B 1 52  LYS 52  52  ?   ?   ?   B . n 
B 1 53  ASN 53  53  ?   ?   ?   B . n 
B 1 54  GLU 54  54  ?   ?   ?   B . n 
B 1 55  GLY 55  55  ?   ?   ?   B . n 
B 1 56  LYS 56  56  ?   ?   ?   B . n 
B 1 57  LEU 57  57  57  LEU LEU B . n 
B 1 58  GLN 58  58  58  GLN GLN B . n 
B 1 59  ASP 59  59  59  ASP ASP B . n 
B 1 60  ILE 60  60  60  ILE ILE B . n 
B 1 61  VAL 61  61  61  VAL VAL B . n 
B 1 62  ASN 62  62  62  ASN ASN B . n 
B 1 63  GLN 63  63  63  GLN GLN B . n 
B 1 64  LEU 64  64  64  LEU LEU B . n 
B 1 65  ASP 65  65  65  ASP ASP B . n 
B 1 66  LYS 66  66  66  LYS LYS B . n 
B 1 67  LEU 67  67  67  LEU LEU B . n 
B 1 68  PHE 68  68  68  PHE PHE B . n 
B 1 69  ARG 69  69  69  ARG ARG B . n 
B 1 70  ASP 70  70  70  ASP ASP B . n 
B 1 71  LEU 71  71  71  LEU LEU B . n 
B 1 72  ASP 72  72  72  ASP ASP B . n 
B 1 73  ASN 73  73  73  ASN ASN B . n 
B 1 74  HIS 74  74  74  HIS HIS B . n 
B 1 75  LEU 75  75  75  LEU LEU B . n 
B 1 76  GLN 76  76  76  GLN GLN B . n 
B 1 77  ARG 77  77  77  ARG ARG B . n 
B 1 78  LYS 78  78  78  LYS LYS B . n 
B 1 79  ASP 79  79  79  ASP ASP B . n 
B 1 80  ASP 80  80  80  ASP ASP B . n 
B 1 81  THR 81  81  81  THR THR B . n 
B 1 82  VAL 82  82  82  VAL VAL B . n 
B 1 83  HIS 83  83  83  HIS HIS B . n 
B 1 84  HIS 84  84  84  HIS HIS B . n 
B 1 85  ARG 85  85  85  ARG ARG B . n 
B 1 86  HIS 86  86  86  HIS HIS B . n 
B 1 87  HIS 87  87  87  HIS HIS B . n 
B 1 88  GLN 88  88  88  GLN GLN B . n 
B 1 89  LEU 89  89  89  LEU LEU B . n 
B 1 90  ASN 90  90  90  ASN ASN B . n 
B 1 91  LYS 91  91  91  LYS LYS B . n 
B 1 92  LEU 92  92  92  LEU LEU B . n 
B 1 93  LEU 93  93  93  LEU LEU B . n 
B 1 94  ALA 94  94  94  ALA ALA B . n 
B 1 95  GLN 95  95  95  GLN GLN B . n 
B 1 96  LEU 96  96  96  LEU LEU B . n 
B 1 97  ASP 97  97  97  ASP ASP B . n 
B 1 98  ASN 98  98  98  ASN ASN B . n 
B 1 99  LEU 99  99  99  LEU LEU B . n 
B 1 100 VAL 100 100 100 VAL VAL B . n 
B 1 101 HIS 101 101 101 HIS HIS B . n 
B 1 102 ARG 102 102 102 ARG ARG B . n 
# 
_pdbx_contact_author.id                 2 
_pdbx_contact_author.email              rarai@shinshu-u.ac.jp 
_pdbx_contact_author.name_first         Ryoichi 
_pdbx_contact_author.name_last          Arai 
_pdbx_contact_author.name_mi            ? 
_pdbx_contact_author.role               'principal investigator/group leader' 
_pdbx_contact_author.identifier_ORCID   0000-0001-5606-8483 
# 
loop_
_pdbx_nonpoly_scheme.asym_id 
_pdbx_nonpoly_scheme.entity_id 
_pdbx_nonpoly_scheme.mon_id 
_pdbx_nonpoly_scheme.ndb_seq_num 
_pdbx_nonpoly_scheme.pdb_seq_num 
_pdbx_nonpoly_scheme.auth_seq_num 
_pdbx_nonpoly_scheme.pdb_mon_id 
_pdbx_nonpoly_scheme.auth_mon_id 
_pdbx_nonpoly_scheme.pdb_strand_id 
_pdbx_nonpoly_scheme.pdb_ins_code 
C 2 ACT 1  201 201 ACT ACT A . 
D 3 HOH 1  301 301 HOH HOH A . 
D 3 HOH 2  302 302 HOH HOH A . 
D 3 HOH 3  303 303 HOH HOH A . 
D 3 HOH 4  304 304 HOH HOH A . 
D 3 HOH 5  305 305 HOH HOH A . 
D 3 HOH 6  306 306 HOH HOH A . 
D 3 HOH 7  307 307 HOH HOH A . 
D 3 HOH 8  308 308 HOH HOH A . 
D 3 HOH 9  309 309 HOH HOH A . 
D 3 HOH 10 310 310 HOH HOH A . 
D 3 HOH 11 311 311 HOH HOH A . 
D 3 HOH 12 312 312 HOH HOH A . 
D 3 HOH 13 313 313 HOH HOH A . 
D 3 HOH 14 314 314 HOH HOH A . 
D 3 HOH 15 315 315 HOH HOH A . 
D 3 HOH 16 316 316 HOH HOH A . 
D 3 HOH 17 317 317 HOH HOH A . 
D 3 HOH 18 318 318 HOH HOH A . 
D 3 HOH 19 319 319 HOH HOH A . 
D 3 HOH 20 320 320 HOH HOH A . 
D 3 HOH 21 321 321 HOH HOH A . 
D 3 HOH 22 322 322 HOH HOH A . 
D 3 HOH 23 323 323 HOH HOH A . 
D 3 HOH 24 324 324 HOH HOH A . 
D 3 HOH 25 325 325 HOH HOH A . 
D 3 HOH 26 326 326 HOH HOH A . 
D 3 HOH 27 327 327 HOH HOH A . 
D 3 HOH 28 328 328 HOH HOH A . 
D 3 HOH 29 329 329 HOH HOH A . 
D 3 HOH 30 330 330 HOH HOH A . 
D 3 HOH 31 331 331 HOH HOH A . 
D 3 HOH 32 332 332 HOH HOH A . 
D 3 HOH 33 333 333 HOH HOH A . 
D 3 HOH 34 334 334 HOH HOH A . 
D 3 HOH 35 335 335 HOH HOH A . 
D 3 HOH 36 336 336 HOH HOH A . 
D 3 HOH 37 337 337 HOH HOH A . 
D 3 HOH 38 338 338 HOH HOH A . 
D 3 HOH 39 339 339 HOH HOH A . 
D 3 HOH 40 340 340 HOH HOH A . 
E 3 HOH 1  201 201 HOH HOH B . 
E 3 HOH 2  202 202 HOH HOH B . 
E 3 HOH 3  203 203 HOH HOH B . 
E 3 HOH 4  204 204 HOH HOH B . 
E 3 HOH 5  205 205 HOH HOH B . 
E 3 HOH 6  206 206 HOH HOH B . 
E 3 HOH 7  207 207 HOH HOH B . 
E 3 HOH 8  208 208 HOH HOH B . 
E 3 HOH 9  209 209 HOH HOH B . 
E 3 HOH 10 210 210 HOH HOH B . 
E 3 HOH 11 211 211 HOH HOH B . 
E 3 HOH 12 212 212 HOH HOH B . 
E 3 HOH 13 213 213 HOH HOH B . 
E 3 HOH 14 214 214 HOH HOH B . 
E 3 HOH 15 215 215 HOH HOH B . 
E 3 HOH 16 216 216 HOH HOH B . 
E 3 HOH 17 217 217 HOH HOH B . 
E 3 HOH 18 218 218 HOH HOH B . 
E 3 HOH 19 219 219 HOH HOH B . 
E 3 HOH 20 220 220 HOH HOH B . 
E 3 HOH 21 221 221 HOH HOH B . 
E 3 HOH 22 222 222 HOH HOH B . 
E 3 HOH 23 223 223 HOH HOH B . 
E 3 HOH 24 224 224 HOH HOH B . 
E 3 HOH 25 225 225 HOH HOH B . 
E 3 HOH 26 226 226 HOH HOH B . 
E 3 HOH 27 227 227 HOH HOH B . 
E 3 HOH 28 228 228 HOH HOH B . 
E 3 HOH 29 229 229 HOH HOH B . 
E 3 HOH 30 230 230 HOH HOH B . 
E 3 HOH 31 231 231 HOH HOH B . 
E 3 HOH 32 232 232 HOH HOH B . 
E 3 HOH 33 233 233 HOH HOH B . 
E 3 HOH 34 234 234 HOH HOH B . 
E 3 HOH 35 235 235 HOH HOH B . 
# 
_pdbx_struct_assembly.id                   1 
_pdbx_struct_assembly.details              author_and_software_defined_assembly 
_pdbx_struct_assembly.method_details       PISA 
_pdbx_struct_assembly.oligomeric_details   dimeric 
_pdbx_struct_assembly.oligomeric_count     2 
# 
_pdbx_struct_assembly_gen.assembly_id       1 
_pdbx_struct_assembly_gen.oper_expression   1 
_pdbx_struct_assembly_gen.asym_id_list      A,B,C,D,E 
# 
loop_
_pdbx_struct_assembly_prop.biol_id 
_pdbx_struct_assembly_prop.type 
_pdbx_struct_assembly_prop.value 
_pdbx_struct_assembly_prop.details 
1 'ABSA (A^2)' 3510  ? 
1 MORE         -30   ? 
1 'SSA (A^2)'  11350 ? 
# 
_pdbx_struct_oper_list.id                   1 
_pdbx_struct_oper_list.type                 'identity operation' 
_pdbx_struct_oper_list.name                 1_555 
_pdbx_struct_oper_list.symmetry_operation   x,y,z 
_pdbx_struct_oper_list.matrix[1][1]         1.0000000000 
_pdbx_struct_oper_list.matrix[1][2]         0.0000000000 
_pdbx_struct_oper_list.matrix[1][3]         0.0000000000 
_pdbx_struct_oper_list.vector[1]            0.0000000000 
_pdbx_struct_oper_list.matrix[2][1]         0.0000000000 
_pdbx_struct_oper_list.matrix[2][2]         1.0000000000 
_pdbx_struct_oper_list.matrix[2][3]         0.0000000000 
_pdbx_struct_oper_list.vector[2]            0.0000000000 
_pdbx_struct_oper_list.matrix[3][1]         0.0000000000 
_pdbx_struct_oper_list.matrix[3][2]         0.0000000000 
_pdbx_struct_oper_list.matrix[3][3]         1.0000000000 
_pdbx_struct_oper_list.vector[3]            0.0000000000 
# 
loop_
_pdbx_struct_special_symmetry.id 
_pdbx_struct_special_symmetry.PDB_model_num 
_pdbx_struct_special_symmetry.auth_asym_id 
_pdbx_struct_special_symmetry.auth_comp_id 
_pdbx_struct_special_symmetry.auth_seq_id 
_pdbx_struct_special_symmetry.PDB_ins_code 
_pdbx_struct_special_symmetry.label_asym_id 
_pdbx_struct_special_symmetry.label_comp_id 
_pdbx_struct_special_symmetry.label_seq_id 
1 1 A ACT 201 ? C ACT . 
2 1 A HOH 337 ? D HOH . 
# 
_pdbx_audit_revision_history.ordinal             1 
_pdbx_audit_revision_history.data_content_type   'Structure model' 
_pdbx_audit_revision_history.major_revision      1 
_pdbx_audit_revision_history.minor_revision      0 
_pdbx_audit_revision_history.revision_date       2023-09-20 
# 
_pdbx_audit_revision_details.ordinal             1 
_pdbx_audit_revision_details.revision_ordinal    1 
_pdbx_audit_revision_details.data_content_type   'Structure model' 
_pdbx_audit_revision_details.provider            repository 
_pdbx_audit_revision_details.type                'Initial release' 
_pdbx_audit_revision_details.description         ? 
_pdbx_audit_revision_details.details             ? 
# 
loop_
_software.citation_id 
_software.classification 
_software.compiler_name 
_software.compiler_version 
_software.contact_author 
_software.contact_author_email 
_software.date 
_software.description 
_software.dependencies 
_software.hardware 
_software.language 
_software.location 
_software.mods 
_software.name 
_software.os 
_software.os_version 
_software.type 
_software.version 
_software.pdbx_ordinal 
? refinement        ? ? ? ? ? ? ? ? ? ? ? REFMAC      ? ? ? 5.8  1 
? 'data scaling'    ? ? ? ? ? ? ? ? ? ? ? HKL-2000    ? ? ? .    2 
? 'data extraction' ? ? ? ? ? ? ? ? ? ? ? PDB_EXTRACT ? ? ? 3.27 3 
? 'data reduction'  ? ? ? ? ? ? ? ? ? ? ? HKL-2000    ? ? ? .    4 
? phasing           ? ? ? ? ? ? ? ? ? ? ? REFMAC      ? ? ? .    5 
# 
_pdbx_entry_details.entry_id                 8H7E 
_pdbx_entry_details.nonpolymer_details       ? 
_pdbx_entry_details.sequence_details         ? 
_pdbx_entry_details.compound_details         ? 
_pdbx_entry_details.source_details           ? 
_pdbx_entry_details.has_ligand_of_interest   N 
# 
loop_
_pdbx_unobs_or_zero_occ_residues.id 
_pdbx_unobs_or_zero_occ_residues.PDB_model_num 
_pdbx_unobs_or_zero_occ_residues.polymer_flag 
_pdbx_unobs_or_zero_occ_residues.occupancy_flag 
_pdbx_unobs_or_zero_occ_residues.auth_asym_id 
_pdbx_unobs_or_zero_occ_residues.auth_comp_id 
_pdbx_unobs_or_zero_occ_residues.auth_seq_id 
_pdbx_unobs_or_zero_occ_residues.PDB_ins_code 
_pdbx_unobs_or_zero_occ_residues.label_asym_id 
_pdbx_unobs_or_zero_occ_residues.label_comp_id 
_pdbx_unobs_or_zero_occ_residues.label_seq_id 
1  1 Y 1 A MET 1   ? A MET 1   
2  1 Y 1 A TYR 2   ? A TYR 2   
3  1 Y 1 A GLN 49  ? A GLN 49  
4  1 Y 1 A GLY 50  ? A GLY 50  
5  1 Y 1 A HIS 51  ? A HIS 51  
6  1 Y 1 A LYS 52  ? A LYS 52  
7  1 Y 1 A ASN 53  ? A ASN 53  
8  1 Y 1 A GLU 54  ? A GLU 54  
9  1 Y 1 A GLY 55  ? A GLY 55  
10 1 Y 1 A LYS 56  ? A LYS 56  
11 1 Y 1 A ARG 102 ? A ARG 102 
12 1 Y 1 B MET 1   ? B MET 1   
13 1 Y 1 B TYR 2   ? B TYR 2   
14 1 Y 1 B PHE 47  ? B PHE 47  
15 1 Y 1 B MET 48  ? B MET 48  
16 1 Y 1 B GLN 49  ? B GLN 49  
17 1 Y 1 B GLY 50  ? B GLY 50  
18 1 Y 1 B HIS 51  ? B HIS 51  
19 1 Y 1 B LYS 52  ? B LYS 52  
20 1 Y 1 B ASN 53  ? B ASN 53  
21 1 Y 1 B GLU 54  ? B GLU 54  
22 1 Y 1 B GLY 55  ? B GLY 55  
23 1 Y 1 B LYS 56  ? B LYS 56  
# 
loop_
_chem_comp_atom.comp_id 
_chem_comp_atom.atom_id 
_chem_comp_atom.type_symbol 
_chem_comp_atom.pdbx_aromatic_flag 
_chem_comp_atom.pdbx_stereo_config 
_chem_comp_atom.pdbx_ordinal 
ACT C    C N N 1   
ACT O    O N N 2   
ACT OXT  O N N 3   
ACT CH3  C N N 4   
ACT H1   H N N 5   
ACT H2   H N N 6   
ACT H3   H N N 7   
ALA N    N N N 8   
ALA CA   C N S 9   
ALA C    C N N 10  
ALA O    O N N 11  
ALA CB   C N N 12  
ALA OXT  O N N 13  
ALA H    H N N 14  
ALA H2   H N N 15  
ALA HA   H N N 16  
ALA HB1  H N N 17  
ALA HB2  H N N 18  
ALA HB3  H N N 19  
ALA HXT  H N N 20  
ARG N    N N N 21  
ARG CA   C N S 22  
ARG C    C N N 23  
ARG O    O N N 24  
ARG CB   C N N 25  
ARG CG   C N N 26  
ARG CD   C N N 27  
ARG NE   N N N 28  
ARG CZ   C N N 29  
ARG NH1  N N N 30  
ARG NH2  N N N 31  
ARG OXT  O N N 32  
ARG H    H N N 33  
ARG H2   H N N 34  
ARG HA   H N N 35  
ARG HB2  H N N 36  
ARG HB3  H N N 37  
ARG HG2  H N N 38  
ARG HG3  H N N 39  
ARG HD2  H N N 40  
ARG HD3  H N N 41  
ARG HE   H N N 42  
ARG HH11 H N N 43  
ARG HH12 H N N 44  
ARG HH21 H N N 45  
ARG HH22 H N N 46  
ARG HXT  H N N 47  
ASN N    N N N 48  
ASN CA   C N S 49  
ASN C    C N N 50  
ASN O    O N N 51  
ASN CB   C N N 52  
ASN CG   C N N 53  
ASN OD1  O N N 54  
ASN ND2  N N N 55  
ASN OXT  O N N 56  
ASN H    H N N 57  
ASN H2   H N N 58  
ASN HA   H N N 59  
ASN HB2  H N N 60  
ASN HB3  H N N 61  
ASN HD21 H N N 62  
ASN HD22 H N N 63  
ASN HXT  H N N 64  
ASP N    N N N 65  
ASP CA   C N S 66  
ASP C    C N N 67  
ASP O    O N N 68  
ASP CB   C N N 69  
ASP CG   C N N 70  
ASP OD1  O N N 71  
ASP OD2  O N N 72  
ASP OXT  O N N 73  
ASP H    H N N 74  
ASP H2   H N N 75  
ASP HA   H N N 76  
ASP HB2  H N N 77  
ASP HB3  H N N 78  
ASP HD2  H N N 79  
ASP HXT  H N N 80  
GLN N    N N N 81  
GLN CA   C N S 82  
GLN C    C N N 83  
GLN O    O N N 84  
GLN CB   C N N 85  
GLN CG   C N N 86  
GLN CD   C N N 87  
GLN OE1  O N N 88  
GLN NE2  N N N 89  
GLN OXT  O N N 90  
GLN H    H N N 91  
GLN H2   H N N 92  
GLN HA   H N N 93  
GLN HB2  H N N 94  
GLN HB3  H N N 95  
GLN HG2  H N N 96  
GLN HG3  H N N 97  
GLN HE21 H N N 98  
GLN HE22 H N N 99  
GLN HXT  H N N 100 
GLU N    N N N 101 
GLU CA   C N S 102 
GLU C    C N N 103 
GLU O    O N N 104 
GLU CB   C N N 105 
GLU CG   C N N 106 
GLU CD   C N N 107 
GLU OE1  O N N 108 
GLU OE2  O N N 109 
GLU OXT  O N N 110 
GLU H    H N N 111 
GLU H2   H N N 112 
GLU HA   H N N 113 
GLU HB2  H N N 114 
GLU HB3  H N N 115 
GLU HG2  H N N 116 
GLU HG3  H N N 117 
GLU HE2  H N N 118 
GLU HXT  H N N 119 
GLY N    N N N 120 
GLY CA   C N N 121 
GLY C    C N N 122 
GLY O    O N N 123 
GLY OXT  O N N 124 
GLY H    H N N 125 
GLY H2   H N N 126 
GLY HA2  H N N 127 
GLY HA3  H N N 128 
GLY HXT  H N N 129 
HIS N    N N N 130 
HIS CA   C N S 131 
HIS C    C N N 132 
HIS O    O N N 133 
HIS CB   C N N 134 
HIS CG   C Y N 135 
HIS ND1  N Y N 136 
HIS CD2  C Y N 137 
HIS CE1  C Y N 138 
HIS NE2  N Y N 139 
HIS OXT  O N N 140 
HIS H    H N N 141 
HIS H2   H N N 142 
HIS HA   H N N 143 
HIS HB2  H N N 144 
HIS HB3  H N N 145 
HIS HD1  H N N 146 
HIS HD2  H N N 147 
HIS HE1  H N N 148 
HIS HE2  H N N 149 
HIS HXT  H N N 150 
HOH O    O N N 151 
HOH H1   H N N 152 
HOH H2   H N N 153 
ILE N    N N N 154 
ILE CA   C N S 155 
ILE C    C N N 156 
ILE O    O N N 157 
ILE CB   C N S 158 
ILE CG1  C N N 159 
ILE CG2  C N N 160 
ILE CD1  C N N 161 
ILE OXT  O N N 162 
ILE H    H N N 163 
ILE H2   H N N 164 
ILE HA   H N N 165 
ILE HB   H N N 166 
ILE HG12 H N N 167 
ILE HG13 H N N 168 
ILE HG21 H N N 169 
ILE HG22 H N N 170 
ILE HG23 H N N 171 
ILE HD11 H N N 172 
ILE HD12 H N N 173 
ILE HD13 H N N 174 
ILE HXT  H N N 175 
LEU N    N N N 176 
LEU CA   C N S 177 
LEU C    C N N 178 
LEU O    O N N 179 
LEU CB   C N N 180 
LEU CG   C N N 181 
LEU CD1  C N N 182 
LEU CD2  C N N 183 
LEU OXT  O N N 184 
LEU H    H N N 185 
LEU H2   H N N 186 
LEU HA   H N N 187 
LEU HB2  H N N 188 
LEU HB3  H N N 189 
LEU HG   H N N 190 
LEU HD11 H N N 191 
LEU HD12 H N N 192 
LEU HD13 H N N 193 
LEU HD21 H N N 194 
LEU HD22 H N N 195 
LEU HD23 H N N 196 
LEU HXT  H N N 197 
LYS N    N N N 198 
LYS CA   C N S 199 
LYS C    C N N 200 
LYS O    O N N 201 
LYS CB   C N N 202 
LYS CG   C N N 203 
LYS CD   C N N 204 
LYS CE   C N N 205 
LYS NZ   N N N 206 
LYS OXT  O N N 207 
LYS H    H N N 208 
LYS H2   H N N 209 
LYS HA   H N N 210 
LYS HB2  H N N 211 
LYS HB3  H N N 212 
LYS HG2  H N N 213 
LYS HG3  H N N 214 
LYS HD2  H N N 215 
LYS HD3  H N N 216 
LYS HE2  H N N 217 
LYS HE3  H N N 218 
LYS HZ1  H N N 219 
LYS HZ2  H N N 220 
LYS HZ3  H N N 221 
LYS HXT  H N N 222 
MET N    N N N 223 
MET CA   C N S 224 
MET C    C N N 225 
MET O    O N N 226 
MET CB   C N N 227 
MET CG   C N N 228 
MET SD   S N N 229 
MET CE   C N N 230 
MET OXT  O N N 231 
MET H    H N N 232 
MET H2   H N N 233 
MET HA   H N N 234 
MET HB2  H N N 235 
MET HB3  H N N 236 
MET HG2  H N N 237 
MET HG3  H N N 238 
MET HE1  H N N 239 
MET HE2  H N N 240 
MET HE3  H N N 241 
MET HXT  H N N 242 
PHE N    N N N 243 
PHE CA   C N S 244 
PHE C    C N N 245 
PHE O    O N N 246 
PHE CB   C N N 247 
PHE CG   C Y N 248 
PHE CD1  C Y N 249 
PHE CD2  C Y N 250 
PHE CE1  C Y N 251 
PHE CE2  C Y N 252 
PHE CZ   C Y N 253 
PHE OXT  O N N 254 
PHE H    H N N 255 
PHE H2   H N N 256 
PHE HA   H N N 257 
PHE HB2  H N N 258 
PHE HB3  H N N 259 
PHE HD1  H N N 260 
PHE HD2  H N N 261 
PHE HE1  H N N 262 
PHE HE2  H N N 263 
PHE HZ   H N N 264 
PHE HXT  H N N 265 
THR N    N N N 266 
THR CA   C N S 267 
THR C    C N N 268 
THR O    O N N 269 
THR CB   C N R 270 
THR OG1  O N N 271 
THR CG2  C N N 272 
THR OXT  O N N 273 
THR H    H N N 274 
THR H2   H N N 275 
THR HA   H N N 276 
THR HB   H N N 277 
THR HG1  H N N 278 
THR HG21 H N N 279 
THR HG22 H N N 280 
THR HG23 H N N 281 
THR HXT  H N N 282 
TRP N    N N N 283 
TRP CA   C N S 284 
TRP C    C N N 285 
TRP O    O N N 286 
TRP CB   C N N 287 
TRP CG   C Y N 288 
TRP CD1  C Y N 289 
TRP CD2  C Y N 290 
TRP NE1  N Y N 291 
TRP CE2  C Y N 292 
TRP CE3  C Y N 293 
TRP CZ2  C Y N 294 
TRP CZ3  C Y N 295 
TRP CH2  C Y N 296 
TRP OXT  O N N 297 
TRP H    H N N 298 
TRP H2   H N N 299 
TRP HA   H N N 300 
TRP HB2  H N N 301 
TRP HB3  H N N 302 
TRP HD1  H N N 303 
TRP HE1  H N N 304 
TRP HE3  H N N 305 
TRP HZ2  H N N 306 
TRP HZ3  H N N 307 
TRP HH2  H N N 308 
TRP HXT  H N N 309 
TYR N    N N N 310 
TYR CA   C N S 311 
TYR C    C N N 312 
TYR O    O N N 313 
TYR CB   C N N 314 
TYR CG   C Y N 315 
TYR CD1  C Y N 316 
TYR CD2  C Y N 317 
TYR CE1  C Y N 318 
TYR CE2  C Y N 319 
TYR CZ   C Y N 320 
TYR OH   O N N 321 
TYR OXT  O N N 322 
TYR H    H N N 323 
TYR H2   H N N 324 
TYR HA   H N N 325 
TYR HB2  H N N 326 
TYR HB3  H N N 327 
TYR HD1  H N N 328 
TYR HD2  H N N 329 
TYR HE1  H N N 330 
TYR HE2  H N N 331 
TYR HH   H N N 332 
TYR HXT  H N N 333 
VAL N    N N N 334 
VAL CA   C N S 335 
VAL C    C N N 336 
VAL O    O N N 337 
VAL CB   C N N 338 
VAL CG1  C N N 339 
VAL CG2  C N N 340 
VAL OXT  O N N 341 
VAL H    H N N 342 
VAL H2   H N N 343 
VAL HA   H N N 344 
VAL HB   H N N 345 
VAL HG11 H N N 346 
VAL HG12 H N N 347 
VAL HG13 H N N 348 
VAL HG21 H N N 349 
VAL HG22 H N N 350 
VAL HG23 H N N 351 
VAL HXT  H N N 352 
# 
loop_
_chem_comp_bond.comp_id 
_chem_comp_bond.atom_id_1 
_chem_comp_bond.atom_id_2 
_chem_comp_bond.value_order 
_chem_comp_bond.pdbx_aromatic_flag 
_chem_comp_bond.pdbx_stereo_config 
_chem_comp_bond.pdbx_ordinal 
ACT C   O    doub N N 1   
ACT C   OXT  sing N N 2   
ACT C   CH3  sing N N 3   
ACT CH3 H1   sing N N 4   
ACT CH3 H2   sing N N 5   
ACT CH3 H3   sing N N 6   
ALA N   CA   sing N N 7   
ALA N   H    sing N N 8   
ALA N   H2   sing N N 9   
ALA CA  C    sing N N 10  
ALA CA  CB   sing N N 11  
ALA CA  HA   sing N N 12  
ALA C   O    doub N N 13  
ALA C   OXT  sing N N 14  
ALA CB  HB1  sing N N 15  
ALA CB  HB2  sing N N 16  
ALA CB  HB3  sing N N 17  
ALA OXT HXT  sing N N 18  
ARG N   CA   sing N N 19  
ARG N   H    sing N N 20  
ARG N   H2   sing N N 21  
ARG CA  C    sing N N 22  
ARG CA  CB   sing N N 23  
ARG CA  HA   sing N N 24  
ARG C   O    doub N N 25  
ARG C   OXT  sing N N 26  
ARG CB  CG   sing N N 27  
ARG CB  HB2  sing N N 28  
ARG CB  HB3  sing N N 29  
ARG CG  CD   sing N N 30  
ARG CG  HG2  sing N N 31  
ARG CG  HG3  sing N N 32  
ARG CD  NE   sing N N 33  
ARG CD  HD2  sing N N 34  
ARG CD  HD3  sing N N 35  
ARG NE  CZ   sing N N 36  
ARG NE  HE   sing N N 37  
ARG CZ  NH1  sing N N 38  
ARG CZ  NH2  doub N N 39  
ARG NH1 HH11 sing N N 40  
ARG NH1 HH12 sing N N 41  
ARG NH2 HH21 sing N N 42  
ARG NH2 HH22 sing N N 43  
ARG OXT HXT  sing N N 44  
ASN N   CA   sing N N 45  
ASN N   H    sing N N 46  
ASN N   H2   sing N N 47  
ASN CA  C    sing N N 48  
ASN CA  CB   sing N N 49  
ASN CA  HA   sing N N 50  
ASN C   O    doub N N 51  
ASN C   OXT  sing N N 52  
ASN CB  CG   sing N N 53  
ASN CB  HB2  sing N N 54  
ASN CB  HB3  sing N N 55  
ASN CG  OD1  doub N N 56  
ASN CG  ND2  sing N N 57  
ASN ND2 HD21 sing N N 58  
ASN ND2 HD22 sing N N 59  
ASN OXT HXT  sing N N 60  
ASP N   CA   sing N N 61  
ASP N   H    sing N N 62  
ASP N   H2   sing N N 63  
ASP CA  C    sing N N 64  
ASP CA  CB   sing N N 65  
ASP CA  HA   sing N N 66  
ASP C   O    doub N N 67  
ASP C   OXT  sing N N 68  
ASP CB  CG   sing N N 69  
ASP CB  HB2  sing N N 70  
ASP CB  HB3  sing N N 71  
ASP CG  OD1  doub N N 72  
ASP CG  OD2  sing N N 73  
ASP OD2 HD2  sing N N 74  
ASP OXT HXT  sing N N 75  
GLN N   CA   sing N N 76  
GLN N   H    sing N N 77  
GLN N   H2   sing N N 78  
GLN CA  C    sing N N 79  
GLN CA  CB   sing N N 80  
GLN CA  HA   sing N N 81  
GLN C   O    doub N N 82  
GLN C   OXT  sing N N 83  
GLN CB  CG   sing N N 84  
GLN CB  HB2  sing N N 85  
GLN CB  HB3  sing N N 86  
GLN CG  CD   sing N N 87  
GLN CG  HG2  sing N N 88  
GLN CG  HG3  sing N N 89  
GLN CD  OE1  doub N N 90  
GLN CD  NE2  sing N N 91  
GLN NE2 HE21 sing N N 92  
GLN NE2 HE22 sing N N 93  
GLN OXT HXT  sing N N 94  
GLU N   CA   sing N N 95  
GLU N   H    sing N N 96  
GLU N   H2   sing N N 97  
GLU CA  C    sing N N 98  
GLU CA  CB   sing N N 99  
GLU CA  HA   sing N N 100 
GLU C   O    doub N N 101 
GLU C   OXT  sing N N 102 
GLU CB  CG   sing N N 103 
GLU CB  HB2  sing N N 104 
GLU CB  HB3  sing N N 105 
GLU CG  CD   sing N N 106 
GLU CG  HG2  sing N N 107 
GLU CG  HG3  sing N N 108 
GLU CD  OE1  doub N N 109 
GLU CD  OE2  sing N N 110 
GLU OE2 HE2  sing N N 111 
GLU OXT HXT  sing N N 112 
GLY N   CA   sing N N 113 
GLY N   H    sing N N 114 
GLY N   H2   sing N N 115 
GLY CA  C    sing N N 116 
GLY CA  HA2  sing N N 117 
GLY CA  HA3  sing N N 118 
GLY C   O    doub N N 119 
GLY C   OXT  sing N N 120 
GLY OXT HXT  sing N N 121 
HIS N   CA   sing N N 122 
HIS N   H    sing N N 123 
HIS N   H2   sing N N 124 
HIS CA  C    sing N N 125 
HIS CA  CB   sing N N 126 
HIS CA  HA   sing N N 127 
HIS C   O    doub N N 128 
HIS C   OXT  sing N N 129 
HIS CB  CG   sing N N 130 
HIS CB  HB2  sing N N 131 
HIS CB  HB3  sing N N 132 
HIS CG  ND1  sing Y N 133 
HIS CG  CD2  doub Y N 134 
HIS ND1 CE1  doub Y N 135 
HIS ND1 HD1  sing N N 136 
HIS CD2 NE2  sing Y N 137 
HIS CD2 HD2  sing N N 138 
HIS CE1 NE2  sing Y N 139 
HIS CE1 HE1  sing N N 140 
HIS NE2 HE2  sing N N 141 
HIS OXT HXT  sing N N 142 
HOH O   H1   sing N N 143 
HOH O   H2   sing N N 144 
ILE N   CA   sing N N 145 
ILE N   H    sing N N 146 
ILE N   H2   sing N N 147 
ILE CA  C    sing N N 148 
ILE CA  CB   sing N N 149 
ILE CA  HA   sing N N 150 
ILE C   O    doub N N 151 
ILE C   OXT  sing N N 152 
ILE CB  CG1  sing N N 153 
ILE CB  CG2  sing N N 154 
ILE CB  HB   sing N N 155 
ILE CG1 CD1  sing N N 156 
ILE CG1 HG12 sing N N 157 
ILE CG1 HG13 sing N N 158 
ILE CG2 HG21 sing N N 159 
ILE CG2 HG22 sing N N 160 
ILE CG2 HG23 sing N N 161 
ILE CD1 HD11 sing N N 162 
ILE CD1 HD12 sing N N 163 
ILE CD1 HD13 sing N N 164 
ILE OXT HXT  sing N N 165 
LEU N   CA   sing N N 166 
LEU N   H    sing N N 167 
LEU N   H2   sing N N 168 
LEU CA  C    sing N N 169 
LEU CA  CB   sing N N 170 
LEU CA  HA   sing N N 171 
LEU C   O    doub N N 172 
LEU C   OXT  sing N N 173 
LEU CB  CG   sing N N 174 
LEU CB  HB2  sing N N 175 
LEU CB  HB3  sing N N 176 
LEU CG  CD1  sing N N 177 
LEU CG  CD2  sing N N 178 
LEU CG  HG   sing N N 179 
LEU CD1 HD11 sing N N 180 
LEU CD1 HD12 sing N N 181 
LEU CD1 HD13 sing N N 182 
LEU CD2 HD21 sing N N 183 
LEU CD2 HD22 sing N N 184 
LEU CD2 HD23 sing N N 185 
LEU OXT HXT  sing N N 186 
LYS N   CA   sing N N 187 
LYS N   H    sing N N 188 
LYS N   H2   sing N N 189 
LYS CA  C    sing N N 190 
LYS CA  CB   sing N N 191 
LYS CA  HA   sing N N 192 
LYS C   O    doub N N 193 
LYS C   OXT  sing N N 194 
LYS CB  CG   sing N N 195 
LYS CB  HB2  sing N N 196 
LYS CB  HB3  sing N N 197 
LYS CG  CD   sing N N 198 
LYS CG  HG2  sing N N 199 
LYS CG  HG3  sing N N 200 
LYS CD  CE   sing N N 201 
LYS CD  HD2  sing N N 202 
LYS CD  HD3  sing N N 203 
LYS CE  NZ   sing N N 204 
LYS CE  HE2  sing N N 205 
LYS CE  HE3  sing N N 206 
LYS NZ  HZ1  sing N N 207 
LYS NZ  HZ2  sing N N 208 
LYS NZ  HZ3  sing N N 209 
LYS OXT HXT  sing N N 210 
MET N   CA   sing N N 211 
MET N   H    sing N N 212 
MET N   H2   sing N N 213 
MET CA  C    sing N N 214 
MET CA  CB   sing N N 215 
MET CA  HA   sing N N 216 
MET C   O    doub N N 217 
MET C   OXT  sing N N 218 
MET CB  CG   sing N N 219 
MET CB  HB2  sing N N 220 
MET CB  HB3  sing N N 221 
MET CG  SD   sing N N 222 
MET CG  HG2  sing N N 223 
MET CG  HG3  sing N N 224 
MET SD  CE   sing N N 225 
MET CE  HE1  sing N N 226 
MET CE  HE2  sing N N 227 
MET CE  HE3  sing N N 228 
MET OXT HXT  sing N N 229 
PHE N   CA   sing N N 230 
PHE N   H    sing N N 231 
PHE N   H2   sing N N 232 
PHE CA  C    sing N N 233 
PHE CA  CB   sing N N 234 
PHE CA  HA   sing N N 235 
PHE C   O    doub N N 236 
PHE C   OXT  sing N N 237 
PHE CB  CG   sing N N 238 
PHE CB  HB2  sing N N 239 
PHE CB  HB3  sing N N 240 
PHE CG  CD1  doub Y N 241 
PHE CG  CD2  sing Y N 242 
PHE CD1 CE1  sing Y N 243 
PHE CD1 HD1  sing N N 244 
PHE CD2 CE2  doub Y N 245 
PHE CD2 HD2  sing N N 246 
PHE CE1 CZ   doub Y N 247 
PHE CE1 HE1  sing N N 248 
PHE CE2 CZ   sing Y N 249 
PHE CE2 HE2  sing N N 250 
PHE CZ  HZ   sing N N 251 
PHE OXT HXT  sing N N 252 
THR N   CA   sing N N 253 
THR N   H    sing N N 254 
THR N   H2   sing N N 255 
THR CA  C    sing N N 256 
THR CA  CB   sing N N 257 
THR CA  HA   sing N N 258 
THR C   O    doub N N 259 
THR C   OXT  sing N N 260 
THR CB  OG1  sing N N 261 
THR CB  CG2  sing N N 262 
THR CB  HB   sing N N 263 
THR OG1 HG1  sing N N 264 
THR CG2 HG21 sing N N 265 
THR CG2 HG22 sing N N 266 
THR CG2 HG23 sing N N 267 
THR OXT HXT  sing N N 268 
TRP N   CA   sing N N 269 
TRP N   H    sing N N 270 
TRP N   H2   sing N N 271 
TRP CA  C    sing N N 272 
TRP CA  CB   sing N N 273 
TRP CA  HA   sing N N 274 
TRP C   O    doub N N 275 
TRP C   OXT  sing N N 276 
TRP CB  CG   sing N N 277 
TRP CB  HB2  sing N N 278 
TRP CB  HB3  sing N N 279 
TRP CG  CD1  doub Y N 280 
TRP CG  CD2  sing Y N 281 
TRP CD1 NE1  sing Y N 282 
TRP CD1 HD1  sing N N 283 
TRP CD2 CE2  doub Y N 284 
TRP CD2 CE3  sing Y N 285 
TRP NE1 CE2  sing Y N 286 
TRP NE1 HE1  sing N N 287 
TRP CE2 CZ2  sing Y N 288 
TRP CE3 CZ3  doub Y N 289 
TRP CE3 HE3  sing N N 290 
TRP CZ2 CH2  doub Y N 291 
TRP CZ2 HZ2  sing N N 292 
TRP CZ3 CH2  sing Y N 293 
TRP CZ3 HZ3  sing N N 294 
TRP CH2 HH2  sing N N 295 
TRP OXT HXT  sing N N 296 
TYR N   CA   sing N N 297 
TYR N   H    sing N N 298 
TYR N   H2   sing N N 299 
TYR CA  C    sing N N 300 
TYR CA  CB   sing N N 301 
TYR CA  HA   sing N N 302 
TYR C   O    doub N N 303 
TYR C   OXT  sing N N 304 
TYR CB  CG   sing N N 305 
TYR CB  HB2  sing N N 306 
TYR CB  HB3  sing N N 307 
TYR CG  CD1  doub Y N 308 
TYR CG  CD2  sing Y N 309 
TYR CD1 CE1  sing Y N 310 
TYR CD1 HD1  sing N N 311 
TYR CD2 CE2  doub Y N 312 
TYR CD2 HD2  sing N N 313 
TYR CE1 CZ   doub Y N 314 
TYR CE1 HE1  sing N N 315 
TYR CE2 CZ   sing Y N 316 
TYR CE2 HE2  sing N N 317 
TYR CZ  OH   sing N N 318 
TYR OH  HH   sing N N 319 
TYR OXT HXT  sing N N 320 
VAL N   CA   sing N N 321 
VAL N   H    sing N N 322 
VAL N   H2   sing N N 323 
VAL CA  C    sing N N 324 
VAL CA  CB   sing N N 325 
VAL CA  HA   sing N N 326 
VAL C   O    doub N N 327 
VAL C   OXT  sing N N 328 
VAL CB  CG1  sing N N 329 
VAL CB  CG2  sing N N 330 
VAL CB  HB   sing N N 331 
VAL CG1 HG11 sing N N 332 
VAL CG1 HG12 sing N N 333 
VAL CG1 HG13 sing N N 334 
VAL CG2 HG21 sing N N 335 
VAL CG2 HG22 sing N N 336 
VAL CG2 HG23 sing N N 337 
VAL OXT HXT  sing N N 338 
# 
loop_
_pdbx_audit_support.funding_organization 
_pdbx_audit_support.country 
_pdbx_audit_support.grant_number 
_pdbx_audit_support.ordinal 
'Japan Society for the Promotion of Science (JSPS)' Japan           'JP19H02522, JP17KK0104, JP16K05841, JP16H00761, JP24780097' 1 
'Japan Society for the Promotion of Science (JSPS)' Japan           'Invitational Fellowship S18035'                             2 
'National Science Foundation (NSF, United States)'  'United States' MCB-1947720                                                  3 
# 
loop_
_pdbx_entity_nonpoly.entity_id 
_pdbx_entity_nonpoly.name 
_pdbx_entity_nonpoly.comp_id 
2 'ACETATE ION' ACT 
3 water         HOH 
# 
_pdbx_initial_refinement_model.id               1 
_pdbx_initial_refinement_model.entity_id_list   ? 
_pdbx_initial_refinement_model.type             'experimental model' 
_pdbx_initial_refinement_model.source_name      PDB 
_pdbx_initial_refinement_model.accession_code   8H7C 
_pdbx_initial_refinement_model.details          ? 
# 
loop_
_pdbx_struct_assembly_auth_evidence.id 
_pdbx_struct_assembly_auth_evidence.assembly_id 
_pdbx_struct_assembly_auth_evidence.experimental_support 
_pdbx_struct_assembly_auth_evidence.details 
1 1 SAXS               Dimer 
2 1 'light scattering' Dimer 
# 
